data_5LGP
#
_entry.id   5LGP
#
_cell.length_a   74.794
_cell.length_b   98.714
_cell.length_c   207.253
_cell.angle_alpha   90.00
_cell.angle_beta   90.00
_cell.angle_gamma   90.00
#
_symmetry.space_group_name_H-M   'P 21 21 2'
#
loop_
_entity.id
_entity.type
_entity.pdbx_description
1 polymer 'Histone-arginine methyltransferase CARM1'
2 polymer 'Polyadenylate-binding protein'
3 non-polymer 1,2-ETHANEDIOL
4 non-polymer (2~{R},3~{R},4~{S},5~{R})-2-(6-aminopurin-9-yl)-5-propyl-oxolane-3,4-diol
5 water water
#
loop_
_entity_poly.entity_id
_entity_poly.type
_entity_poly.pdbx_seq_one_letter_code
_entity_poly.pdbx_strand_id
1 'polypeptide(L)'
;GHMGHTLERSVFSERTEESSAVQYFQFYGYLSQQQNMMQDYVRTGTYQRAILQNHTDFKDKIVLDVGCGSGILSFFAAQA
GARKIYAVEASTMAQHAEVLVKSNNLTDRIVVIPGKVEEVSLPEQVDIIISEPMGYMLFNERMLESYLHAKKYLKPSGNM
FPTIGDVHLAPFTDEQLYMEQFTKANFWYQPSFHGVDLSALRGAAVDEYFRQPVVDTFDIRILMAKSVKYTVNFLEAKEG
DLHRIEIPFKFHMLHSGLVHGLAFWFDVAFIGSIMTVWLSTAPTEPLTHWYQVRCLFQSPLFAKAGDTLSGTCLLIANKR
QSYDISIVAQVDQTGSKSSNLLDLKNPFFRYTGTTPSPPPG
;
A,B,C,D
2 'polypeptide(L)' (ACE)FQNMPGAIRPAAP(NH2) E,F,G,H
#
loop_
_chem_comp.id
_chem_comp.type
_chem_comp.name
_chem_comp.formula
8ZB non-polymer (2~{R},3~{R},4~{S},5~{R})-2-(6-aminopurin-9-yl)-5-propyl-oxolane-3,4-diol 'C12 H17 N5 O3'
ACE non-polymer 'ACETYL GROUP' 'C2 H4 O'
EDO non-polymer 1,2-ETHANEDIOL 'C2 H6 O2'
NH2 non-polymer 'AMINO GROUP' 'H2 N'
#
# COMPACT_ATOMS: atom_id res chain seq x y z
N SER A 10 13.68 29.94 -32.74
CA SER A 10 14.65 28.85 -32.65
C SER A 10 14.36 27.75 -33.66
N VAL A 11 15.32 26.83 -33.82
CA VAL A 11 15.13 25.71 -34.73
C VAL A 11 13.93 24.89 -34.32
N PHE A 12 13.70 24.72 -33.01
CA PHE A 12 12.58 23.92 -32.57
C PHE A 12 11.26 24.59 -32.90
N SER A 13 11.12 25.86 -32.56
CA SER A 13 9.85 26.55 -32.79
C SER A 13 9.53 26.67 -34.27
N GLU A 14 10.55 26.83 -35.13
CA GLU A 14 10.28 26.99 -36.57
C GLU A 14 9.80 25.70 -37.21
N ARG A 15 9.97 24.56 -36.57
CA ARG A 15 9.55 23.28 -37.13
C ARG A 15 8.40 22.64 -36.37
N THR A 16 7.85 23.30 -35.36
CA THR A 16 6.86 22.69 -34.47
C THR A 16 5.69 23.65 -34.29
N GLU A 17 4.49 23.17 -34.57
CA GLU A 17 3.29 23.93 -34.24
C GLU A 17 3.17 24.04 -32.72
N GLU A 18 2.88 25.25 -32.23
CA GLU A 18 2.86 25.46 -30.79
C GLU A 18 1.87 24.52 -30.10
N SER A 19 0.73 24.23 -30.73
CA SER A 19 -0.25 23.36 -30.09
C SER A 19 0.28 21.93 -29.96
N SER A 20 1.03 21.46 -30.95
CA SER A 20 1.65 20.14 -30.81
C SER A 20 2.63 20.12 -29.65
N ALA A 21 3.43 21.19 -29.51
CA ALA A 21 4.47 21.23 -28.49
C ALA A 21 3.88 21.26 -27.08
N VAL A 22 2.80 22.01 -26.90
CA VAL A 22 2.19 22.12 -25.57
C VAL A 22 1.74 20.75 -25.08
N GLN A 23 0.95 20.04 -25.88
CA GLN A 23 0.50 18.71 -25.51
C GLN A 23 1.69 17.77 -25.34
N TYR A 24 2.69 17.89 -26.21
CA TYR A 24 3.83 16.99 -26.17
C TYR A 24 4.56 17.08 -24.83
N PHE A 25 4.88 18.30 -24.39
CA PHE A 25 5.64 18.44 -23.14
C PHE A 25 4.77 18.30 -21.91
N GLN A 26 3.46 18.52 -22.01
CA GLN A 26 2.59 18.21 -20.90
C GLN A 26 2.58 16.70 -20.64
N PHE A 27 2.58 15.89 -21.70
CA PHE A 27 2.66 14.45 -21.53
C PHE A 27 3.95 14.07 -20.79
N TYR A 28 5.06 14.71 -21.14
CA TYR A 28 6.32 14.38 -20.49
C TYR A 28 6.49 15.06 -19.13
N GLY A 29 5.56 15.93 -18.74
CA GLY A 29 5.59 16.48 -17.39
C GLY A 29 5.06 15.55 -16.32
N TYR A 30 4.47 14.43 -16.71
CA TYR A 30 3.88 13.50 -15.76
C TYR A 30 4.93 12.52 -15.23
N LEU A 31 5.01 12.40 -13.90
CA LEU A 31 5.85 11.38 -13.31
C LEU A 31 5.39 9.98 -13.72
N SER A 32 4.08 9.80 -13.91
CA SER A 32 3.55 8.52 -14.36
C SER A 32 4.13 8.12 -15.71
N GLN A 33 4.47 9.09 -16.56
CA GLN A 33 5.04 8.76 -17.86
C GLN A 33 6.54 8.53 -17.79
N GLN A 34 7.25 9.23 -16.90
CA GLN A 34 8.61 8.82 -16.57
C GLN A 34 8.62 7.39 -16.07
N GLN A 35 7.73 7.09 -15.13
CA GLN A 35 7.67 5.75 -14.56
C GLN A 35 7.35 4.70 -15.62
N ASN A 36 6.50 5.04 -16.59
CA ASN A 36 6.16 4.10 -17.65
C ASN A 36 7.42 3.65 -18.39
N MET A 37 8.29 4.60 -18.75
CA MET A 37 9.50 4.26 -19.47
C MET A 37 10.50 3.58 -18.54
N MET A 38 10.62 4.06 -17.30
CA MET A 38 11.60 3.51 -16.36
C MET A 38 11.32 2.06 -16.05
N GLN A 39 10.04 1.67 -15.97
CA GLN A 39 9.66 0.29 -15.67
C GLN A 39 9.95 -0.66 -16.83
N ASP A 40 10.18 -0.15 -18.03
CA ASP A 40 10.63 -0.96 -19.15
C ASP A 40 12.07 -1.38 -18.87
N TYR A 41 12.24 -2.59 -18.34
CA TYR A 41 13.56 -3.02 -17.89
C TYR A 41 14.49 -3.25 -19.06
N VAL A 42 13.97 -3.72 -20.20
CA VAL A 42 14.77 -3.79 -21.42
C VAL A 42 15.37 -2.44 -21.73
N ARG A 43 14.56 -1.39 -21.64
CA ARG A 43 15.00 -0.05 -22.00
C ARG A 43 15.97 0.50 -20.96
N THR A 44 15.57 0.51 -19.69
CA THR A 44 16.39 1.11 -18.65
C THR A 44 17.65 0.30 -18.39
N GLY A 45 17.48 -1.02 -18.26
CA GLY A 45 18.64 -1.88 -18.02
C GLY A 45 19.69 -1.77 -19.11
N THR A 46 19.26 -1.74 -20.37
CA THR A 46 20.21 -1.69 -21.48
C THR A 46 20.99 -0.38 -21.49
N TYR A 47 20.32 0.74 -21.25
CA TYR A 47 21.03 2.01 -21.16
C TYR A 47 22.07 1.97 -20.05
N GLN A 48 21.70 1.45 -18.88
CA GLN A 48 22.64 1.35 -17.77
C GLN A 48 23.80 0.43 -18.13
N ARG A 49 23.52 -0.72 -18.75
CA ARG A 49 24.59 -1.60 -19.20
C ARG A 49 25.45 -0.94 -20.26
N ALA A 50 24.83 -0.28 -21.24
CA ALA A 50 25.61 0.39 -22.28
C ALA A 50 26.59 1.40 -21.67
N ILE A 51 26.13 2.15 -20.67
CA ILE A 51 26.94 3.22 -20.11
C ILE A 51 28.01 2.67 -19.17
N LEU A 52 27.61 1.80 -18.25
CA LEU A 52 28.54 1.30 -17.24
C LEU A 52 29.59 0.39 -17.85
N GLN A 53 29.22 -0.44 -18.82
CA GLN A 53 30.20 -1.32 -19.47
C GLN A 53 31.14 -0.55 -20.40
N ASN A 54 30.85 0.72 -20.69
CA ASN A 54 31.78 1.57 -21.42
C ASN A 54 32.19 2.74 -20.53
N HIS A 55 32.65 2.40 -19.32
CA HIS A 55 32.93 3.41 -18.29
C HIS A 55 34.05 4.36 -18.71
N THR A 56 34.98 3.90 -19.57
CA THR A 56 36.06 4.78 -19.99
C THR A 56 35.59 5.86 -20.95
N ASP A 57 34.43 5.67 -21.59
CA ASP A 57 33.81 6.77 -22.35
C ASP A 57 33.22 7.83 -21.45
N PHE A 58 33.12 7.59 -20.14
CA PHE A 58 32.50 8.53 -19.22
C PHE A 58 33.41 9.01 -18.10
N LYS A 59 34.39 8.20 -17.68
CA LYS A 59 35.19 8.57 -16.51
C LYS A 59 35.87 9.90 -16.73
N ASP A 60 35.56 10.86 -15.85
CA ASP A 60 36.17 12.20 -15.86
C ASP A 60 35.84 12.99 -17.11
N LYS A 61 34.74 12.65 -17.79
CA LYS A 61 34.33 13.32 -19.03
C LYS A 61 33.20 14.29 -18.75
N ILE A 62 33.00 15.20 -19.71
CA ILE A 62 31.88 16.13 -19.72
C ILE A 62 30.80 15.53 -20.61
N VAL A 63 29.58 15.42 -20.07
CA VAL A 63 28.47 14.76 -20.73
C VAL A 63 27.34 15.75 -20.93
N LEU A 64 26.59 15.57 -22.03
CA LEU A 64 25.32 16.26 -22.27
C LEU A 64 24.22 15.22 -22.39
N ASP A 65 23.16 15.39 -21.61
CA ASP A 65 22.00 14.49 -21.62
C ASP A 65 20.81 15.23 -22.22
N VAL A 66 20.39 14.84 -23.43
CA VAL A 66 19.37 15.54 -24.19
C VAL A 66 18.00 14.92 -23.93
N GLY A 67 17.09 15.70 -23.37
CA GLY A 67 15.78 15.17 -23.03
C GLY A 67 15.84 14.20 -21.87
N CYS A 68 16.40 14.65 -20.76
CA CYS A 68 16.77 13.78 -19.65
C CYS A 68 15.60 13.34 -18.79
N GLY A 69 14.42 13.92 -18.95
CA GLY A 69 13.30 13.52 -18.11
C GLY A 69 13.68 13.65 -16.66
N SER A 70 13.42 12.60 -15.88
CA SER A 70 13.75 12.60 -14.46
C SER A 70 15.25 12.56 -14.20
N GLY A 71 16.07 12.34 -15.23
CA GLY A 71 17.51 12.41 -15.11
C GLY A 71 18.21 11.08 -15.00
N ILE A 72 17.53 9.96 -15.25
CA ILE A 72 18.09 8.66 -14.90
C ILE A 72 19.35 8.38 -15.71
N LEU A 73 19.37 8.79 -16.98
CA LEU A 73 20.58 8.58 -17.78
C LEU A 73 21.74 9.38 -17.25
N SER A 74 21.47 10.55 -16.67
CA SER A 74 22.52 11.34 -16.06
C SER A 74 23.08 10.65 -14.82
N PHE A 75 22.21 10.01 -14.02
CA PHE A 75 22.70 9.27 -12.86
C PHE A 75 23.51 8.05 -13.28
N PHE A 76 23.18 7.44 -14.43
CA PHE A 76 24.01 6.37 -14.96
C PHE A 76 25.36 6.90 -15.41
N ALA A 77 25.37 8.05 -16.07
CA ALA A 77 26.65 8.67 -16.43
C ALA A 77 27.49 8.96 -15.20
N ALA A 78 26.85 9.38 -14.09
CA ALA A 78 27.58 9.61 -12.84
C ALA A 78 28.09 8.31 -12.23
N GLN A 79 27.25 7.26 -12.23
CA GLN A 79 27.71 5.96 -11.78
C GLN A 79 28.95 5.51 -12.55
N ALA A 80 29.02 5.89 -13.83
CA ALA A 80 30.16 5.57 -14.67
C ALA A 80 31.35 6.49 -14.43
N GLY A 81 31.20 7.53 -13.62
CA GLY A 81 32.31 8.37 -13.25
C GLY A 81 32.43 9.70 -13.96
N ALA A 82 31.40 10.14 -14.67
CA ALA A 82 31.46 11.42 -15.37
C ALA A 82 31.80 12.53 -14.38
N ARG A 83 32.54 13.52 -14.88
CA ARG A 83 32.94 14.66 -14.06
C ARG A 83 31.91 15.77 -14.06
N LYS A 84 31.21 15.96 -15.17
CA LYS A 84 30.19 17.00 -15.28
C LYS A 84 29.17 16.57 -16.32
N ILE A 85 27.90 16.58 -15.92
CA ILE A 85 26.79 16.18 -16.77
C ILE A 85 25.85 17.37 -16.85
N TYR A 86 25.62 17.86 -18.06
CA TYR A 86 24.60 18.87 -18.32
C TYR A 86 23.36 18.12 -18.79
N ALA A 87 22.27 18.25 -18.05
CA ALA A 87 21.04 17.50 -18.32
C ALA A 87 19.95 18.48 -18.75
N VAL A 88 19.55 18.40 -20.01
CA VAL A 88 18.64 19.36 -20.63
C VAL A 88 17.27 18.71 -20.79
N GLU A 89 16.22 19.40 -20.37
CA GLU A 89 14.87 18.86 -20.49
C GLU A 89 13.89 20.01 -20.57
N ALA A 90 12.98 19.93 -21.56
CA ALA A 90 12.08 21.04 -21.85
C ALA A 90 10.78 20.98 -21.07
N SER A 91 10.33 19.79 -20.69
CA SER A 91 9.09 19.68 -19.92
C SER A 91 9.32 20.11 -18.47
N THR A 92 8.22 20.23 -17.73
CA THR A 92 8.32 20.59 -16.32
C THR A 92 9.02 19.50 -15.51
N MET A 93 9.23 18.31 -16.09
CA MET A 93 9.99 17.27 -15.41
C MET A 93 11.38 17.73 -15.00
N ALA A 94 11.91 18.77 -15.66
CA ALA A 94 13.20 19.30 -15.26
C ALA A 94 13.21 19.66 -13.78
N GLN A 95 12.09 20.19 -13.29
CA GLN A 95 12.03 20.56 -11.87
C GLN A 95 12.23 19.34 -10.99
N HIS A 96 11.66 18.21 -11.37
CA HIS A 96 11.78 16.98 -10.58
C HIS A 96 13.18 16.39 -10.68
N ALA A 97 13.78 16.43 -11.88
CA ALA A 97 15.16 16.02 -12.01
C ALA A 97 16.05 16.81 -11.07
N GLU A 98 15.81 18.11 -10.93
CA GLU A 98 16.59 18.94 -10.02
C GLU A 98 16.47 18.44 -8.59
N VAL A 99 15.27 18.06 -8.18
CA VAL A 99 15.06 17.52 -6.83
C VAL A 99 15.87 16.25 -6.66
N LEU A 100 15.85 15.38 -7.67
CA LEU A 100 16.58 14.12 -7.55
C LEU A 100 18.07 14.34 -7.49
N VAL A 101 18.59 15.31 -8.24
CA VAL A 101 20.02 15.58 -8.22
C VAL A 101 20.45 16.05 -6.84
N LYS A 102 19.61 16.84 -6.18
CA LYS A 102 19.92 17.27 -4.83
C LYS A 102 19.83 16.11 -3.85
N SER A 103 18.76 15.33 -3.93
CA SER A 103 18.53 14.27 -2.96
C SER A 103 19.57 13.15 -3.09
N ASN A 104 20.16 12.98 -4.27
CA ASN A 104 21.25 12.06 -4.46
C ASN A 104 22.61 12.72 -4.30
N ASN A 105 22.66 13.91 -3.70
CA ASN A 105 23.91 14.60 -3.35
C ASN A 105 24.87 14.63 -4.55
N LEU A 106 24.32 14.99 -5.71
CA LEU A 106 25.10 15.05 -6.94
C LEU A 106 25.13 16.44 -7.56
N THR A 107 24.76 17.47 -6.80
CA THR A 107 24.71 18.82 -7.37
C THR A 107 26.06 19.26 -7.92
N ASP A 108 27.14 18.69 -7.42
CA ASP A 108 28.48 19.06 -7.89
C ASP A 108 28.78 18.50 -9.28
N ARG A 109 28.03 17.50 -9.74
CA ARG A 109 28.35 16.81 -10.98
C ARG A 109 27.26 16.90 -12.05
N ILE A 110 25.99 16.94 -11.67
CA ILE A 110 24.89 17.04 -12.61
C ILE A 110 24.27 18.43 -12.49
N VAL A 111 24.13 19.10 -13.62
CA VAL A 111 23.47 20.40 -13.68
C VAL A 111 22.28 20.25 -14.59
N VAL A 112 21.09 20.53 -14.07
CA VAL A 112 19.86 20.45 -14.85
C VAL A 112 19.61 21.79 -15.51
N ILE A 113 19.46 21.77 -16.83
CA ILE A 113 19.23 22.98 -17.61
C ILE A 113 17.84 22.90 -18.20
N PRO A 114 16.86 23.59 -17.60
CA PRO A 114 15.49 23.52 -18.12
C PRO A 114 15.38 24.26 -19.44
N GLY A 115 14.83 23.59 -20.45
CA GLY A 115 14.57 24.21 -21.72
C GLY A 115 14.76 23.29 -22.90
N LYS A 116 14.51 23.82 -24.09
CA LYS A 116 14.73 23.04 -25.30
C LYS A 116 16.20 23.10 -25.67
N VAL A 117 16.75 21.95 -26.09
CA VAL A 117 18.17 21.89 -26.38
C VAL A 117 18.52 22.85 -27.51
N GLU A 118 17.54 23.23 -28.33
CA GLU A 118 17.73 24.20 -29.39
C GLU A 118 17.83 25.64 -28.88
N GLU A 119 17.53 25.89 -27.61
CA GLU A 119 17.41 27.24 -27.08
C GLU A 119 18.26 27.52 -25.86
N VAL A 120 18.67 26.50 -25.11
CA VAL A 120 19.49 26.73 -23.92
C VAL A 120 20.93 27.05 -24.33
N SER A 121 21.68 27.57 -23.39
CA SER A 121 23.12 27.74 -23.54
C SER A 121 23.82 26.81 -22.57
N LEU A 122 24.81 26.05 -23.07
CA LEU A 122 25.73 25.28 -22.26
C LEU A 122 27.01 26.07 -22.04
N PRO A 123 27.63 25.97 -20.86
CA PRO A 123 28.84 26.75 -20.60
C PRO A 123 30.08 26.22 -21.33
N GLU A 124 30.07 24.97 -21.82
CA GLU A 124 31.25 24.43 -22.47
C GLU A 124 30.83 23.29 -23.38
N GLN A 125 31.79 22.85 -24.21
CA GLN A 125 31.60 21.69 -25.05
C GLN A 125 31.73 20.41 -24.22
N VAL A 126 31.19 19.32 -24.75
CA VAL A 126 31.11 18.07 -24.01
C VAL A 126 31.85 16.99 -24.80
N ASP A 127 32.18 15.91 -24.10
CA ASP A 127 32.87 14.78 -24.72
C ASP A 127 31.90 13.76 -25.31
N ILE A 128 30.67 13.70 -24.82
CA ILE A 128 29.74 12.67 -25.25
C ILE A 128 28.33 13.18 -25.00
N ILE A 129 27.42 12.84 -25.91
CA ILE A 129 26.00 13.15 -25.78
C ILE A 129 25.27 11.83 -25.55
N ILE A 130 24.43 11.80 -24.52
CA ILE A 130 23.56 10.64 -24.30
C ILE A 130 22.11 11.12 -24.41
N SER A 131 21.26 10.24 -24.89
CA SER A 131 19.86 10.61 -25.09
C SER A 131 19.04 9.36 -25.36
N GLU A 132 17.73 9.49 -25.15
CA GLU A 132 16.75 8.53 -25.63
C GLU A 132 15.84 9.29 -26.59
N PRO A 133 16.26 9.47 -27.83
CA PRO A 133 15.44 10.20 -28.81
C PRO A 133 14.50 9.33 -29.63
N MET A 134 14.39 8.05 -29.30
CA MET A 134 13.59 7.12 -30.11
C MET A 134 12.11 7.23 -29.72
N GLY A 135 11.26 7.52 -30.70
CA GLY A 135 9.83 7.29 -30.58
C GLY A 135 9.47 5.96 -31.19
N TYR A 136 8.17 5.65 -31.17
CA TYR A 136 7.76 4.45 -31.86
C TYR A 136 8.03 4.62 -33.35
N MET A 137 8.34 3.50 -34.00
CA MET A 137 8.87 3.52 -35.35
C MET A 137 10.14 4.37 -35.46
N LEU A 138 10.81 4.57 -34.32
CA LEU A 138 12.05 5.36 -34.18
C LEU A 138 11.81 6.84 -34.36
N PHE A 139 11.19 7.23 -35.48
CA PHE A 139 11.17 8.60 -35.94
C PHE A 139 10.07 9.45 -35.33
N ASN A 140 9.02 8.84 -34.77
CA ASN A 140 8.00 9.64 -34.13
C ASN A 140 8.62 10.52 -33.05
N GLU A 141 8.07 11.72 -32.88
CA GLU A 141 8.48 12.73 -31.91
C GLU A 141 9.49 13.69 -32.53
N ARG A 142 10.13 13.29 -33.62
CA ARG A 142 11.17 14.13 -34.23
C ARG A 142 12.21 14.56 -33.21
N MET A 143 12.42 13.73 -32.19
CA MET A 143 13.44 14.01 -31.19
C MET A 143 14.84 13.70 -31.70
N LEU A 144 14.97 12.85 -32.72
CA LEU A 144 16.28 12.63 -33.34
C LEU A 144 16.87 13.93 -33.85
N GLU A 145 16.04 14.85 -34.33
CA GLU A 145 16.58 16.11 -34.82
C GLU A 145 17.18 16.93 -33.68
N SER A 146 16.52 16.95 -32.53
CA SER A 146 17.08 17.65 -31.37
C SER A 146 18.39 17.01 -30.92
N TYR A 147 18.46 15.68 -30.99
CA TYR A 147 19.68 14.97 -30.63
C TYR A 147 20.81 15.34 -31.58
N LEU A 148 20.50 15.43 -32.88
CA LEU A 148 21.51 15.81 -33.86
C LEU A 148 21.84 17.28 -33.74
N HIS A 149 20.84 18.12 -33.47
CA HIS A 149 21.09 19.52 -33.22
C HIS A 149 22.07 19.72 -32.07
N ALA A 150 22.03 18.82 -31.08
CA ALA A 150 22.87 18.97 -29.90
C ALA A 150 24.35 18.79 -30.21
N LYS A 151 24.69 18.25 -31.38
CA LYS A 151 26.09 18.05 -31.75
C LYS A 151 26.86 19.36 -31.89
N LYS A 152 26.17 20.50 -31.89
CA LYS A 152 26.89 21.77 -31.86
C LYS A 152 27.67 21.95 -30.57
N TYR A 153 27.34 21.17 -29.54
CA TYR A 153 28.05 21.18 -28.26
C TYR A 153 29.06 20.05 -28.13
N LEU A 154 29.23 19.23 -29.17
CA LEU A 154 30.10 18.07 -29.09
C LEU A 154 31.50 18.44 -29.59
N LYS A 155 32.52 18.07 -28.82
CA LYS A 155 33.89 18.26 -29.27
C LYS A 155 34.16 17.42 -30.52
N PRO A 156 35.18 17.79 -31.30
CA PRO A 156 35.45 17.05 -32.55
C PRO A 156 35.57 15.55 -32.38
N SER A 157 36.23 15.06 -31.34
CA SER A 157 36.38 13.62 -31.16
C SER A 157 35.22 12.99 -30.41
N GLY A 158 34.17 13.76 -30.11
CA GLY A 158 33.14 13.26 -29.22
C GLY A 158 32.42 12.05 -29.76
N ASN A 159 31.68 11.40 -28.87
CA ASN A 159 30.90 10.21 -29.18
C ASN A 159 29.44 10.50 -28.88
N MET A 160 28.57 9.56 -29.25
CA MET A 160 27.15 9.71 -29.02
C MET A 160 26.54 8.36 -28.65
N PHE A 161 25.72 8.37 -27.61
CA PHE A 161 25.09 7.17 -27.04
C PHE A 161 23.58 7.41 -27.04
N PRO A 162 22.83 6.80 -27.96
CA PRO A 162 23.22 5.82 -28.99
C PRO A 162 23.99 6.41 -30.16
N THR A 163 24.80 5.58 -30.82
CA THR A 163 25.67 6.03 -31.90
C THR A 163 24.98 5.95 -33.25
N ILE A 164 24.19 4.88 -33.46
CA ILE A 164 23.50 4.67 -34.72
C ILE A 164 22.13 4.08 -34.42
N GLY A 165 21.24 4.23 -35.37
CA GLY A 165 19.91 3.64 -35.29
C GLY A 165 19.58 2.95 -36.59
N ASP A 166 19.02 1.76 -36.47
CA ASP A 166 18.57 0.95 -37.60
C ASP A 166 17.05 0.84 -37.55
N VAL A 167 16.39 1.17 -38.65
CA VAL A 167 14.98 0.85 -38.83
C VAL A 167 14.88 -0.34 -39.76
N HIS A 168 14.04 -1.29 -39.40
CA HIS A 168 13.82 -2.47 -40.22
C HIS A 168 12.40 -2.46 -40.75
N LEU A 169 12.26 -2.80 -42.03
CA LEU A 169 10.98 -2.93 -42.71
C LEU A 169 10.85 -4.35 -43.21
N ALA A 170 9.66 -4.94 -43.05
CA ALA A 170 9.41 -6.25 -43.62
C ALA A 170 7.95 -6.39 -43.97
N PRO A 171 7.61 -7.10 -45.05
CA PRO A 171 6.20 -7.33 -45.36
C PRO A 171 5.62 -8.44 -44.50
N PHE A 172 4.34 -8.31 -44.19
CA PHE A 172 3.65 -9.28 -43.35
C PHE A 172 2.31 -9.66 -43.96
N THR A 173 1.80 -10.82 -43.56
CA THR A 173 0.44 -11.24 -43.84
C THR A 173 -0.31 -11.30 -42.52
N ASP A 174 -1.48 -10.64 -42.46
CA ASP A 174 -2.33 -10.68 -41.28
C ASP A 174 -3.76 -10.43 -41.75
N GLU A 175 -4.39 -11.50 -42.25
CA GLU A 175 -5.72 -11.41 -42.82
C GLU A 175 -6.72 -10.84 -41.83
N GLN A 176 -6.62 -11.24 -40.56
CA GLN A 176 -7.59 -10.78 -39.57
C GLN A 176 -7.43 -9.29 -39.28
N LEU A 177 -6.18 -8.81 -39.19
CA LEU A 177 -5.98 -7.39 -38.97
C LEU A 177 -6.55 -6.58 -40.11
N TYR A 178 -6.35 -7.04 -41.34
CA TYR A 178 -6.87 -6.34 -42.50
C TYR A 178 -8.38 -6.29 -42.49
N MET A 179 -9.03 -7.45 -42.29
CA MET A 179 -10.50 -7.51 -42.33
C MET A 179 -11.11 -6.71 -41.18
N GLU A 180 -10.40 -6.63 -40.05
CA GLU A 180 -10.86 -5.85 -38.91
C GLU A 180 -11.22 -4.42 -39.29
N GLN A 181 -10.52 -3.84 -40.26
CA GLN A 181 -10.76 -2.47 -40.67
C GLN A 181 -12.14 -2.31 -41.29
N PHE A 182 -12.58 -3.29 -42.06
CA PHE A 182 -13.89 -3.19 -42.69
C PHE A 182 -14.99 -3.57 -41.72
N THR A 183 -14.74 -4.51 -40.83
CA THR A 183 -15.71 -4.79 -39.77
C THR A 183 -16.04 -3.52 -39.00
N LYS A 184 -15.02 -2.77 -38.63
CA LYS A 184 -15.25 -1.55 -37.87
C LYS A 184 -15.93 -0.51 -38.73
N ALA A 185 -15.43 -0.31 -39.95
CA ALA A 185 -16.00 0.72 -40.80
C ALA A 185 -17.41 0.37 -41.22
N ASN A 186 -17.73 -0.91 -41.27
CA ASN A 186 -19.05 -1.29 -41.75
C ASN A 186 -20.16 -0.91 -40.78
N PHE A 187 -19.83 -0.37 -39.60
CA PHE A 187 -20.85 0.26 -38.78
C PHE A 187 -21.67 1.24 -39.59
N TRP A 188 -21.01 2.00 -40.45
CA TRP A 188 -21.68 3.04 -41.23
C TRP A 188 -22.51 2.48 -42.37
N TYR A 189 -22.31 1.21 -42.73
CA TYR A 189 -23.03 0.63 -43.87
C TYR A 189 -24.34 0.02 -43.41
N GLN A 190 -25.26 0.90 -43.00
CA GLN A 190 -26.59 0.44 -42.70
C GLN A 190 -27.60 1.50 -43.11
N PRO A 191 -28.75 1.09 -43.67
CA PRO A 191 -29.67 2.07 -44.24
C PRO A 191 -30.55 2.76 -43.23
N SER A 192 -30.57 2.32 -41.97
CA SER A 192 -31.50 2.93 -41.01
C SER A 192 -30.96 2.74 -39.59
N PHE A 193 -29.87 3.46 -39.28
CA PHE A 193 -29.41 3.60 -37.92
C PHE A 193 -30.34 4.58 -37.22
N HIS A 194 -31.26 4.06 -36.41
CA HIS A 194 -32.25 4.93 -35.77
C HIS A 194 -32.98 5.77 -36.82
N GLY A 195 -33.19 5.20 -38.01
CA GLY A 195 -33.89 5.87 -39.09
C GLY A 195 -32.99 6.63 -40.07
N VAL A 196 -31.67 6.64 -39.87
CA VAL A 196 -30.75 7.45 -40.65
C VAL A 196 -29.89 6.53 -41.50
N ASP A 197 -29.78 6.83 -42.78
CA ASP A 197 -28.91 6.08 -43.69
C ASP A 197 -27.48 6.58 -43.54
N LEU A 198 -26.62 5.77 -42.93
CA LEU A 198 -25.24 6.14 -42.67
C LEU A 198 -24.28 5.77 -43.80
N SER A 199 -24.75 5.06 -44.83
CA SER A 199 -23.84 4.35 -45.72
C SER A 199 -22.93 5.28 -46.50
N ALA A 200 -23.30 6.55 -46.70
CA ALA A 200 -22.43 7.45 -47.46
C ALA A 200 -21.10 7.73 -46.77
N LEU A 201 -20.96 7.47 -45.49
CA LEU A 201 -19.71 7.76 -44.78
C LEU A 201 -18.85 6.52 -44.63
N ARG A 202 -19.29 5.37 -45.16
CA ARG A 202 -18.55 4.14 -44.97
C ARG A 202 -17.15 4.24 -45.58
N GLY A 203 -17.06 4.77 -46.81
CA GLY A 203 -15.76 4.90 -47.46
C GLY A 203 -14.82 5.79 -46.69
N ALA A 204 -15.33 6.90 -46.16
CA ALA A 204 -14.48 7.79 -45.38
C ALA A 204 -14.01 7.11 -44.10
N ALA A 205 -14.90 6.32 -43.48
CA ALA A 205 -14.51 5.59 -42.27
C ALA A 205 -13.39 4.61 -42.56
N VAL A 206 -13.52 3.86 -43.67
CA VAL A 206 -12.45 2.94 -44.08
C VAL A 206 -11.14 3.69 -44.27
N ASP A 207 -11.19 4.84 -44.95
CA ASP A 207 -9.96 5.60 -45.18
C ASP A 207 -9.35 6.03 -43.86
N GLU A 208 -10.18 6.42 -42.90
CA GLU A 208 -9.69 6.85 -41.60
C GLU A 208 -8.96 5.71 -40.90
N TYR A 209 -9.52 4.51 -40.92
CA TYR A 209 -8.88 3.39 -40.23
C TYR A 209 -7.54 3.04 -40.89
N PHE A 210 -7.50 2.99 -42.21
CA PHE A 210 -6.25 2.64 -42.89
C PHE A 210 -5.16 3.69 -42.72
N ARG A 211 -5.51 4.92 -42.36
CA ARG A 211 -4.49 5.94 -42.13
C ARG A 211 -3.77 5.78 -40.80
N GLN A 212 -4.17 4.84 -39.94
CA GLN A 212 -3.60 4.70 -38.63
C GLN A 212 -2.53 3.61 -38.64
N PRO A 213 -1.28 3.90 -38.32
CA PRO A 213 -0.34 2.81 -38.04
C PRO A 213 -0.84 2.01 -36.84
N VAL A 214 -0.54 0.72 -36.83
CA VAL A 214 -0.98 -0.16 -35.77
C VAL A 214 0.21 -0.43 -34.85
N VAL A 215 0.08 -0.03 -33.58
CA VAL A 215 1.12 -0.28 -32.58
C VAL A 215 0.68 -1.50 -31.80
N ASP A 216 1.39 -2.60 -31.98
CA ASP A 216 1.27 -3.79 -31.14
C ASP A 216 2.41 -4.71 -31.57
N THR A 217 2.40 -5.93 -31.05
CA THR A 217 3.40 -6.93 -31.41
C THR A 217 2.72 -8.06 -32.18
N PHE A 218 3.52 -9.01 -32.66
CA PHE A 218 3.00 -10.05 -33.52
C PHE A 218 3.96 -11.23 -33.51
N ASP A 219 3.47 -12.37 -34.00
CA ASP A 219 4.31 -13.55 -34.21
C ASP A 219 5.20 -13.33 -35.43
N ILE A 220 6.49 -13.68 -35.31
CA ILE A 220 7.41 -13.46 -36.42
C ILE A 220 7.11 -14.34 -37.63
N ARG A 221 6.25 -15.35 -37.46
CA ARG A 221 5.87 -16.17 -38.60
C ARG A 221 4.98 -15.42 -39.59
N ILE A 222 4.46 -14.23 -39.23
CA ILE A 222 3.67 -13.47 -40.20
C ILE A 222 4.56 -12.72 -41.18
N LEU A 223 5.86 -12.62 -40.92
CA LEU A 223 6.76 -11.93 -41.84
C LEU A 223 7.05 -12.82 -43.04
N MET A 224 7.05 -12.22 -44.22
CA MET A 224 7.12 -12.99 -45.46
C MET A 224 8.41 -12.77 -46.23
N ALA A 225 9.30 -11.91 -45.77
CA ALA A 225 10.59 -11.71 -46.40
C ALA A 225 11.55 -11.20 -45.35
N LYS A 226 12.84 -11.41 -45.60
CA LYS A 226 13.88 -10.84 -44.76
C LYS A 226 13.75 -9.32 -44.76
N SER A 227 14.11 -8.71 -43.63
CA SER A 227 13.87 -7.29 -43.47
C SER A 227 14.91 -6.47 -44.22
N VAL A 228 14.51 -5.28 -44.62
CA VAL A 228 15.40 -4.27 -45.15
C VAL A 228 15.73 -3.31 -44.03
N LYS A 229 16.95 -2.80 -44.03
CA LYS A 229 17.47 -1.98 -42.95
C LYS A 229 17.83 -0.60 -43.48
N TYR A 230 17.39 0.44 -42.75
CA TYR A 230 17.78 1.81 -43.05
C TYR A 230 18.45 2.40 -41.82
N THR A 231 19.67 2.88 -41.99
CA THR A 231 20.53 3.25 -40.87
C THR A 231 20.76 4.75 -40.81
N VAL A 232 20.62 5.30 -39.62
CA VAL A 232 20.99 6.68 -39.33
C VAL A 232 22.24 6.64 -38.46
N ASN A 233 23.32 7.24 -38.94
CA ASN A 233 24.54 7.36 -38.15
C ASN A 233 24.50 8.71 -37.44
N PHE A 234 24.22 8.69 -36.13
CA PHE A 234 24.06 9.93 -35.40
C PHE A 234 25.33 10.76 -35.36
N LEU A 235 26.49 10.14 -35.56
CA LEU A 235 27.73 10.92 -35.58
C LEU A 235 27.88 11.74 -36.85
N GLU A 236 27.24 11.34 -37.94
CA GLU A 236 27.41 12.01 -39.22
C GLU A 236 26.16 12.71 -39.72
N ALA A 237 24.97 12.22 -39.36
CA ALA A 237 23.75 12.77 -39.88
C ALA A 237 23.56 14.22 -39.44
N LYS A 238 22.81 14.96 -40.24
CA LYS A 238 22.42 16.33 -39.91
C LYS A 238 20.90 16.40 -39.79
N GLU A 239 20.42 17.40 -39.05
CA GLU A 239 18.99 17.57 -38.83
C GLU A 239 18.21 17.41 -40.12
N GLY A 240 18.61 18.13 -41.17
CA GLY A 240 17.89 18.15 -42.42
C GLY A 240 17.76 16.80 -43.10
N ASP A 241 18.69 15.87 -42.82
CA ASP A 241 18.59 14.52 -43.38
C ASP A 241 17.32 13.82 -42.93
N LEU A 242 16.69 14.26 -41.85
CA LEU A 242 15.52 13.58 -41.32
C LEU A 242 14.19 14.21 -41.73
N HIS A 243 14.22 15.28 -42.52
CA HIS A 243 12.97 15.90 -42.98
C HIS A 243 12.30 15.07 -44.06
N ARG A 244 13.09 14.42 -44.90
CA ARG A 244 12.60 13.56 -45.97
C ARG A 244 13.41 12.28 -45.92
N ILE A 245 12.77 11.20 -45.52
CA ILE A 245 13.43 9.91 -45.34
C ILE A 245 12.83 8.95 -46.36
N GLU A 246 13.62 8.57 -47.36
CA GLU A 246 13.18 7.64 -48.38
C GLU A 246 13.84 6.29 -48.14
N ILE A 247 13.01 5.26 -47.97
CA ILE A 247 13.49 3.92 -47.69
C ILE A 247 13.07 3.04 -48.86
N PRO A 248 13.92 2.84 -49.87
CA PRO A 248 13.57 1.89 -50.93
C PRO A 248 13.67 0.46 -50.42
N PHE A 249 12.88 -0.43 -51.00
CA PHE A 249 12.93 -1.82 -50.61
C PHE A 249 12.69 -2.70 -51.83
N LYS A 250 13.26 -3.90 -51.75
CA LYS A 250 13.12 -4.90 -52.80
C LYS A 250 13.11 -6.25 -52.10
N PHE A 251 11.96 -6.61 -51.55
CA PHE A 251 11.85 -7.83 -50.77
C PHE A 251 11.78 -9.04 -51.68
N HIS A 252 12.54 -10.07 -51.32
CA HIS A 252 12.49 -11.35 -52.02
C HIS A 252 11.66 -12.30 -51.15
N MET A 253 10.48 -12.64 -51.63
CA MET A 253 9.48 -13.25 -50.76
C MET A 253 9.90 -14.65 -50.38
N LEU A 254 9.89 -14.93 -49.07
CA LEU A 254 10.21 -16.26 -48.56
C LEU A 254 8.99 -17.16 -48.54
N HIS A 255 7.79 -16.59 -48.47
CA HIS A 255 6.56 -17.37 -48.41
C HIS A 255 5.55 -16.80 -49.40
N SER A 256 4.72 -17.68 -49.93
CA SER A 256 3.62 -17.30 -50.80
C SER A 256 2.41 -16.91 -49.96
N GLY A 257 1.76 -15.81 -50.32
CA GLY A 257 0.55 -15.40 -49.64
C GLY A 257 0.21 -13.96 -49.96
N LEU A 258 -0.81 -13.46 -49.28
CA LEU A 258 -1.25 -12.08 -49.42
C LEU A 258 -0.46 -11.20 -48.44
N VAL A 259 0.22 -10.20 -48.98
CA VAL A 259 0.91 -9.20 -48.18
C VAL A 259 -0.07 -8.08 -47.84
N HIS A 260 -0.32 -7.86 -46.56
CA HIS A 260 -1.28 -6.85 -46.12
C HIS A 260 -0.64 -5.54 -45.66
N GLY A 261 0.68 -5.48 -45.58
CA GLY A 261 1.33 -4.23 -45.22
C GLY A 261 2.80 -4.46 -44.88
N LEU A 262 3.39 -3.41 -44.31
CA LEU A 262 4.78 -3.44 -43.87
C LEU A 262 4.84 -3.28 -42.35
N ALA A 263 5.71 -4.07 -41.75
CA ALA A 263 6.00 -4.04 -40.32
C ALA A 263 7.32 -3.32 -40.07
N PHE A 264 7.38 -2.56 -38.99
CA PHE A 264 8.51 -1.70 -38.66
C PHE A 264 8.98 -1.98 -37.23
N TRP A 265 10.31 -1.98 -37.05
CA TRP A 265 10.91 -1.96 -35.73
C TRP A 265 12.27 -1.31 -35.86
N PHE A 266 12.96 -1.13 -34.73
CA PHE A 266 14.25 -0.47 -34.76
C PHE A 266 15.20 -1.00 -33.69
N ASP A 267 16.49 -0.91 -33.99
CA ASP A 267 17.55 -1.14 -33.03
C ASP A 267 18.43 0.09 -32.98
N VAL A 268 18.96 0.39 -31.79
CA VAL A 268 20.03 1.38 -31.66
C VAL A 268 21.26 0.67 -31.12
N ALA A 269 22.43 1.19 -31.45
CA ALA A 269 23.68 0.64 -30.96
C ALA A 269 24.43 1.74 -30.21
N PHE A 270 24.95 1.38 -29.05
CA PHE A 270 25.86 2.24 -28.29
C PHE A 270 27.25 1.72 -28.57
N ILE A 271 28.03 2.48 -29.33
CA ILE A 271 29.33 2.01 -29.81
C ILE A 271 30.37 2.69 -28.94
N GLY A 272 30.80 1.97 -27.89
CA GLY A 272 31.74 2.50 -26.92
C GLY A 272 33.16 2.00 -27.19
N SER A 273 34.09 2.59 -26.44
CA SER A 273 35.50 2.21 -26.55
C SER A 273 35.75 0.78 -26.11
N ILE A 274 34.94 0.26 -25.18
CA ILE A 274 35.14 -1.09 -24.67
C ILE A 274 34.30 -2.09 -25.45
N MET A 275 33.04 -1.77 -25.72
CA MET A 275 32.16 -2.71 -26.41
C MET A 275 30.98 -1.96 -27.00
N THR A 276 30.28 -2.65 -27.90
CA THR A 276 29.03 -2.17 -28.46
C THR A 276 27.88 -2.90 -27.78
N VAL A 277 26.90 -2.13 -27.31
CA VAL A 277 25.67 -2.66 -26.71
C VAL A 277 24.51 -2.28 -27.60
N TRP A 278 23.59 -3.23 -27.81
CA TRP A 278 22.45 -3.06 -28.69
C TRP A 278 21.15 -3.03 -27.88
N LEU A 279 20.28 -2.09 -28.22
CA LEU A 279 18.90 -2.06 -27.72
C LEU A 279 18.00 -2.30 -28.92
N SER A 280 17.27 -3.42 -28.89
CA SER A 280 16.47 -3.86 -30.01
C SER A 280 15.00 -3.86 -29.63
N THR A 281 14.16 -3.35 -30.54
CA THR A 281 12.72 -3.48 -30.44
C THR A 281 12.18 -4.50 -31.43
N ALA A 282 13.03 -5.41 -31.90
CA ALA A 282 12.63 -6.37 -32.90
C ALA A 282 11.61 -7.37 -32.35
N PRO A 283 10.76 -7.92 -33.22
CA PRO A 283 9.78 -8.91 -32.76
C PRO A 283 10.39 -10.24 -32.34
N THR A 284 11.66 -10.46 -32.61
CA THR A 284 12.36 -11.64 -32.11
C THR A 284 12.95 -11.42 -30.73
N GLU A 285 12.73 -10.25 -30.13
CA GLU A 285 13.35 -9.85 -28.88
C GLU A 285 12.27 -9.60 -27.85
N PRO A 286 12.63 -9.54 -26.56
CA PRO A 286 11.65 -9.19 -25.53
C PRO A 286 10.92 -7.89 -25.84
N LEU A 287 9.62 -7.88 -25.58
CA LEU A 287 8.82 -6.71 -25.92
C LEU A 287 9.23 -5.50 -25.09
N THR A 288 9.20 -4.34 -25.71
CA THR A 288 9.47 -3.06 -25.06
C THR A 288 8.25 -2.17 -25.21
N HIS A 289 8.29 -1.02 -24.54
CA HIS A 289 7.15 -0.12 -24.62
C HIS A 289 7.02 0.54 -25.98
N TRP A 290 8.01 0.38 -26.86
CA TRP A 290 7.89 0.83 -28.23
C TRP A 290 7.13 -0.17 -29.11
N TYR A 291 6.94 -1.40 -28.63
CA TYR A 291 6.30 -2.48 -29.38
C TYR A 291 6.88 -2.55 -30.78
N GLN A 292 6.05 -2.82 -31.79
CA GLN A 292 6.39 -2.69 -33.20
C GLN A 292 5.26 -1.95 -33.90
N VAL A 293 5.47 -1.57 -35.16
CA VAL A 293 4.52 -0.73 -35.90
C VAL A 293 4.25 -1.37 -37.25
N ARG A 294 2.96 -1.55 -37.56
CA ARG A 294 2.53 -2.09 -38.85
C ARG A 294 1.71 -1.06 -39.61
N CYS A 295 2.03 -0.89 -40.89
CA CYS A 295 1.27 -0.03 -41.79
C CYS A 295 0.61 -0.90 -42.86
N LEU A 296 -0.72 -0.88 -42.90
CA LEU A 296 -1.44 -1.68 -43.87
C LEU A 296 -1.36 -1.08 -45.27
N PHE A 297 -1.49 -1.96 -46.27
CA PHE A 297 -1.78 -1.57 -47.63
C PHE A 297 -3.29 -1.47 -47.79
N GLN A 298 -3.72 -0.53 -48.64
CA GLN A 298 -5.15 -0.41 -48.91
C GLN A 298 -5.70 -1.69 -49.54
N SER A 299 -4.91 -2.32 -50.40
CA SER A 299 -5.28 -3.60 -50.97
C SER A 299 -4.11 -4.56 -50.83
N PRO A 300 -4.37 -5.81 -50.44
CA PRO A 300 -3.28 -6.77 -50.32
C PRO A 300 -2.71 -7.11 -51.69
N LEU A 301 -1.46 -7.55 -51.67
CA LEU A 301 -0.76 -7.95 -52.87
C LEU A 301 -0.43 -9.43 -52.74
N PHE A 302 -0.83 -10.21 -53.74
CA PHE A 302 -0.45 -11.61 -53.78
C PHE A 302 0.98 -11.74 -54.28
N ALA A 303 1.79 -12.50 -53.54
CA ALA A 303 3.17 -12.75 -53.95
C ALA A 303 3.46 -14.22 -53.75
N LYS A 304 4.07 -14.84 -54.75
CA LYS A 304 4.57 -16.20 -54.64
C LYS A 304 5.95 -16.17 -54.01
N ALA A 305 6.29 -17.24 -53.29
CA ALA A 305 7.64 -17.38 -52.78
C ALA A 305 8.64 -17.27 -53.94
N GLY A 306 9.62 -16.39 -53.80
CA GLY A 306 10.58 -16.11 -54.85
C GLY A 306 10.25 -14.89 -55.69
N ASP A 307 9.00 -14.43 -55.66
CA ASP A 307 8.67 -13.15 -56.28
C ASP A 307 9.42 -12.02 -55.56
N THR A 308 9.39 -10.85 -56.18
CA THR A 308 10.00 -9.65 -55.63
C THR A 308 8.93 -8.60 -55.37
N LEU A 309 8.95 -8.02 -54.18
CA LEU A 309 8.04 -6.94 -53.78
C LEU A 309 8.87 -5.69 -53.61
N SER A 310 8.82 -4.79 -54.60
CA SER A 310 9.64 -3.60 -54.58
C SER A 310 8.76 -2.37 -54.40
N GLY A 311 9.37 -1.28 -53.96
CA GLY A 311 8.62 -0.08 -53.65
C GLY A 311 9.45 0.86 -52.80
N THR A 312 8.76 1.80 -52.17
CA THR A 312 9.39 2.79 -51.31
C THR A 312 8.50 3.12 -50.14
N CYS A 313 9.13 3.36 -49.00
CA CYS A 313 8.50 3.98 -47.85
C CYS A 313 9.11 5.37 -47.71
N LEU A 314 8.28 6.41 -47.87
CA LEU A 314 8.70 7.79 -47.78
C LEU A 314 8.11 8.40 -46.51
N LEU A 315 8.97 8.87 -45.62
CA LEU A 315 8.57 9.54 -44.39
C LEU A 315 8.84 11.03 -44.53
N ILE A 316 7.80 11.85 -44.37
CA ILE A 316 7.90 13.29 -44.52
C ILE A 316 7.59 13.90 -43.17
N ALA A 317 8.57 14.60 -42.60
CA ALA A 317 8.36 15.23 -41.31
C ALA A 317 7.29 16.31 -41.41
N ASN A 318 6.48 16.43 -40.36
CA ASN A 318 5.46 17.46 -40.29
C ASN A 318 5.65 18.25 -38.99
N LYS A 319 4.89 19.34 -38.87
CA LYS A 319 5.03 20.24 -37.75
C LYS A 319 4.32 19.75 -36.49
N ARG A 320 3.77 18.53 -36.52
CA ARG A 320 3.20 17.89 -35.33
C ARG A 320 4.16 16.88 -34.73
N GLN A 321 5.47 17.11 -34.88
CA GLN A 321 6.48 16.30 -34.24
C GLN A 321 6.34 14.83 -34.64
N SER A 322 5.98 14.61 -35.91
CA SER A 322 5.86 13.25 -36.40
C SER A 322 6.05 13.28 -37.93
N TYR A 323 5.46 12.30 -38.61
CA TYR A 323 5.72 12.08 -40.01
C TYR A 323 4.45 11.66 -40.72
N ASP A 324 4.30 12.14 -41.95
CA ASP A 324 3.36 11.54 -42.87
C ASP A 324 4.08 10.37 -43.55
N ILE A 325 3.42 9.21 -43.58
CA ILE A 325 4.01 8.00 -44.15
C ILE A 325 3.33 7.72 -45.48
N SER A 326 4.13 7.59 -46.53
CA SER A 326 3.65 7.17 -47.83
C SER A 326 4.39 5.88 -48.21
N ILE A 327 3.63 4.80 -48.40
CA ILE A 327 4.19 3.51 -48.78
C ILE A 327 3.60 3.12 -50.13
N VAL A 328 4.47 2.74 -51.05
CA VAL A 328 4.10 2.27 -52.38
C VAL A 328 4.82 0.96 -52.62
N ALA A 329 4.11 -0.03 -53.14
CA ALA A 329 4.69 -1.35 -53.33
C ALA A 329 4.04 -2.03 -54.51
N GLN A 330 4.82 -2.85 -55.20
CA GLN A 330 4.29 -3.65 -56.28
C GLN A 330 5.01 -4.99 -56.33
N VAL A 331 4.30 -6.00 -56.79
CA VAL A 331 4.89 -7.30 -57.07
C VAL A 331 5.42 -7.23 -58.49
N ASP A 332 6.74 -7.34 -58.63
CA ASP A 332 7.36 -7.13 -59.94
C ASP A 332 6.85 -8.13 -60.96
N GLN A 333 6.71 -9.40 -60.59
CA GLN A 333 6.33 -10.43 -61.55
C GLN A 333 4.92 -10.26 -62.09
N THR A 334 4.06 -9.51 -61.40
CA THR A 334 2.67 -9.37 -61.84
C THR A 334 2.26 -7.93 -62.12
N GLY A 335 2.97 -6.95 -61.59
CA GLY A 335 2.57 -5.57 -61.71
C GLY A 335 1.53 -5.13 -60.70
N SER A 336 1.00 -6.06 -59.90
CA SER A 336 0.03 -5.71 -58.88
C SER A 336 0.63 -4.68 -57.93
N LYS A 337 -0.10 -3.59 -57.73
CA LYS A 337 0.40 -2.40 -57.08
C LYS A 337 -0.57 -2.00 -55.97
N SER A 338 -0.01 -1.50 -54.87
CA SER A 338 -0.82 -0.95 -53.81
C SER A 338 -0.03 0.15 -53.12
N SER A 339 -0.76 0.98 -52.38
CA SER A 339 -0.20 2.14 -51.73
C SER A 339 -0.93 2.35 -50.41
N ASN A 340 -0.42 3.27 -49.60
CA ASN A 340 -1.20 3.77 -48.48
C ASN A 340 -0.54 5.04 -47.98
N LEU A 341 -1.36 5.90 -47.38
CA LEU A 341 -0.89 7.12 -46.72
C LEU A 341 -1.30 7.05 -45.26
N LEU A 342 -0.35 7.24 -44.35
CA LEU A 342 -0.63 7.06 -42.93
C LEU A 342 -0.09 8.24 -42.12
N ASP A 343 -0.75 8.48 -40.99
CA ASP A 343 -0.46 9.58 -40.09
C ASP A 343 0.19 8.99 -38.84
N LEU A 344 1.52 9.08 -38.76
CA LEU A 344 2.24 8.45 -37.67
C LEU A 344 1.87 9.02 -36.30
N LYS A 345 1.36 10.25 -36.25
CA LYS A 345 1.03 10.90 -34.99
C LYS A 345 -0.17 10.28 -34.31
N ASN A 346 -1.03 9.57 -35.03
CA ASN A 346 -2.29 9.06 -34.48
C ASN A 346 -2.43 7.57 -34.76
N PRO A 347 -1.70 6.73 -34.03
CA PRO A 347 -1.76 5.29 -34.27
C PRO A 347 -2.92 4.64 -33.53
N PHE A 348 -3.21 3.42 -33.95
CA PHE A 348 -4.12 2.55 -33.25
C PHE A 348 -3.32 1.63 -32.35
N PHE A 349 -3.54 1.73 -31.04
CA PHE A 349 -2.97 0.79 -30.08
C PHE A 349 -3.83 -0.44 -30.05
N ARG A 350 -3.32 -1.55 -30.58
CA ARG A 350 -4.07 -2.78 -30.68
C ARG A 350 -3.65 -3.83 -29.65
N TYR A 351 -2.51 -3.64 -28.98
CA TYR A 351 -2.04 -4.60 -28.00
C TYR A 351 -3.02 -4.73 -26.83
N THR A 352 -3.20 -5.96 -26.37
CA THR A 352 -4.09 -6.26 -25.25
C THR A 352 -3.39 -7.12 -24.18
N ARG B 9 -13.30 39.72 -30.25
CA ARG B 9 -12.75 38.41 -29.94
C ARG B 9 -13.85 37.53 -29.38
N SER B 10 -13.94 36.30 -29.89
CA SER B 10 -15.07 35.45 -29.55
C SER B 10 -15.02 35.06 -28.08
N VAL B 11 -16.19 34.82 -27.52
CA VAL B 11 -16.29 34.30 -26.15
C VAL B 11 -15.50 33.02 -26.01
N PHE B 12 -15.55 32.16 -27.04
CA PHE B 12 -14.86 30.88 -26.95
C PHE B 12 -13.35 31.07 -26.80
N SER B 13 -12.74 31.83 -27.70
CA SER B 13 -11.29 31.96 -27.68
C SER B 13 -10.80 32.72 -26.47
N GLU B 14 -11.65 33.59 -25.89
CA GLU B 14 -11.25 34.30 -24.68
C GLU B 14 -11.12 33.35 -23.50
N ARG B 15 -11.91 32.27 -23.47
CA ARG B 15 -11.89 31.35 -22.34
C ARG B 15 -11.09 30.08 -22.62
N THR B 16 -10.49 29.93 -23.81
CA THR B 16 -9.90 28.66 -24.20
C THR B 16 -8.50 28.88 -24.75
N GLU B 17 -7.52 28.17 -24.18
CA GLU B 17 -6.18 28.11 -24.77
C GLU B 17 -6.26 27.45 -26.14
N GLU B 18 -5.70 28.11 -27.15
CA GLU B 18 -5.79 27.56 -28.50
C GLU B 18 -5.21 26.14 -28.56
N SER B 19 -4.14 25.90 -27.82
CA SER B 19 -3.55 24.56 -27.78
C SER B 19 -4.57 23.53 -27.31
N SER B 20 -5.40 23.89 -26.33
CA SER B 20 -6.43 22.96 -25.90
C SER B 20 -7.48 22.76 -26.98
N ALA B 21 -7.85 23.84 -27.68
CA ALA B 21 -8.94 23.74 -28.65
C ALA B 21 -8.52 22.92 -29.86
N VAL B 22 -7.28 23.06 -30.32
CA VAL B 22 -6.83 22.27 -31.46
C VAL B 22 -6.96 20.78 -31.16
N GLN B 23 -6.44 20.34 -30.03
CA GLN B 23 -6.53 18.92 -29.65
C GLN B 23 -7.98 18.49 -29.47
N TYR B 24 -8.78 19.34 -28.85
CA TYR B 24 -10.17 19.02 -28.57
C TYR B 24 -10.94 18.72 -29.84
N PHE B 25 -10.84 19.60 -30.84
CA PHE B 25 -11.60 19.39 -32.06
C PHE B 25 -10.98 18.36 -32.98
N GLN B 26 -9.68 18.12 -32.88
CA GLN B 26 -9.08 16.99 -33.60
C GLN B 26 -9.72 15.68 -33.15
N PHE B 27 -9.83 15.48 -31.84
CA PHE B 27 -10.50 14.29 -31.31
C PHE B 27 -11.87 14.11 -31.94
N TYR B 28 -12.64 15.19 -32.03
CA TYR B 28 -14.00 15.08 -32.54
C TYR B 28 -14.08 15.07 -34.06
N GLY B 29 -12.94 15.21 -34.76
CA GLY B 29 -12.91 15.03 -36.19
C GLY B 29 -12.90 13.61 -36.67
N TYR B 30 -12.82 12.63 -35.76
CA TYR B 30 -12.69 11.24 -36.17
C TYR B 30 -14.05 10.57 -36.22
N LEU B 31 -14.34 9.91 -37.35
CA LEU B 31 -15.54 9.11 -37.47
C LEU B 31 -15.56 7.98 -36.46
N SER B 32 -14.39 7.43 -36.12
CA SER B 32 -14.37 6.38 -35.12
C SER B 32 -14.92 6.89 -33.79
N GLN B 33 -14.70 8.17 -33.50
CA GLN B 33 -15.22 8.74 -32.25
C GLN B 33 -16.72 8.98 -32.33
N GLN B 34 -17.24 9.33 -33.52
CA GLN B 34 -18.70 9.45 -33.67
C GLN B 34 -19.35 8.08 -33.49
N GLN B 35 -18.77 7.05 -34.11
CA GLN B 35 -19.29 5.70 -33.92
C GLN B 35 -19.32 5.32 -32.44
N ASN B 36 -18.25 5.68 -31.71
CA ASN B 36 -18.17 5.32 -30.29
C ASN B 36 -19.38 5.86 -29.52
N MET B 37 -19.70 7.14 -29.72
CA MET B 37 -20.85 7.73 -29.04
C MET B 37 -22.16 7.20 -29.59
N MET B 38 -22.24 7.04 -30.91
CA MET B 38 -23.50 6.61 -31.53
C MET B 38 -23.86 5.20 -31.09
N GLN B 39 -22.87 4.33 -30.93
CA GLN B 39 -23.12 2.95 -30.51
C GLN B 39 -23.55 2.84 -29.07
N ASP B 40 -23.41 3.89 -28.26
CA ASP B 40 -23.98 3.92 -26.91
C ASP B 40 -25.49 3.96 -27.05
N TYR B 41 -26.15 2.80 -26.95
CA TYR B 41 -27.57 2.74 -27.29
C TYR B 41 -28.44 3.42 -26.23
N VAL B 42 -28.01 3.43 -24.98
CA VAL B 42 -28.73 4.20 -23.97
C VAL B 42 -28.73 5.68 -24.35
N ARG B 43 -27.56 6.19 -24.74
CA ARG B 43 -27.44 7.59 -25.13
C ARG B 43 -28.30 7.90 -26.34
N THR B 44 -28.09 7.15 -27.43
CA THR B 44 -28.73 7.52 -28.69
C THR B 44 -30.22 7.21 -28.66
N GLY B 45 -30.59 6.08 -28.06
CA GLY B 45 -31.99 5.75 -27.95
C GLY B 45 -32.76 6.69 -27.04
N THR B 46 -32.11 7.20 -25.99
CA THR B 46 -32.82 8.09 -25.08
C THR B 46 -33.03 9.46 -25.73
N TYR B 47 -32.01 9.97 -26.42
CA TYR B 47 -32.17 11.20 -27.18
C TYR B 47 -33.30 11.07 -28.20
N GLN B 48 -33.34 9.96 -28.94
CA GLN B 48 -34.40 9.82 -29.94
C GLN B 48 -35.76 9.76 -29.28
N ARG B 49 -35.87 9.03 -28.16
CA ARG B 49 -37.13 8.95 -27.43
C ARG B 49 -37.58 10.33 -26.96
N ALA B 50 -36.66 11.11 -26.41
CA ALA B 50 -36.99 12.43 -25.88
C ALA B 50 -37.50 13.37 -26.97
N ILE B 51 -36.97 13.22 -28.18
CA ILE B 51 -37.36 14.08 -29.29
C ILE B 51 -38.65 13.59 -29.94
N LEU B 52 -38.71 12.30 -30.29
CA LEU B 52 -39.89 11.77 -30.98
C LEU B 52 -41.12 11.77 -30.07
N GLN B 53 -40.96 11.43 -28.79
CA GLN B 53 -42.13 11.44 -27.91
C GLN B 53 -42.60 12.85 -27.58
N ASN B 54 -41.76 13.86 -27.83
CA ASN B 54 -42.17 15.26 -27.72
C ASN B 54 -42.21 15.93 -29.09
N HIS B 55 -42.82 15.25 -30.07
CA HIS B 55 -42.74 15.73 -31.45
C HIS B 55 -43.43 17.09 -31.62
N THR B 56 -44.46 17.37 -30.83
CA THR B 56 -45.12 18.67 -30.95
C THR B 56 -44.18 19.82 -30.62
N ASP B 57 -43.19 19.59 -29.75
CA ASP B 57 -42.18 20.61 -29.49
C ASP B 57 -41.30 20.87 -30.70
N PHE B 58 -41.36 20.02 -31.73
CA PHE B 58 -40.51 20.16 -32.91
C PHE B 58 -41.30 20.36 -34.20
N LYS B 59 -42.56 19.94 -34.25
CA LYS B 59 -43.34 20.01 -35.49
C LYS B 59 -43.40 21.44 -35.98
N ASP B 60 -42.87 21.69 -37.18
CA ASP B 60 -42.92 22.99 -37.84
C ASP B 60 -42.15 24.07 -37.08
N LYS B 61 -41.17 23.68 -36.26
CA LYS B 61 -40.40 24.63 -35.47
C LYS B 61 -39.01 24.78 -36.07
N ILE B 62 -38.34 25.87 -35.67
CA ILE B 62 -36.95 26.12 -36.02
C ILE B 62 -36.08 25.62 -34.88
N VAL B 63 -35.09 24.81 -35.22
CA VAL B 63 -34.24 24.12 -34.26
C VAL B 63 -32.80 24.54 -34.46
N LEU B 64 -32.08 24.71 -33.34
CA LEU B 64 -30.63 24.85 -33.35
C LEU B 64 -30.02 23.60 -32.70
N ASP B 65 -29.12 22.91 -33.40
CA ASP B 65 -28.40 21.76 -32.88
C ASP B 65 -26.95 22.18 -32.61
N VAL B 66 -26.57 22.24 -31.34
CA VAL B 66 -25.26 22.77 -30.95
C VAL B 66 -24.27 21.62 -30.79
N GLY B 67 -23.20 21.63 -31.59
CA GLY B 67 -22.23 20.56 -31.54
C GLY B 67 -22.83 19.29 -32.08
N CYS B 68 -23.28 19.34 -33.34
CA CYS B 68 -24.12 18.30 -33.92
C CYS B 68 -23.33 17.06 -34.32
N GLY B 69 -22.01 17.11 -34.29
CA GLY B 69 -21.23 15.97 -34.74
C GLY B 69 -21.63 15.59 -36.15
N SER B 70 -21.97 14.32 -36.33
CA SER B 70 -22.39 13.81 -37.64
C SER B 70 -23.84 14.13 -37.95
N GLY B 71 -24.57 14.72 -37.01
CA GLY B 71 -25.89 15.24 -37.29
C GLY B 71 -27.05 14.43 -36.74
N ILE B 72 -26.80 13.40 -35.94
CA ILE B 72 -27.85 12.44 -35.58
C ILE B 72 -29.01 13.16 -34.90
N LEU B 73 -28.74 14.07 -33.97
CA LEU B 73 -29.84 14.76 -33.30
C LEU B 73 -30.62 15.64 -34.28
N SER B 74 -29.95 16.23 -35.25
CA SER B 74 -30.67 16.98 -36.28
C SER B 74 -31.61 16.06 -37.06
N PHE B 75 -31.16 14.85 -37.39
CA PHE B 75 -32.05 13.90 -38.06
C PHE B 75 -33.24 13.55 -37.18
N PHE B 76 -33.02 13.39 -35.86
CA PHE B 76 -34.14 13.10 -34.97
C PHE B 76 -35.14 14.27 -34.95
N ALA B 77 -34.63 15.50 -34.91
CA ALA B 77 -35.53 16.66 -35.00
C ALA B 77 -36.28 16.67 -36.32
N ALA B 78 -35.63 16.24 -37.41
CA ALA B 78 -36.31 16.20 -38.69
C ALA B 78 -37.39 15.13 -38.70
N GLN B 79 -37.11 13.97 -38.13
CA GLN B 79 -38.13 12.93 -38.02
C GLN B 79 -39.35 13.41 -37.23
N ALA B 80 -39.13 14.24 -36.22
CA ALA B 80 -40.21 14.80 -35.43
C ALA B 80 -40.93 15.95 -36.12
N GLY B 81 -40.53 16.32 -37.33
CA GLY B 81 -41.26 17.28 -38.13
C GLY B 81 -40.75 18.71 -38.09
N ALA B 82 -39.52 18.95 -37.65
CA ALA B 82 -38.99 20.30 -37.64
C ALA B 82 -39.01 20.91 -39.04
N ARG B 83 -39.30 22.20 -39.12
CA ARG B 83 -39.31 22.90 -40.40
C ARG B 83 -37.91 23.21 -40.88
N LYS B 84 -37.04 23.66 -39.99
CA LYS B 84 -35.67 23.99 -40.35
C LYS B 84 -34.79 23.70 -39.14
N ILE B 85 -33.61 23.15 -39.40
CA ILE B 85 -32.67 22.77 -38.36
C ILE B 85 -31.31 23.33 -38.72
N TYR B 86 -30.79 24.23 -37.89
CA TYR B 86 -29.42 24.71 -38.06
C TYR B 86 -28.51 23.85 -37.18
N ALA B 87 -27.57 23.16 -37.82
CA ALA B 87 -26.70 22.20 -37.15
C ALA B 87 -25.30 22.79 -37.13
N VAL B 88 -24.85 23.23 -35.96
CA VAL B 88 -23.58 23.91 -35.79
C VAL B 88 -22.57 22.93 -35.22
N GLU B 89 -21.41 22.84 -35.86
CA GLU B 89 -20.35 21.93 -35.42
C GLU B 89 -19.01 22.55 -35.79
N ALA B 90 -18.10 22.62 -34.82
CA ALA B 90 -16.82 23.29 -35.02
C ALA B 90 -15.72 22.35 -35.50
N SER B 91 -15.89 21.03 -35.36
CA SER B 91 -14.89 20.09 -35.85
C SER B 91 -15.07 19.84 -37.34
N THR B 92 -14.10 19.12 -37.93
CA THR B 92 -14.24 18.73 -39.32
C THR B 92 -15.36 17.73 -39.56
N MET B 93 -15.96 17.20 -38.49
CA MET B 93 -17.12 16.34 -38.64
C MET B 93 -18.29 17.06 -39.33
N ALA B 94 -18.26 18.39 -39.35
CA ALA B 94 -19.33 19.12 -40.01
C ALA B 94 -19.45 18.73 -41.49
N GLN B 95 -18.31 18.48 -42.14
CA GLN B 95 -18.36 18.12 -43.56
C GLN B 95 -18.99 16.75 -43.75
N HIS B 96 -18.75 15.82 -42.83
CA HIS B 96 -19.39 14.52 -42.92
C HIS B 96 -20.88 14.63 -42.66
N ALA B 97 -21.28 15.50 -41.74
CA ALA B 97 -22.71 15.74 -41.53
C ALA B 97 -23.36 16.22 -42.83
N GLU B 98 -22.70 17.13 -43.54
CA GLU B 98 -23.26 17.62 -44.81
C GLU B 98 -23.50 16.47 -45.77
N VAL B 99 -22.57 15.52 -45.82
CA VAL B 99 -22.72 14.36 -46.69
C VAL B 99 -23.97 13.58 -46.31
N LEU B 100 -24.18 13.36 -45.01
CA LEU B 100 -25.31 12.56 -44.57
C LEU B 100 -26.62 13.29 -44.85
N VAL B 101 -26.63 14.61 -44.69
CA VAL B 101 -27.83 15.37 -44.99
C VAL B 101 -28.23 15.20 -46.44
N LYS B 102 -27.26 15.31 -47.35
CA LYS B 102 -27.56 15.13 -48.78
C LYS B 102 -27.98 13.70 -49.07
N SER B 103 -27.25 12.70 -48.57
CA SER B 103 -27.59 11.32 -48.92
C SER B 103 -28.91 10.90 -48.30
N ASN B 104 -29.37 11.59 -47.26
CA ASN B 104 -30.67 11.33 -46.67
C ASN B 104 -31.74 12.25 -47.21
N ASN B 105 -31.43 13.05 -48.22
CA ASN B 105 -32.43 13.87 -48.92
C ASN B 105 -33.12 14.84 -47.97
N LEU B 106 -32.34 15.43 -47.07
CA LEU B 106 -32.83 16.39 -46.09
C LEU B 106 -32.16 17.75 -46.23
N THR B 107 -31.64 18.05 -47.42
CA THR B 107 -31.04 19.36 -47.72
C THR B 107 -32.01 20.50 -47.53
N ASP B 108 -33.31 20.24 -47.62
CA ASP B 108 -34.32 21.27 -47.48
C ASP B 108 -34.67 21.58 -46.03
N ARG B 109 -34.11 20.86 -45.07
CA ARG B 109 -34.54 21.03 -43.69
C ARG B 109 -33.36 21.16 -42.73
N ILE B 110 -32.25 20.49 -43.01
CA ILE B 110 -31.09 20.52 -42.14
C ILE B 110 -29.99 21.34 -42.81
N VAL B 111 -29.63 22.46 -42.19
CA VAL B 111 -28.60 23.35 -42.71
C VAL B 111 -27.39 23.25 -41.78
N VAL B 112 -26.34 22.59 -42.23
CA VAL B 112 -25.11 22.52 -41.45
C VAL B 112 -24.40 23.86 -41.54
N ILE B 113 -23.94 24.36 -40.40
CA ILE B 113 -23.22 25.63 -40.31
C ILE B 113 -21.91 25.36 -39.57
N PRO B 114 -20.79 25.22 -40.25
CA PRO B 114 -19.55 24.84 -39.55
C PRO B 114 -18.95 26.00 -38.80
N GLY B 115 -18.40 25.69 -37.63
CA GLY B 115 -17.78 26.68 -36.79
C GLY B 115 -18.22 26.53 -35.35
N LYS B 116 -17.68 27.41 -34.52
CA LYS B 116 -18.05 27.43 -33.11
C LYS B 116 -19.33 28.24 -32.94
N VAL B 117 -20.23 27.76 -32.10
CA VAL B 117 -21.52 28.42 -31.92
C VAL B 117 -21.34 29.84 -31.41
N GLU B 118 -20.20 30.15 -30.79
CA GLU B 118 -19.89 31.49 -30.34
C GLU B 118 -19.44 32.41 -31.47
N GLU B 119 -19.20 31.85 -32.66
CA GLU B 119 -18.60 32.61 -33.75
C GLU B 119 -19.42 32.59 -35.02
N VAL B 120 -20.29 31.61 -35.21
CA VAL B 120 -21.07 31.55 -36.43
C VAL B 120 -22.15 32.62 -36.41
N SER B 121 -22.85 32.78 -37.53
CA SER B 121 -23.97 33.70 -37.66
C SER B 121 -25.17 32.85 -38.06
N LEU B 122 -26.20 32.78 -37.16
CA LEU B 122 -27.38 32.04 -37.57
C LEU B 122 -28.37 32.95 -38.29
N PRO B 123 -29.11 32.44 -39.26
CA PRO B 123 -30.01 33.31 -40.03
C PRO B 123 -31.21 33.83 -39.26
N GLU B 124 -31.64 33.15 -38.20
CA GLU B 124 -32.87 33.52 -37.52
C GLU B 124 -32.87 32.92 -36.12
N GLN B 125 -33.75 33.46 -35.28
CA GLN B 125 -33.96 32.92 -33.95
C GLN B 125 -34.70 31.59 -34.03
N VAL B 126 -34.52 30.76 -33.01
CA VAL B 126 -34.99 29.39 -33.04
C VAL B 126 -35.99 29.17 -31.91
N ASP B 127 -36.83 28.14 -32.08
CA ASP B 127 -37.81 27.76 -31.07
C ASP B 127 -37.23 26.83 -30.02
N ILE B 128 -36.21 26.05 -30.36
CA ILE B 128 -35.69 25.07 -29.44
C ILE B 128 -34.24 24.80 -29.80
N ILE B 129 -33.41 24.63 -28.77
CA ILE B 129 -32.01 24.26 -28.92
C ILE B 129 -31.85 22.83 -28.43
N ILE B 130 -31.20 21.99 -29.23
CA ILE B 130 -30.86 20.63 -28.82
C ILE B 130 -29.35 20.50 -28.85
N SER B 131 -28.81 19.64 -28.00
CA SER B 131 -27.36 19.50 -27.91
C SER B 131 -27.04 18.30 -27.05
N GLU B 132 -25.79 17.84 -27.18
CA GLU B 132 -25.21 16.90 -26.22
C GLU B 132 -24.01 17.60 -25.61
N PRO B 133 -24.24 18.48 -24.64
CA PRO B 133 -23.13 19.25 -24.05
C PRO B 133 -22.46 18.59 -22.85
N MET B 134 -22.81 17.35 -22.52
CA MET B 134 -22.35 16.70 -21.29
C MET B 134 -21.03 15.99 -21.53
N GLY B 135 -20.00 16.40 -20.80
CA GLY B 135 -18.78 15.61 -20.71
C GLY B 135 -18.86 14.68 -19.52
N TYR B 136 -17.81 13.89 -19.35
CA TYR B 136 -17.77 13.05 -18.16
C TYR B 136 -17.78 13.94 -16.93
N MET B 137 -18.43 13.45 -15.88
CA MET B 137 -18.74 14.28 -14.70
C MET B 137 -19.60 15.48 -15.06
N LEU B 138 -20.23 15.45 -16.24
CA LEU B 138 -21.11 16.50 -16.75
C LEU B 138 -20.33 17.72 -17.23
N PHE B 139 -19.42 18.24 -16.42
CA PHE B 139 -18.86 19.57 -16.66
C PHE B 139 -17.62 19.56 -17.55
N ASN B 140 -16.92 18.44 -17.68
CA ASN B 140 -15.76 18.41 -18.55
C ASN B 140 -16.15 18.86 -19.95
N GLU B 141 -15.21 19.56 -20.61
CA GLU B 141 -15.33 20.09 -21.98
C GLU B 141 -15.84 21.52 -21.98
N ARG B 142 -16.53 21.93 -20.91
CA ARG B 142 -17.15 23.26 -20.85
C ARG B 142 -18.08 23.49 -22.04
N MET B 143 -18.64 22.42 -22.58
CA MET B 143 -19.64 22.56 -23.64
C MET B 143 -20.94 23.16 -23.11
N LEU B 144 -21.23 22.97 -21.82
CA LEU B 144 -22.44 23.55 -21.22
C LEU B 144 -22.46 25.06 -21.41
N GLU B 145 -21.30 25.70 -21.31
CA GLU B 145 -21.23 27.14 -21.51
C GLU B 145 -21.54 27.52 -22.96
N SER B 146 -21.08 26.70 -23.92
CA SER B 146 -21.44 26.93 -25.32
C SER B 146 -22.93 26.71 -25.53
N TYR B 147 -23.50 25.71 -24.86
CA TYR B 147 -24.93 25.46 -24.90
C TYR B 147 -25.70 26.66 -24.36
N LEU B 148 -25.30 27.19 -23.21
CA LEU B 148 -25.96 28.37 -22.66
C LEU B 148 -25.72 29.58 -23.54
N HIS B 149 -24.51 29.70 -24.09
CA HIS B 149 -24.22 30.84 -24.95
C HIS B 149 -25.19 30.90 -26.13
N ALA B 150 -25.54 29.74 -26.67
CA ALA B 150 -26.44 29.63 -27.82
C ALA B 150 -27.82 30.19 -27.55
N LYS B 151 -28.17 30.48 -26.30
CA LYS B 151 -29.49 31.03 -26.00
C LYS B 151 -29.70 32.42 -26.58
N LYS B 152 -28.62 33.10 -27.00
CA LYS B 152 -28.78 34.36 -27.72
C LYS B 152 -29.61 34.19 -28.98
N TYR B 153 -29.69 32.97 -29.52
CA TYR B 153 -30.49 32.66 -30.69
C TYR B 153 -31.87 32.11 -30.35
N LEU B 154 -32.20 31.98 -29.08
CA LEU B 154 -33.44 31.32 -28.66
C LEU B 154 -34.56 32.35 -28.45
N LYS B 155 -35.73 32.06 -28.99
CA LYS B 155 -36.88 32.92 -28.80
C LYS B 155 -37.28 32.98 -27.33
N PRO B 156 -37.98 34.05 -26.92
CA PRO B 156 -38.43 34.12 -25.52
C PRO B 156 -39.23 32.91 -25.08
N SER B 157 -40.03 32.33 -25.98
CA SER B 157 -40.88 31.19 -25.65
C SER B 157 -40.14 29.86 -25.81
N GLY B 158 -38.83 29.90 -25.98
CA GLY B 158 -38.10 28.73 -26.42
C GLY B 158 -37.87 27.70 -25.34
N ASN B 159 -37.36 26.55 -25.78
CA ASN B 159 -37.09 25.42 -24.91
C ASN B 159 -35.68 24.92 -25.18
N MET B 160 -35.17 24.12 -24.24
CA MET B 160 -33.82 23.55 -24.31
C MET B 160 -33.94 22.05 -24.10
N PHE B 161 -33.24 21.29 -24.94
CA PHE B 161 -33.25 19.82 -24.89
C PHE B 161 -31.79 19.35 -24.88
N PRO B 162 -31.22 19.02 -23.71
CA PRO B 162 -31.79 18.87 -22.37
C PRO B 162 -32.17 20.18 -21.72
N THR B 163 -33.06 20.10 -20.73
CA THR B 163 -33.56 21.30 -20.07
C THR B 163 -32.85 21.57 -18.74
N ILE B 164 -32.56 20.52 -17.96
CA ILE B 164 -31.83 20.64 -16.71
C ILE B 164 -30.77 19.56 -16.65
N GLY B 165 -29.79 19.78 -15.78
CA GLY B 165 -28.78 18.78 -15.48
C GLY B 165 -28.60 18.63 -13.98
N ASP B 166 -28.57 17.39 -13.50
CA ASP B 166 -28.38 17.09 -12.09
C ASP B 166 -27.06 16.37 -11.91
N VAL B 167 -26.16 16.95 -11.12
CA VAL B 167 -24.94 16.27 -10.71
C VAL B 167 -25.16 15.65 -9.33
N HIS B 168 -24.87 14.36 -9.21
CA HIS B 168 -24.95 13.65 -7.94
C HIS B 168 -23.55 13.36 -7.43
N LEU B 169 -23.36 13.53 -6.12
CA LEU B 169 -22.14 13.10 -5.44
C LEU B 169 -22.52 12.30 -4.21
N ALA B 170 -21.76 11.23 -3.97
CA ALA B 170 -21.94 10.42 -2.78
C ALA B 170 -20.58 9.89 -2.36
N PRO B 171 -20.32 9.77 -1.06
CA PRO B 171 -19.07 9.17 -0.60
C PRO B 171 -19.05 7.66 -0.84
N PHE B 172 -17.87 7.14 -1.14
CA PHE B 172 -17.72 5.72 -1.43
C PHE B 172 -16.54 5.14 -0.66
N THR B 173 -16.58 3.83 -0.49
CA THR B 173 -15.47 3.07 0.05
C THR B 173 -15.03 2.08 -1.02
N ASP B 174 -13.74 2.15 -1.39
CA ASP B 174 -13.18 1.19 -2.35
C ASP B 174 -11.69 1.07 -2.05
N GLU B 175 -11.36 0.18 -1.11
CA GLU B 175 -9.98 -0.02 -0.72
C GLU B 175 -9.13 -0.44 -1.92
N GLN B 176 -9.67 -1.29 -2.79
CA GLN B 176 -8.90 -1.77 -3.93
C GLN B 176 -8.50 -0.63 -4.86
N LEU B 177 -9.46 0.24 -5.21
CA LEU B 177 -9.11 1.37 -6.06
C LEU B 177 -8.07 2.25 -5.40
N TYR B 178 -8.21 2.49 -4.09
CA TYR B 178 -7.29 3.39 -3.39
C TYR B 178 -5.87 2.83 -3.43
N MET B 179 -5.74 1.53 -3.14
CA MET B 179 -4.41 0.92 -3.10
C MET B 179 -3.82 0.76 -4.49
N GLU B 180 -4.67 0.52 -5.49
CA GLU B 180 -4.21 0.48 -6.88
C GLU B 180 -3.52 1.77 -7.27
N GLN B 181 -4.12 2.91 -6.93
CA GLN B 181 -3.49 4.20 -7.23
C GLN B 181 -2.27 4.44 -6.35
N PHE B 182 -2.41 4.19 -5.04
CA PHE B 182 -1.29 4.43 -4.15
C PHE B 182 -0.11 3.54 -4.49
N THR B 183 -0.36 2.33 -5.00
CA THR B 183 0.73 1.44 -5.38
C THR B 183 1.53 2.03 -6.53
N LYS B 184 0.84 2.63 -7.52
CA LYS B 184 1.54 3.27 -8.61
C LYS B 184 2.44 4.39 -8.11
N ALA B 185 1.90 5.25 -7.23
CA ALA B 185 2.68 6.35 -6.70
C ALA B 185 3.92 5.88 -5.95
N ASN B 186 3.82 4.72 -5.29
CA ASN B 186 4.89 4.18 -4.45
C ASN B 186 6.13 3.78 -5.25
N PHE B 187 6.04 3.69 -6.57
CA PHE B 187 7.24 3.55 -7.38
C PHE B 187 8.26 4.59 -6.96
N TRP B 188 7.79 5.81 -6.70
CA TRP B 188 8.65 6.94 -6.37
C TRP B 188 9.06 6.98 -4.91
N TYR B 189 8.78 5.89 -4.19
CA TYR B 189 9.29 5.68 -2.84
C TYR B 189 10.62 4.95 -2.84
N GLN B 190 11.00 4.34 -3.97
CA GLN B 190 12.19 3.50 -4.01
C GLN B 190 13.44 4.31 -3.68
N PRO B 191 14.30 3.83 -2.78
CA PRO B 191 15.58 4.51 -2.54
C PRO B 191 16.73 4.05 -3.43
N SER B 192 16.54 3.03 -4.25
CA SER B 192 17.67 2.48 -5.02
C SER B 192 17.16 1.85 -6.31
N PHE B 193 16.43 2.63 -7.11
CA PHE B 193 15.99 2.19 -8.43
C PHE B 193 17.19 2.25 -9.37
N HIS B 194 17.71 1.08 -9.75
CA HIS B 194 18.95 1.03 -10.51
C HIS B 194 20.01 1.88 -9.82
N GLY B 195 19.99 1.87 -8.48
CA GLY B 195 20.93 2.60 -7.67
C GLY B 195 20.64 4.07 -7.47
N VAL B 196 19.46 4.55 -7.90
CA VAL B 196 19.10 5.96 -7.79
C VAL B 196 18.00 6.11 -6.76
N ASP B 197 18.17 7.04 -5.83
CA ASP B 197 17.17 7.31 -4.80
C ASP B 197 16.08 8.20 -5.39
N LEU B 198 14.86 7.66 -5.49
CA LEU B 198 13.72 8.39 -6.05
C LEU B 198 12.83 9.01 -4.98
N SER B 199 13.06 8.69 -3.71
CA SER B 199 12.07 8.93 -2.66
C SER B 199 11.75 10.40 -2.49
N ALA B 200 12.67 11.30 -2.84
CA ALA B 200 12.39 12.73 -2.69
C ALA B 200 11.18 13.19 -3.50
N LEU B 201 10.75 12.40 -4.49
CA LEU B 201 9.60 12.74 -5.32
C LEU B 201 8.34 11.96 -4.93
N ARG B 202 8.39 11.15 -3.89
CA ARG B 202 7.22 10.36 -3.51
C ARG B 202 6.02 11.27 -3.23
N GLY B 203 6.25 12.40 -2.57
CA GLY B 203 5.17 13.34 -2.33
C GLY B 203 4.57 13.90 -3.61
N ALA B 204 5.43 14.23 -4.58
CA ALA B 204 4.93 14.76 -5.85
C ALA B 204 4.19 13.70 -6.65
N ALA B 205 4.63 12.44 -6.55
CA ALA B 205 3.96 11.37 -7.27
C ALA B 205 2.59 11.07 -6.69
N VAL B 206 2.47 11.04 -5.36
CA VAL B 206 1.15 10.84 -4.75
C VAL B 206 0.20 11.93 -5.21
N ASP B 207 0.67 13.19 -5.16
CA ASP B 207 -0.18 14.30 -5.60
C ASP B 207 -0.63 14.11 -7.04
N GLU B 208 0.29 13.68 -7.92
CA GLU B 208 -0.05 13.55 -9.34
C GLU B 208 -1.12 12.48 -9.56
N TYR B 209 -0.92 11.29 -8.98
CA TYR B 209 -1.87 10.20 -9.21
C TYR B 209 -3.25 10.54 -8.62
N PHE B 210 -3.28 11.13 -7.44
CA PHE B 210 -4.58 11.43 -6.83
C PHE B 210 -5.22 12.70 -7.38
N ARG B 211 -4.49 13.43 -8.22
CA ARG B 211 -5.07 14.49 -9.03
C ARG B 211 -5.96 13.96 -10.15
N GLN B 212 -5.80 12.70 -10.55
CA GLN B 212 -6.59 12.13 -11.62
C GLN B 212 -7.93 11.62 -11.07
N PRO B 213 -9.07 12.14 -11.53
CA PRO B 213 -10.34 11.46 -11.27
C PRO B 213 -10.38 10.14 -12.02
N VAL B 214 -11.07 9.17 -11.44
CA VAL B 214 -11.13 7.83 -11.98
C VAL B 214 -12.44 7.68 -12.73
N VAL B 215 -12.37 7.42 -14.03
CA VAL B 215 -13.54 7.21 -14.87
C VAL B 215 -13.72 5.72 -15.06
N ASP B 216 -14.72 5.17 -14.39
CA ASP B 216 -15.10 3.76 -14.52
C ASP B 216 -16.44 3.59 -13.80
N THR B 217 -16.96 2.37 -13.83
CA THR B 217 -18.18 2.06 -13.10
C THR B 217 -17.85 1.26 -11.85
N PHE B 218 -18.87 1.05 -11.00
CA PHE B 218 -18.68 0.41 -9.71
C PHE B 218 -20.04 -0.11 -9.24
N ASP B 219 -19.98 -1.04 -8.28
CA ASP B 219 -21.17 -1.55 -7.63
C ASP B 219 -21.72 -0.51 -6.66
N ILE B 220 -23.05 -0.33 -6.66
CA ILE B 220 -23.67 0.68 -5.83
C ILE B 220 -23.48 0.42 -4.34
N ARG B 221 -23.08 -0.80 -3.98
CA ARG B 221 -22.88 -1.11 -2.57
C ARG B 221 -21.65 -0.44 -1.98
N ILE B 222 -20.83 0.22 -2.81
CA ILE B 222 -19.69 0.97 -2.28
C ILE B 222 -20.11 2.35 -1.79
N LEU B 223 -21.34 2.78 -2.03
CA LEU B 223 -21.77 4.10 -1.63
C LEU B 223 -22.20 4.08 -0.18
N MET B 224 -21.76 5.09 0.58
CA MET B 224 -21.91 5.08 2.03
C MET B 224 -22.96 6.05 2.53
N ALA B 225 -23.60 6.81 1.65
CA ALA B 225 -24.66 7.72 2.07
C ALA B 225 -25.45 8.12 0.83
N LYS B 226 -26.68 8.58 1.06
CA LYS B 226 -27.49 9.08 -0.03
C LYS B 226 -26.78 10.25 -0.71
N SER B 227 -26.93 10.32 -2.03
CA SER B 227 -26.23 11.33 -2.80
C SER B 227 -26.80 12.72 -2.54
N VAL B 228 -25.95 13.71 -2.70
CA VAL B 228 -26.36 15.11 -2.76
C VAL B 228 -26.52 15.47 -4.22
N LYS B 229 -27.45 16.38 -4.51
CA LYS B 229 -27.82 16.78 -5.87
C LYS B 229 -27.53 18.26 -6.06
N TYR B 230 -26.88 18.59 -7.16
CA TYR B 230 -26.68 19.97 -7.59
C TYR B 230 -27.26 20.11 -9.00
N THR B 231 -28.18 21.05 -9.17
CA THR B 231 -28.98 21.16 -10.39
C THR B 231 -28.60 22.41 -11.17
N VAL B 232 -28.38 22.25 -12.47
CA VAL B 232 -28.19 23.35 -13.40
C VAL B 232 -29.42 23.41 -14.30
N ASN B 233 -30.15 24.51 -14.23
CA ASN B 233 -31.31 24.72 -15.08
C ASN B 233 -30.88 25.46 -16.35
N PHE B 234 -30.81 24.74 -17.46
CA PHE B 234 -30.27 25.31 -18.69
C PHE B 234 -31.16 26.41 -19.25
N LEU B 235 -32.46 26.36 -18.99
CA LEU B 235 -33.35 27.42 -19.42
C LEU B 235 -33.05 28.73 -18.72
N GLU B 236 -32.56 28.67 -17.48
CA GLU B 236 -32.37 29.86 -16.66
C GLU B 236 -30.92 30.29 -16.53
N ALA B 237 -29.98 29.34 -16.55
CA ALA B 237 -28.61 29.68 -16.20
C ALA B 237 -27.99 30.57 -17.27
N LYS B 238 -26.92 31.26 -16.88
CA LYS B 238 -26.13 32.08 -17.75
C LYS B 238 -24.71 31.52 -17.81
N GLU B 239 -24.03 31.77 -18.94
CA GLU B 239 -22.67 31.28 -19.13
C GLU B 239 -21.82 31.46 -17.87
N GLY B 240 -21.81 32.67 -17.33
CA GLY B 240 -20.97 32.99 -16.19
C GLY B 240 -21.29 32.18 -14.96
N ASP B 241 -22.47 31.58 -14.87
CA ASP B 241 -22.79 30.75 -13.71
C ASP B 241 -21.87 29.54 -13.58
N LEU B 242 -21.21 29.12 -14.66
CA LEU B 242 -20.42 27.89 -14.66
C LEU B 242 -18.93 28.15 -14.52
N HIS B 243 -18.50 29.40 -14.33
CA HIS B 243 -17.09 29.67 -14.12
C HIS B 243 -16.62 29.16 -12.76
N ARG B 244 -17.48 29.27 -11.76
CA ARG B 244 -17.18 28.83 -10.40
C ARG B 244 -18.42 28.13 -9.87
N ILE B 245 -18.35 26.81 -9.73
CA ILE B 245 -19.47 26.00 -9.29
C ILE B 245 -19.15 25.50 -7.88
N GLU B 246 -20.00 25.85 -6.92
CA GLU B 246 -19.77 25.51 -5.52
C GLU B 246 -20.88 24.58 -5.05
N ILE B 247 -20.51 23.36 -4.69
CA ILE B 247 -21.47 22.33 -4.28
C ILE B 247 -21.19 21.96 -2.83
N PRO B 248 -21.84 22.60 -1.85
CA PRO B 248 -21.71 22.16 -0.48
C PRO B 248 -22.41 20.83 -0.30
N PHE B 249 -21.98 20.07 0.71
CA PHE B 249 -22.59 18.78 0.97
C PHE B 249 -22.52 18.47 2.46
N LYS B 250 -23.50 17.70 2.92
CA LYS B 250 -23.59 17.24 4.31
C LYS B 250 -24.18 15.83 4.23
N PHE B 251 -23.32 14.82 4.23
CA PHE B 251 -23.75 13.44 4.09
C PHE B 251 -24.04 12.85 5.47
N HIS B 252 -25.16 12.15 5.58
CA HIS B 252 -25.50 11.37 6.77
C HIS B 252 -25.08 9.94 6.48
N MET B 253 -23.98 9.51 7.11
CA MET B 253 -23.36 8.23 6.77
C MET B 253 -24.29 7.09 7.15
N LEU B 254 -24.58 6.23 6.17
CA LEU B 254 -25.45 5.07 6.41
C LEU B 254 -24.67 3.83 6.80
N HIS B 255 -23.37 3.80 6.55
CA HIS B 255 -22.54 2.65 6.92
C HIS B 255 -21.25 3.17 7.52
N SER B 256 -20.66 2.34 8.37
CA SER B 256 -19.34 2.64 8.89
C SER B 256 -18.27 2.17 7.91
N GLY B 257 -17.09 2.73 8.03
CA GLY B 257 -15.96 2.33 7.24
C GLY B 257 -15.19 3.53 6.77
N LEU B 258 -14.23 3.27 5.90
CA LEU B 258 -13.33 4.29 5.38
C LEU B 258 -13.95 4.93 4.14
N VAL B 259 -13.98 6.25 4.12
CA VAL B 259 -14.44 7.01 2.97
C VAL B 259 -13.22 7.35 2.12
N HIS B 260 -13.11 6.70 0.97
CA HIS B 260 -11.95 6.87 0.12
C HIS B 260 -12.09 8.03 -0.88
N GLY B 261 -13.30 8.55 -1.06
CA GLY B 261 -13.49 9.68 -1.94
C GLY B 261 -14.97 9.94 -2.18
N LEU B 262 -15.23 10.83 -3.14
CA LEU B 262 -16.58 11.11 -3.61
C LEU B 262 -16.76 10.54 -5.01
N ALA B 263 -17.94 9.97 -5.25
CA ALA B 263 -18.34 9.43 -6.54
C ALA B 263 -19.33 10.38 -7.18
N PHE B 264 -19.20 10.57 -8.50
CA PHE B 264 -20.01 11.52 -9.25
C PHE B 264 -20.70 10.84 -10.42
N TRP B 265 -21.93 11.29 -10.69
CA TRP B 265 -22.65 10.93 -11.91
C TRP B 265 -23.64 12.04 -12.20
N PHE B 266 -24.33 11.94 -13.34
CA PHE B 266 -25.26 13.00 -13.69
C PHE B 266 -26.47 12.45 -14.42
N ASP B 267 -27.59 13.16 -14.25
CA ASP B 267 -28.80 12.96 -15.04
C ASP B 267 -29.10 14.25 -15.78
N VAL B 268 -29.68 14.14 -16.97
CA VAL B 268 -30.30 15.28 -17.63
C VAL B 268 -31.74 14.92 -17.95
N ALA B 269 -32.61 15.92 -17.90
CA ALA B 269 -34.03 15.76 -18.21
C ALA B 269 -34.36 16.59 -19.43
N PHE B 270 -35.09 16.00 -20.36
CA PHE B 270 -35.66 16.69 -21.52
C PHE B 270 -37.11 17.00 -21.16
N ILE B 271 -37.38 18.25 -20.78
CA ILE B 271 -38.71 18.61 -20.26
C ILE B 271 -39.53 19.10 -21.45
N GLY B 272 -40.14 18.15 -22.14
CA GLY B 272 -40.98 18.50 -23.27
C GLY B 272 -42.40 18.81 -22.86
N SER B 273 -43.19 19.24 -23.86
CA SER B 273 -44.60 19.53 -23.63
C SER B 273 -45.41 18.27 -23.40
N ILE B 274 -44.99 17.14 -23.97
CA ILE B 274 -45.75 15.89 -23.86
C ILE B 274 -45.30 15.09 -22.64
N MET B 275 -44.00 14.99 -22.42
CA MET B 275 -43.50 14.25 -21.28
C MET B 275 -42.05 14.64 -21.03
N THR B 276 -41.60 14.33 -19.82
CA THR B 276 -40.21 14.51 -19.46
C THR B 276 -39.50 13.18 -19.66
N VAL B 277 -38.35 13.22 -20.33
CA VAL B 277 -37.53 12.05 -20.54
C VAL B 277 -36.21 12.27 -19.85
N TRP B 278 -35.74 11.27 -19.13
CA TRP B 278 -34.50 11.36 -18.38
C TRP B 278 -33.42 10.52 -19.05
N LEU B 279 -32.21 11.06 -19.07
CA LEU B 279 -31.01 10.31 -19.45
C LEU B 279 -30.10 10.28 -18.24
N SER B 280 -29.90 9.10 -17.68
CA SER B 280 -29.17 8.94 -16.44
C SER B 280 -27.86 8.20 -16.68
N THR B 281 -26.80 8.66 -16.03
CA THR B 281 -25.54 7.94 -15.96
C THR B 281 -25.30 7.38 -14.56
N ALA B 282 -26.36 7.25 -13.76
CA ALA B 282 -26.22 6.78 -12.39
C ALA B 282 -25.75 5.33 -12.37
N PRO B 283 -25.04 4.92 -11.32
CA PRO B 283 -24.56 3.54 -11.24
C PRO B 283 -25.67 2.53 -11.01
N THR B 284 -26.86 2.98 -10.64
CA THR B 284 -28.03 2.13 -10.58
C THR B 284 -28.68 1.91 -11.94
N GLU B 285 -28.19 2.57 -12.99
CA GLU B 285 -28.79 2.52 -14.31
C GLU B 285 -27.82 1.87 -15.30
N PRO B 286 -28.34 1.42 -16.44
CA PRO B 286 -27.45 0.80 -17.44
C PRO B 286 -26.29 1.71 -17.80
N LEU B 287 -25.13 1.08 -18.01
CA LEU B 287 -23.89 1.82 -18.21
C LEU B 287 -23.90 2.59 -19.52
N THR B 288 -23.34 3.81 -19.50
CA THR B 288 -23.15 4.65 -20.67
C THR B 288 -21.66 4.90 -20.89
N HIS B 289 -21.33 5.53 -22.00
CA HIS B 289 -19.92 5.84 -22.25
C HIS B 289 -19.41 6.96 -21.37
N TRP B 290 -20.29 7.62 -20.60
CA TRP B 290 -19.82 8.55 -19.59
C TRP B 290 -19.37 7.84 -18.31
N TYR B 291 -19.79 6.58 -18.11
CA TYR B 291 -19.52 5.84 -16.89
C TYR B 291 -19.94 6.66 -15.69
N GLN B 292 -19.13 6.62 -14.63
CA GLN B 292 -19.22 7.50 -13.48
C GLN B 292 -17.80 7.99 -13.19
N VAL B 293 -17.67 8.95 -12.27
CA VAL B 293 -16.37 9.55 -11.96
C VAL B 293 -16.17 9.55 -10.46
N ARG B 294 -14.99 9.12 -10.01
CA ARG B 294 -14.62 9.12 -8.61
C ARG B 294 -13.37 9.96 -8.38
N CYS B 295 -13.43 10.82 -7.37
CA CYS B 295 -12.28 11.61 -6.93
C CYS B 295 -11.81 11.03 -5.61
N LEU B 296 -10.58 10.52 -5.59
CA LEU B 296 -10.03 9.88 -4.41
C LEU B 296 -9.48 10.91 -3.44
N PHE B 297 -9.53 10.55 -2.15
CA PHE B 297 -8.80 11.25 -1.11
C PHE B 297 -7.41 10.63 -0.98
N GLN B 298 -6.39 11.48 -0.79
CA GLN B 298 -5.05 10.96 -0.57
C GLN B 298 -5.02 10.09 0.68
N SER B 299 -5.75 10.50 1.73
CA SER B 299 -5.89 9.71 2.95
C SER B 299 -7.39 9.58 3.23
N PRO B 300 -7.94 8.37 3.27
CA PRO B 300 -9.38 8.22 3.50
C PRO B 300 -9.77 8.64 4.90
N LEU B 301 -11.03 9.02 5.02
CA LEU B 301 -11.60 9.46 6.29
C LEU B 301 -12.39 8.31 6.91
N PHE B 302 -12.16 8.05 8.19
CA PHE B 302 -12.92 7.05 8.90
C PHE B 302 -14.20 7.68 9.43
N ALA B 303 -15.33 7.04 9.17
CA ALA B 303 -16.61 7.55 9.65
C ALA B 303 -17.46 6.39 10.14
N LYS B 304 -18.28 6.68 11.15
CA LYS B 304 -19.27 5.75 11.68
C LYS B 304 -20.63 6.05 11.09
N ALA B 305 -21.44 5.01 10.91
CA ALA B 305 -22.84 5.23 10.58
C ALA B 305 -23.44 6.23 11.54
N GLY B 306 -24.21 7.18 11.00
CA GLY B 306 -24.78 8.25 11.79
C GLY B 306 -23.94 9.50 11.87
N ASP B 307 -22.63 9.40 11.63
CA ASP B 307 -21.82 10.61 11.52
C ASP B 307 -22.25 11.43 10.30
N THR B 308 -21.84 12.69 10.29
CA THR B 308 -22.07 13.56 9.15
C THR B 308 -20.73 13.89 8.52
N LEU B 309 -20.65 13.75 7.20
CA LEU B 309 -19.47 14.10 6.41
C LEU B 309 -19.83 15.35 5.62
N SER B 310 -19.19 16.47 5.93
CA SER B 310 -19.57 17.75 5.37
C SER B 310 -18.36 18.41 4.73
N GLY B 311 -18.65 19.31 3.81
CA GLY B 311 -17.61 20.00 3.06
C GLY B 311 -18.20 20.68 1.84
N THR B 312 -17.31 21.03 0.92
CA THR B 312 -17.74 21.63 -0.34
C THR B 312 -16.92 21.04 -1.47
N CYS B 313 -17.57 20.87 -2.62
CA CYS B 313 -16.91 20.59 -3.89
C CYS B 313 -16.93 21.86 -4.71
N LEU B 314 -15.76 22.39 -5.02
CA LEU B 314 -15.62 23.63 -5.78
C LEU B 314 -14.98 23.32 -7.12
N LEU B 315 -15.65 23.72 -8.21
CA LEU B 315 -15.15 23.52 -9.57
C LEU B 315 -14.84 24.88 -10.17
N ILE B 316 -13.57 25.10 -10.51
CA ILE B 316 -13.11 26.34 -11.14
C ILE B 316 -12.82 26.05 -12.60
N ALA B 317 -13.54 26.70 -13.51
CA ALA B 317 -13.30 26.51 -14.92
C ALA B 317 -11.91 26.99 -15.30
N ASN B 318 -11.23 26.24 -16.17
CA ASN B 318 -9.89 26.61 -16.61
C ASN B 318 -9.86 26.77 -18.14
N LYS B 319 -8.73 27.28 -18.63
CA LYS B 319 -8.57 27.57 -20.05
C LYS B 319 -8.35 26.32 -20.90
N ARG B 320 -8.36 25.13 -20.30
CA ARG B 320 -8.21 23.88 -21.02
C ARG B 320 -9.55 23.16 -21.18
N GLN B 321 -10.64 23.92 -21.22
CA GLN B 321 -11.97 23.37 -21.47
C GLN B 321 -12.34 22.34 -20.42
N SER B 322 -11.98 22.62 -19.18
CA SER B 322 -12.32 21.72 -18.10
C SER B 322 -12.29 22.51 -16.79
N TYR B 323 -12.27 21.80 -15.68
CA TYR B 323 -12.36 22.38 -14.36
C TYR B 323 -11.21 21.92 -13.49
N ASP B 324 -10.72 22.82 -12.65
CA ASP B 324 -9.91 22.48 -11.50
C ASP B 324 -10.87 22.14 -10.36
N ILE B 325 -10.73 20.96 -9.79
CA ILE B 325 -11.66 20.45 -8.79
C ILE B 325 -11.01 20.55 -7.43
N SER B 326 -11.70 21.18 -6.50
CA SER B 326 -11.27 21.24 -5.12
C SER B 326 -12.34 20.57 -4.28
N ILE B 327 -11.95 19.53 -3.54
CA ILE B 327 -12.84 18.83 -2.63
C ILE B 327 -12.26 18.93 -1.23
N VAL B 328 -13.06 19.45 -0.30
CA VAL B 328 -12.72 19.49 1.12
C VAL B 328 -13.84 18.77 1.85
N ALA B 329 -13.48 17.74 2.61
CA ALA B 329 -14.44 16.91 3.34
C ALA B 329 -13.98 16.71 4.76
N GLN B 330 -14.93 16.68 5.68
CA GLN B 330 -14.64 16.65 7.11
C GLN B 330 -15.65 15.75 7.80
N VAL B 331 -15.16 14.84 8.65
CA VAL B 331 -16.03 14.06 9.52
C VAL B 331 -16.34 14.94 10.74
N ASP B 332 -17.57 15.45 10.79
CA ASP B 332 -17.89 16.47 11.78
C ASP B 332 -17.64 15.99 13.20
N GLN B 333 -17.91 14.71 13.48
CA GLN B 333 -17.82 14.22 14.85
C GLN B 333 -16.38 14.11 15.34
N THR B 334 -15.40 14.02 14.45
CA THR B 334 -14.02 13.85 14.85
C THR B 334 -13.09 14.93 14.31
N GLY B 335 -13.60 15.82 13.46
CA GLY B 335 -12.74 16.81 12.84
C GLY B 335 -11.67 16.22 11.94
N SER B 336 -11.86 14.99 11.47
CA SER B 336 -10.94 14.41 10.51
C SER B 336 -11.19 15.06 9.14
N LYS B 337 -10.17 15.73 8.61
CA LYS B 337 -10.30 16.61 7.45
C LYS B 337 -9.46 16.08 6.30
N SER B 338 -10.00 16.18 5.08
CA SER B 338 -9.25 15.85 3.87
C SER B 338 -9.49 16.91 2.80
N SER B 339 -8.41 17.45 2.24
CA SER B 339 -8.45 18.41 1.15
C SER B 339 -7.76 17.80 -0.06
N ASN B 340 -8.39 17.92 -1.22
CA ASN B 340 -7.82 17.37 -2.45
C ASN B 340 -8.08 18.32 -3.62
N LEU B 341 -7.14 18.29 -4.57
CA LEU B 341 -7.23 19.07 -5.80
C LEU B 341 -7.06 18.13 -6.97
N LEU B 342 -8.02 18.14 -7.90
CA LEU B 342 -8.00 17.21 -9.03
C LEU B 342 -8.12 17.97 -10.35
N ASP B 343 -7.48 17.41 -11.38
CA ASP B 343 -7.43 17.99 -12.70
C ASP B 343 -8.38 17.21 -13.60
N LEU B 344 -9.60 17.72 -13.76
CA LEU B 344 -10.64 16.99 -14.49
C LEU B 344 -10.24 16.69 -15.93
N LYS B 345 -9.38 17.52 -16.52
CA LYS B 345 -9.00 17.35 -17.91
C LYS B 345 -8.19 16.08 -18.15
N ASN B 346 -7.55 15.52 -17.11
CA ASN B 346 -6.59 14.44 -17.28
C ASN B 346 -6.91 13.30 -16.32
N PRO B 347 -7.96 12.54 -16.61
CA PRO B 347 -8.39 11.47 -15.71
C PRO B 347 -7.66 10.16 -15.99
N PHE B 348 -7.91 9.19 -15.12
CA PHE B 348 -7.48 7.82 -15.32
C PHE B 348 -8.68 7.05 -15.84
N PHE B 349 -8.62 6.65 -17.12
CA PHE B 349 -9.68 5.83 -17.71
C PHE B 349 -9.39 4.39 -17.33
N ARG B 350 -10.12 3.89 -16.33
CA ARG B 350 -9.79 2.62 -15.69
C ARG B 350 -10.53 1.42 -16.28
N TYR B 351 -11.77 1.62 -16.71
CA TYR B 351 -12.62 0.52 -17.20
C TYR B 351 -11.86 -0.48 -18.09
N SER C 10 12.28 8.10 44.33
CA SER C 10 10.97 8.72 44.12
C SER C 10 9.82 7.78 44.46
N VAL C 11 8.59 8.31 44.46
CA VAL C 11 7.43 7.48 44.76
C VAL C 11 7.33 6.31 43.80
N PHE C 12 7.58 6.57 42.50
CA PHE C 12 7.47 5.51 41.51
C PHE C 12 8.56 4.45 41.71
N SER C 13 9.80 4.89 41.91
CA SER C 13 10.89 3.93 42.14
C SER C 13 10.62 3.07 43.37
N GLU C 14 10.06 3.68 44.42
CA GLU C 14 9.92 2.96 45.68
C GLU C 14 8.89 1.84 45.60
N ARG C 15 7.96 1.90 44.64
CA ARG C 15 6.90 0.91 44.54
C ARG C 15 7.06 -0.04 43.35
N THR C 16 8.14 0.07 42.58
CA THR C 16 8.25 -0.65 41.31
C THR C 16 9.61 -1.33 41.20
N GLU C 17 9.59 -2.65 40.96
CA GLU C 17 10.82 -3.34 40.64
C GLU C 17 11.37 -2.82 39.31
N GLU C 18 12.68 -2.62 39.26
CA GLU C 18 13.27 -1.99 38.08
C GLU C 18 13.07 -2.85 36.83
N SER C 19 13.08 -4.17 36.99
CA SER C 19 12.93 -5.03 35.82
C SER C 19 11.51 -5.00 35.26
N SER C 20 10.50 -4.86 36.12
CA SER C 20 9.15 -4.66 35.64
C SER C 20 9.02 -3.32 34.91
N ALA C 21 9.67 -2.28 35.43
CA ALA C 21 9.56 -0.95 34.83
C ALA C 21 10.24 -0.91 33.47
N VAL C 22 11.42 -1.52 33.33
CA VAL C 22 12.10 -1.54 32.04
C VAL C 22 11.17 -2.13 30.98
N GLN C 23 10.63 -3.32 31.26
CA GLN C 23 9.78 -3.98 30.27
C GLN C 23 8.50 -3.19 30.03
N TYR C 24 7.96 -2.56 31.07
CA TYR C 24 6.71 -1.81 30.94
C TYR C 24 6.87 -0.66 29.96
N PHE C 25 7.88 0.19 30.17
CA PHE C 25 8.05 1.34 29.29
C PHE C 25 8.61 0.98 27.93
N GLN C 26 9.32 -0.14 27.81
CA GLN C 26 9.70 -0.63 26.50
C GLN C 26 8.47 -0.93 25.66
N PHE C 27 7.48 -1.63 26.24
CA PHE C 27 6.23 -1.88 25.55
C PHE C 27 5.64 -0.59 25.00
N TYR C 28 5.57 0.45 25.83
CA TYR C 28 4.98 1.72 25.45
C TYR C 28 5.90 2.58 24.58
N GLY C 29 7.11 2.13 24.30
CA GLY C 29 7.95 2.82 23.35
C GLY C 29 7.62 2.53 21.91
N TYR C 30 6.74 1.56 21.65
CA TYR C 30 6.42 1.16 20.29
C TYR C 30 5.27 1.99 19.74
N LEU C 31 5.48 2.58 18.56
CA LEU C 31 4.41 3.26 17.85
C LEU C 31 3.26 2.32 17.56
N SER C 32 3.56 1.05 17.31
CA SER C 32 2.50 0.07 17.06
C SER C 32 1.56 -0.05 18.25
N GLN C 33 2.06 0.16 19.48
CA GLN C 33 1.18 0.09 20.64
C GLN C 33 0.37 1.35 20.82
N GLN C 34 0.95 2.52 20.52
CA GLN C 34 0.13 3.71 20.41
C GLN C 34 -0.99 3.47 19.40
N GLN C 35 -0.62 2.96 18.23
CA GLN C 35 -1.60 2.70 17.19
C GLN C 35 -2.71 1.79 17.68
N ASN C 36 -2.35 0.76 18.45
CA ASN C 36 -3.36 -0.18 18.96
C ASN C 36 -4.42 0.55 19.78
N MET C 37 -3.99 1.43 20.69
CA MET C 37 -4.93 2.16 21.51
C MET C 37 -5.65 3.23 20.69
N MET C 38 -4.93 3.96 19.85
CA MET C 38 -5.54 5.03 19.08
C MET C 38 -6.64 4.50 18.17
N GLN C 39 -6.46 3.31 17.59
CA GLN C 39 -7.45 2.74 16.68
C GLN C 39 -8.64 2.14 17.42
N ASP C 40 -8.66 2.19 18.74
CA ASP C 40 -9.85 1.83 19.51
C ASP C 40 -10.77 3.03 19.46
N TYR C 41 -11.70 3.03 18.51
CA TYR C 41 -12.52 4.21 18.28
C TYR C 41 -13.35 4.57 19.50
N VAL C 42 -13.88 3.56 20.19
CA VAL C 42 -14.58 3.82 21.45
C VAL C 42 -13.70 4.64 22.37
N ARG C 43 -12.49 4.14 22.62
CA ARG C 43 -11.57 4.82 23.53
C ARG C 43 -11.22 6.22 23.04
N THR C 44 -10.74 6.33 21.80
CA THR C 44 -10.25 7.60 21.30
C THR C 44 -11.38 8.58 21.03
N GLY C 45 -12.46 8.11 20.41
CA GLY C 45 -13.59 8.99 20.14
C GLY C 45 -14.24 9.52 21.39
N THR C 46 -14.38 8.68 22.41
CA THR C 46 -15.01 9.10 23.66
C THR C 46 -14.18 10.15 24.38
N TYR C 47 -12.88 9.92 24.54
CA TYR C 47 -12.01 10.94 25.09
C TYR C 47 -12.16 12.25 24.34
N GLN C 48 -12.14 12.19 23.01
CA GLN C 48 -12.27 13.42 22.22
C GLN C 48 -13.60 14.11 22.47
N ARG C 49 -14.70 13.34 22.50
CA ARG C 49 -16.00 13.94 22.75
C ARG C 49 -16.08 14.53 24.16
N ALA C 50 -15.59 13.81 25.17
CA ALA C 50 -15.61 14.33 26.52
C ALA C 50 -14.88 15.66 26.61
N ILE C 51 -13.78 15.80 25.89
CA ILE C 51 -12.95 17.01 25.99
C ILE C 51 -13.57 18.15 25.21
N LEU C 52 -14.00 17.88 23.97
CA LEU C 52 -14.54 18.94 23.12
C LEU C 52 -15.92 19.40 23.59
N GLN C 53 -16.78 18.46 23.99
CA GLN C 53 -18.11 18.85 24.46
C GLN C 53 -18.06 19.61 25.79
N ASN C 54 -16.94 19.55 26.51
CA ASN C 54 -16.75 20.34 27.72
C ASN C 54 -15.65 21.37 27.50
N HIS C 55 -15.75 22.11 26.40
CA HIS C 55 -14.70 23.06 26.02
C HIS C 55 -14.49 24.13 27.08
N THR C 56 -15.53 24.52 27.82
CA THR C 56 -15.36 25.53 28.85
C THR C 56 -14.36 25.10 29.92
N ASP C 57 -14.25 23.79 30.18
CA ASP C 57 -13.27 23.30 31.14
C ASP C 57 -11.85 23.38 30.62
N PHE C 58 -11.65 23.64 29.32
CA PHE C 58 -10.33 23.70 28.73
C PHE C 58 -9.98 25.05 28.14
N LYS C 59 -10.96 25.84 27.72
CA LYS C 59 -10.71 27.10 27.04
C LYS C 59 -9.88 28.03 27.92
N ASP C 60 -8.69 28.38 27.44
CA ASP C 60 -7.76 29.28 28.12
C ASP C 60 -7.24 28.73 29.44
N LYS C 61 -7.24 27.40 29.61
CA LYS C 61 -6.86 26.78 30.86
C LYS C 61 -5.48 26.14 30.75
N ILE C 62 -4.86 25.94 31.91
CA ILE C 62 -3.63 25.16 32.01
C ILE C 62 -4.01 23.70 32.22
N VAL C 63 -3.37 22.80 31.46
CA VAL C 63 -3.74 21.39 31.46
C VAL C 63 -2.49 20.55 31.69
N LEU C 64 -2.65 19.47 32.45
CA LEU C 64 -1.62 18.45 32.63
C LEU C 64 -2.12 17.14 32.04
N ASP C 65 -1.32 16.54 31.16
CA ASP C 65 -1.65 15.26 30.53
C ASP C 65 -0.64 14.22 31.02
N VAL C 66 -1.10 13.29 31.84
CA VAL C 66 -0.23 12.33 32.53
C VAL C 66 -0.14 11.05 31.70
N GLY C 67 1.06 10.70 31.24
CA GLY C 67 1.25 9.54 30.42
C GLY C 67 0.68 9.73 29.04
N CYS C 68 1.14 10.79 28.36
CA CYS C 68 0.50 11.25 27.12
C CYS C 68 0.77 10.35 25.93
N GLY C 69 1.69 9.39 26.02
CA GLY C 69 1.99 8.60 24.85
C GLY C 69 2.36 9.49 23.68
N SER C 70 1.69 9.28 22.53
CA SER C 70 1.95 10.11 21.35
C SER C 70 1.38 11.51 21.47
N GLY C 71 0.59 11.78 22.51
CA GLY C 71 0.11 13.12 22.76
C GLY C 71 -1.31 13.40 22.31
N ILE C 72 -2.05 12.37 21.89
CA ILE C 72 -3.37 12.59 21.29
C ILE C 72 -4.27 13.41 22.22
N LEU C 73 -4.27 13.10 23.51
CA LEU C 73 -5.17 13.82 24.42
C LEU C 73 -4.76 15.28 24.55
N SER C 74 -3.46 15.57 24.51
CA SER C 74 -3.03 16.96 24.52
C SER C 74 -3.51 17.70 23.28
N PHE C 75 -3.46 17.04 22.11
CA PHE C 75 -3.99 17.65 20.91
C PHE C 75 -5.48 17.91 21.05
N PHE C 76 -6.20 16.97 21.67
CA PHE C 76 -7.63 17.19 21.92
C PHE C 76 -7.84 18.39 22.84
N ALA C 77 -7.01 18.52 23.87
CA ALA C 77 -7.13 19.67 24.76
C ALA C 77 -6.79 20.97 24.02
N ALA C 78 -5.88 20.91 23.06
CA ALA C 78 -5.60 22.08 22.23
C ALA C 78 -6.78 22.38 21.30
N GLN C 79 -7.41 21.34 20.74
CA GLN C 79 -8.60 21.57 19.93
C GLN C 79 -9.69 22.26 20.73
N ALA C 80 -9.71 22.05 22.05
CA ALA C 80 -10.72 22.64 22.91
C ALA C 80 -10.33 24.02 23.42
N GLY C 81 -9.23 24.59 22.93
CA GLY C 81 -8.87 25.95 23.27
C GLY C 81 -7.97 26.11 24.47
N ALA C 82 -7.31 25.03 24.93
CA ALA C 82 -6.40 25.14 26.06
C ALA C 82 -5.29 26.15 25.77
N ARG C 83 -4.90 26.88 26.81
CA ARG C 83 -3.83 27.87 26.68
C ARG C 83 -2.45 27.23 26.75
N LYS C 84 -2.29 26.26 27.65
CA LYS C 84 -0.99 25.64 27.88
C LYS C 84 -1.23 24.20 28.34
N ILE C 85 -0.49 23.26 27.77
CA ILE C 85 -0.69 21.85 28.03
C ILE C 85 0.68 21.24 28.30
N TYR C 86 0.86 20.74 29.52
CA TYR C 86 2.06 19.99 29.87
C TYR C 86 1.76 18.51 29.68
N ALA C 87 2.50 17.86 28.78
CA ALA C 87 2.33 16.46 28.47
C ALA C 87 3.53 15.71 29.03
N VAL C 88 3.28 14.79 29.96
CA VAL C 88 4.31 14.01 30.64
C VAL C 88 4.21 12.58 30.16
N GLU C 89 5.35 12.01 29.80
CA GLU C 89 5.42 10.64 29.32
C GLU C 89 6.79 10.08 29.67
N ALA C 90 6.80 8.90 30.28
CA ALA C 90 8.05 8.33 30.79
C ALA C 90 8.73 7.41 29.78
N SER C 91 8.00 6.89 28.80
CA SER C 91 8.60 6.05 27.78
C SER C 91 9.29 6.91 26.72
N THR C 92 10.03 6.24 25.83
CA THR C 92 10.64 6.93 24.70
C THR C 92 9.60 7.51 23.75
N MET C 93 8.33 7.11 23.87
CA MET C 93 7.30 7.74 23.05
C MET C 93 7.28 9.26 23.23
N ALA C 94 7.83 9.76 24.33
CA ALA C 94 7.90 11.20 24.54
C ALA C 94 8.61 11.90 23.37
N GLN C 95 9.65 11.27 22.82
CA GLN C 95 10.37 11.89 21.71
C GLN C 95 9.49 11.98 20.47
N HIS C 96 8.66 10.96 20.23
CA HIS C 96 7.74 11.01 19.10
C HIS C 96 6.67 12.06 19.31
N ALA C 97 6.18 12.18 20.55
CA ALA C 97 5.19 13.22 20.85
C ALA C 97 5.74 14.61 20.53
N GLU C 98 7.00 14.87 20.89
CA GLU C 98 7.59 16.16 20.59
C GLU C 98 7.65 16.43 19.09
N VAL C 99 7.86 15.38 18.29
CA VAL C 99 7.83 15.52 16.85
C VAL C 99 6.43 15.91 16.38
N LEU C 100 5.40 15.31 16.98
CA LEU C 100 4.03 15.63 16.56
C LEU C 100 3.67 17.05 16.94
N VAL C 101 4.10 17.51 18.12
CA VAL C 101 3.79 18.86 18.55
C VAL C 101 4.37 19.87 17.57
N LYS C 102 5.61 19.66 17.13
CA LYS C 102 6.23 20.60 16.21
C LYS C 102 5.58 20.54 14.83
N SER C 103 5.30 19.34 14.32
CA SER C 103 4.70 19.23 13.00
C SER C 103 3.30 19.82 12.97
N ASN C 104 2.60 19.82 14.09
CA ASN C 104 1.27 20.41 14.21
C ASN C 104 1.30 21.87 14.68
N ASN C 105 2.47 22.51 14.66
CA ASN C 105 2.60 23.94 14.92
C ASN C 105 2.02 24.32 16.28
N LEU C 106 2.24 23.48 17.29
CA LEU C 106 1.66 23.70 18.61
C LEU C 106 2.73 23.81 19.70
N THR C 107 3.96 24.16 19.33
CA THR C 107 5.02 24.25 20.34
C THR C 107 4.72 25.34 21.36
N ASP C 108 3.97 26.38 20.97
CA ASP C 108 3.63 27.44 21.90
C ASP C 108 2.64 26.99 22.96
N ARG C 109 1.89 25.91 22.72
CA ARG C 109 0.82 25.51 23.62
C ARG C 109 1.06 24.18 24.34
N ILE C 110 1.82 23.26 23.75
CA ILE C 110 2.05 21.93 24.31
C ILE C 110 3.54 21.78 24.58
N VAL C 111 3.88 21.57 25.85
CA VAL C 111 5.25 21.29 26.27
C VAL C 111 5.34 19.82 26.63
N VAL C 112 6.17 19.08 25.92
CA VAL C 112 6.42 17.69 26.23
C VAL C 112 7.52 17.62 27.28
N ILE C 113 7.25 16.91 28.36
CA ILE C 113 8.21 16.71 29.44
C ILE C 113 8.47 15.22 29.58
N PRO C 114 9.58 14.73 29.06
CA PRO C 114 9.90 13.30 29.23
C PRO C 114 10.22 12.99 30.68
N GLY C 115 9.74 11.85 31.13
CA GLY C 115 10.00 11.36 32.46
C GLY C 115 8.73 10.98 33.20
N LYS C 116 8.93 10.43 34.39
CA LYS C 116 7.82 9.97 35.21
C LYS C 116 7.19 11.15 35.93
N VAL C 117 5.86 11.14 36.03
CA VAL C 117 5.17 12.27 36.64
C VAL C 117 5.57 12.43 38.10
N GLU C 118 6.08 11.37 38.72
CA GLU C 118 6.54 11.45 40.10
C GLU C 118 7.95 12.01 40.24
N GLU C 119 8.60 12.39 39.15
CA GLU C 119 10.00 12.79 39.18
C GLU C 119 10.25 14.09 38.43
N VAL C 120 9.40 14.42 37.46
CA VAL C 120 9.59 15.64 36.69
C VAL C 120 9.19 16.85 37.52
N SER C 121 9.70 18.02 37.11
CA SER C 121 9.34 19.30 37.72
C SER C 121 8.39 20.02 36.77
N LEU C 122 7.21 20.35 37.27
CA LEU C 122 6.28 21.19 36.53
C LEU C 122 6.32 22.60 37.09
N PRO C 123 6.47 23.64 36.25
CA PRO C 123 6.63 24.99 36.78
C PRO C 123 5.33 25.65 37.24
N GLU C 124 4.18 25.06 36.95
CA GLU C 124 2.90 25.71 37.16
C GLU C 124 1.91 24.74 37.78
N GLN C 125 0.97 25.28 38.54
CA GLN C 125 -0.24 24.55 38.89
C GLN C 125 -1.19 24.60 37.71
N VAL C 126 -2.02 23.56 37.59
CA VAL C 126 -2.86 23.38 36.41
C VAL C 126 -4.33 23.43 36.83
N ASP C 127 -5.19 23.70 35.85
CA ASP C 127 -6.62 23.77 36.08
C ASP C 127 -7.32 22.42 35.95
N ILE C 128 -6.73 21.48 35.23
CA ILE C 128 -7.37 20.20 34.98
C ILE C 128 -6.31 19.21 34.52
N ILE C 129 -6.43 17.97 34.98
CA ILE C 129 -5.51 16.90 34.62
C ILE C 129 -6.28 15.92 33.74
N ILE C 130 -5.68 15.54 32.63
CA ILE C 130 -6.26 14.54 31.74
C ILE C 130 -5.30 13.37 31.67
N SER C 131 -5.84 12.17 31.50
CA SER C 131 -5.01 10.97 31.44
C SER C 131 -5.87 9.79 31.02
N GLU C 132 -5.21 8.76 30.51
CA GLU C 132 -5.82 7.46 30.29
C GLU C 132 -5.05 6.47 31.14
N PRO C 133 -5.32 6.43 32.45
CA PRO C 133 -4.57 5.54 33.34
C PRO C 133 -5.18 4.15 33.54
N MET C 134 -6.16 3.77 32.73
CA MET C 134 -6.86 2.49 32.94
C MET C 134 -6.11 1.37 32.24
N GLY C 135 -5.75 0.33 33.00
CA GLY C 135 -5.34 -0.93 32.41
C GLY C 135 -6.52 -1.89 32.39
N TYR C 136 -6.27 -3.11 31.95
CA TYR C 136 -7.34 -4.10 31.99
C TYR C 136 -7.71 -4.39 33.45
N MET C 137 -8.99 -4.67 33.67
CA MET C 137 -9.57 -4.68 35.02
C MET C 137 -9.34 -3.36 35.74
N LEU C 138 -9.27 -2.26 34.97
CA LEU C 138 -9.02 -0.91 35.46
C LEU C 138 -7.68 -0.73 36.17
N PHE C 139 -7.36 -1.59 37.14
CA PHE C 139 -6.28 -1.31 38.08
C PHE C 139 -4.91 -1.79 37.62
N ASN C 140 -4.83 -2.77 36.72
CA ASN C 140 -3.53 -3.21 36.24
C ASN C 140 -2.70 -2.02 35.75
N GLU C 141 -1.38 -2.13 35.90
CA GLU C 141 -0.39 -1.12 35.53
C GLU C 141 -0.13 -0.15 36.68
N ARG C 142 -1.07 -0.06 37.62
CA ARG C 142 -0.95 0.86 38.74
C ARG C 142 -0.73 2.30 38.27
N MET C 143 -1.24 2.61 37.09
CA MET C 143 -1.16 3.96 36.55
C MET C 143 -2.15 4.91 37.23
N LEU C 144 -3.20 4.37 37.85
CA LEU C 144 -4.12 5.22 38.62
C LEU C 144 -3.41 5.95 39.74
N GLU C 145 -2.36 5.35 40.33
CA GLU C 145 -1.65 6.02 41.41
C GLU C 145 -0.81 7.17 40.87
N SER C 146 -0.22 7.02 39.67
CA SER C 146 0.48 8.13 39.06
C SER C 146 -0.50 9.25 38.72
N TYR C 147 -1.69 8.90 38.27
CA TYR C 147 -2.72 9.90 37.96
C TYR C 147 -3.10 10.67 39.22
N LEU C 148 -3.30 9.96 40.34
CA LEU C 148 -3.65 10.61 41.61
C LEU C 148 -2.48 11.39 42.18
N HIS C 149 -1.26 10.86 42.01
CA HIS C 149 -0.06 11.58 42.45
C HIS C 149 0.09 12.93 41.77
N ALA C 150 -0.35 13.03 40.50
CA ALA C 150 -0.25 14.30 39.77
C ALA C 150 -1.12 15.39 40.36
N LYS C 151 -2.04 15.07 41.27
CA LYS C 151 -2.87 16.10 41.88
C LYS C 151 -2.05 17.09 42.70
N LYS C 152 -0.80 16.77 43.04
CA LYS C 152 0.04 17.77 43.69
C LYS C 152 0.24 18.99 42.80
N TYR C 153 -0.01 18.86 41.49
CA TYR C 153 0.08 19.97 40.57
C TYR C 153 -1.25 20.62 40.28
N LEU C 154 -2.34 20.15 40.91
CA LEU C 154 -3.68 20.61 40.58
C LEU C 154 -4.10 21.74 41.51
N LYS C 155 -4.55 22.84 40.92
CA LYS C 155 -5.11 23.93 41.73
C LYS C 155 -6.27 23.40 42.56
N PRO C 156 -6.55 24.02 43.72
CA PRO C 156 -7.81 23.74 44.41
C PRO C 156 -8.99 24.04 43.49
N SER C 157 -10.00 23.19 43.56
CA SER C 157 -11.18 23.28 42.70
C SER C 157 -10.83 23.03 41.22
N GLY C 158 -9.68 22.45 40.94
CA GLY C 158 -9.40 21.96 39.61
C GLY C 158 -10.14 20.66 39.35
N ASN C 159 -10.07 20.18 38.11
CA ASN C 159 -10.86 19.04 37.68
C ASN C 159 -9.96 17.92 37.20
N MET C 160 -10.57 16.75 37.02
CA MET C 160 -9.88 15.53 36.61
C MET C 160 -10.68 14.86 35.52
N PHE C 161 -10.02 14.52 34.42
CA PHE C 161 -10.64 13.89 33.25
C PHE C 161 -9.87 12.62 32.92
N PRO C 162 -10.35 11.44 33.32
CA PRO C 162 -11.66 11.17 33.93
C PRO C 162 -11.77 11.58 35.40
N THR C 163 -13.01 11.77 35.83
CA THR C 163 -13.28 12.25 37.17
C THR C 163 -13.53 11.11 38.16
N ILE C 164 -14.13 10.01 37.72
CA ILE C 164 -14.35 8.85 38.57
C ILE C 164 -14.19 7.58 37.74
N GLY C 165 -13.77 6.51 38.41
CA GLY C 165 -13.75 5.20 37.80
C GLY C 165 -14.58 4.22 38.60
N ASP C 166 -15.48 3.50 37.92
CA ASP C 166 -16.26 2.42 38.51
C ASP C 166 -15.72 1.09 38.00
N VAL C 167 -15.35 0.20 38.90
CA VAL C 167 -15.09 -1.20 38.53
C VAL C 167 -16.33 -2.00 38.88
N HIS C 168 -16.75 -2.87 37.97
CA HIS C 168 -17.95 -3.67 38.16
C HIS C 168 -17.57 -5.14 38.28
N LEU C 169 -18.26 -5.84 39.19
CA LEU C 169 -18.04 -7.26 39.46
C LEU C 169 -19.38 -7.97 39.35
N ALA C 170 -19.38 -9.13 38.70
CA ALA C 170 -20.60 -9.91 38.56
C ALA C 170 -20.26 -11.39 38.50
N PRO C 171 -21.07 -12.25 39.11
CA PRO C 171 -20.82 -13.69 39.01
C PRO C 171 -21.24 -14.19 37.64
N PHE C 172 -20.51 -15.20 37.15
CA PHE C 172 -20.80 -15.75 35.83
C PHE C 172 -20.81 -17.27 35.91
N THR C 173 -21.48 -17.88 34.94
CA THR C 173 -21.43 -19.32 34.73
C THR C 173 -20.84 -19.56 33.35
N ASP C 174 -19.78 -20.39 33.29
CA ASP C 174 -19.15 -20.73 32.01
C ASP C 174 -18.52 -22.11 32.19
N GLU C 175 -19.35 -23.14 32.04
CA GLU C 175 -18.90 -24.50 32.24
C GLU C 175 -17.72 -24.84 31.33
N GLN C 176 -17.78 -24.42 30.08
CA GLN C 176 -16.71 -24.78 29.14
C GLN C 176 -15.39 -24.13 29.54
N LEU C 177 -15.43 -22.85 29.92
CA LEU C 177 -14.21 -22.19 30.39
C LEU C 177 -13.63 -22.94 31.59
N TYR C 178 -14.47 -23.32 32.55
CA TYR C 178 -13.97 -24.01 33.72
C TYR C 178 -13.32 -25.33 33.33
N MET C 179 -13.99 -26.13 32.49
CA MET C 179 -13.48 -27.46 32.16
C MET C 179 -12.24 -27.39 31.29
N GLU C 180 -12.09 -26.31 30.52
CA GLU C 180 -10.91 -26.12 29.67
C GLU C 180 -9.62 -26.14 30.48
N GLN C 181 -9.66 -25.62 31.72
CA GLN C 181 -8.48 -25.63 32.56
C GLN C 181 -7.98 -27.05 32.82
N PHE C 182 -8.89 -27.98 33.06
CA PHE C 182 -8.46 -29.34 33.34
C PHE C 182 -8.06 -30.09 32.08
N THR C 183 -8.74 -29.82 30.96
CA THR C 183 -8.34 -30.42 29.70
C THR C 183 -6.91 -30.04 29.34
N LYS C 184 -6.51 -28.80 29.62
CA LYS C 184 -5.14 -28.39 29.33
C LYS C 184 -4.16 -29.02 30.33
N ALA C 185 -4.52 -29.03 31.61
CA ALA C 185 -3.63 -29.58 32.62
C ALA C 185 -3.49 -31.09 32.50
N ASN C 186 -4.53 -31.77 32.01
CA ASN C 186 -4.47 -33.23 31.86
C ASN C 186 -3.50 -33.68 30.77
N PHE C 187 -2.86 -32.75 30.06
CA PHE C 187 -1.70 -33.15 29.26
C PHE C 187 -0.69 -33.90 30.13
N TRP C 188 -0.52 -33.46 31.37
CA TRP C 188 0.44 -34.06 32.27
C TRP C 188 -0.06 -35.36 32.87
N TYR C 189 -1.35 -35.66 32.77
CA TYR C 189 -1.88 -36.89 33.37
C TYR C 189 -1.81 -38.02 32.34
N GLN C 190 -0.58 -38.43 32.05
CA GLN C 190 -0.37 -39.62 31.26
C GLN C 190 0.86 -40.35 31.77
N PRO C 191 0.84 -41.69 31.77
CA PRO C 191 1.92 -42.45 32.40
C PRO C 191 3.12 -42.72 31.52
N SER C 192 3.05 -42.41 30.23
CA SER C 192 4.16 -42.69 29.33
C SER C 192 4.10 -41.70 28.16
N PHE C 193 4.44 -40.45 28.44
CA PHE C 193 4.71 -39.47 27.40
C PHE C 193 6.12 -39.74 26.89
N HIS C 194 6.24 -40.38 25.72
CA HIS C 194 7.55 -40.80 25.22
C HIS C 194 8.30 -41.58 26.30
N GLY C 195 7.56 -42.39 27.04
CA GLY C 195 8.17 -43.24 28.06
C GLY C 195 8.31 -42.60 29.42
N VAL C 196 7.80 -41.39 29.63
CA VAL C 196 7.99 -40.67 30.89
C VAL C 196 6.62 -40.46 31.53
N ASP C 197 6.55 -40.71 32.84
CA ASP C 197 5.32 -40.51 33.60
C ASP C 197 5.26 -39.06 34.03
N LEU C 198 4.33 -38.31 33.44
CA LEU C 198 4.18 -36.88 33.72
C LEU C 198 3.19 -36.60 34.83
N SER C 199 2.51 -37.63 35.35
CA SER C 199 1.33 -37.43 36.20
C SER C 199 1.62 -36.54 37.39
N ALA C 200 2.82 -36.65 37.98
CA ALA C 200 3.09 -35.95 39.23
C ALA C 200 3.01 -34.44 39.12
N LEU C 201 3.05 -33.87 37.91
CA LEU C 201 2.98 -32.44 37.73
C LEU C 201 1.58 -31.94 37.37
N ARG C 202 0.60 -32.84 37.29
CA ARG C 202 -0.73 -32.44 36.86
C ARG C 202 -1.33 -31.43 37.81
N GLY C 203 -1.17 -31.64 39.11
CA GLY C 203 -1.74 -30.71 40.09
C GLY C 203 -1.12 -29.33 39.99
N ALA C 204 0.19 -29.27 39.79
CA ALA C 204 0.87 -27.99 39.64
C ALA C 204 0.40 -27.29 38.37
N ALA C 205 0.19 -28.05 37.29
CA ALA C 205 -0.34 -27.46 36.06
C ALA C 205 -1.71 -26.84 36.31
N VAL C 206 -2.58 -27.55 37.05
CA VAL C 206 -3.91 -27.01 37.34
C VAL C 206 -3.79 -25.70 38.10
N ASP C 207 -2.99 -25.69 39.18
CA ASP C 207 -2.87 -24.49 39.98
C ASP C 207 -2.38 -23.32 39.13
N GLU C 208 -1.49 -23.60 38.18
CA GLU C 208 -0.94 -22.56 37.33
C GLU C 208 -2.02 -21.91 36.47
N TYR C 209 -2.92 -22.71 35.90
CA TYR C 209 -3.96 -22.15 35.03
C TYR C 209 -4.95 -21.32 35.83
N PHE C 210 -5.25 -21.74 37.05
CA PHE C 210 -6.24 -21.04 37.87
C PHE C 210 -5.72 -19.73 38.44
N ARG C 211 -4.40 -19.53 38.47
CA ARG C 211 -3.83 -18.25 38.90
C ARG C 211 -3.92 -17.18 37.82
N GLN C 212 -4.33 -17.53 36.61
CA GLN C 212 -4.36 -16.59 35.50
C GLN C 212 -5.76 -16.02 35.32
N PRO C 213 -5.96 -14.72 35.46
CA PRO C 213 -7.23 -14.14 34.97
C PRO C 213 -7.35 -14.31 33.48
N VAL C 214 -8.60 -14.41 33.02
CA VAL C 214 -8.91 -14.64 31.61
C VAL C 214 -9.36 -13.32 31.00
N VAL C 215 -8.58 -12.80 30.06
CA VAL C 215 -8.91 -11.58 29.34
C VAL C 215 -9.55 -11.98 28.01
N ASP C 216 -10.84 -11.73 27.90
CA ASP C 216 -11.58 -11.88 26.65
C ASP C 216 -12.97 -11.32 26.90
N THR C 217 -13.86 -11.48 25.93
CA THR C 217 -15.23 -11.02 26.09
C THR C 217 -16.15 -12.24 26.17
N PHE C 218 -17.43 -11.98 26.37
CA PHE C 218 -18.39 -13.05 26.59
C PHE C 218 -19.79 -12.55 26.29
N ASP C 219 -20.71 -13.49 26.18
CA ASP C 219 -22.13 -13.19 26.05
C ASP C 219 -22.69 -12.79 27.40
N ILE C 220 -23.44 -11.69 27.45
CA ILE C 220 -23.97 -11.18 28.71
C ILE C 220 -24.93 -12.15 29.37
N ARG C 221 -25.36 -13.20 28.65
CA ARG C 221 -26.26 -14.18 29.24
C ARG C 221 -25.56 -15.11 30.24
N ILE C 222 -24.22 -15.08 30.31
CA ILE C 222 -23.53 -15.87 31.33
C ILE C 222 -23.52 -15.19 32.68
N LEU C 223 -23.91 -13.92 32.76
CA LEU C 223 -23.96 -13.21 34.03
C LEU C 223 -25.21 -13.61 34.80
N MET C 224 -25.06 -13.81 36.11
CA MET C 224 -26.12 -14.37 36.93
C MET C 224 -26.63 -13.43 38.00
N ALA C 225 -26.15 -12.19 38.02
CA ALA C 225 -26.66 -11.19 38.96
C ALA C 225 -26.20 -9.83 38.47
N LYS C 226 -26.89 -8.80 38.95
CA LYS C 226 -26.46 -7.43 38.65
C LYS C 226 -25.09 -7.20 39.26
N SER C 227 -24.25 -6.46 38.54
CA SER C 227 -22.91 -6.23 39.00
C SER C 227 -22.92 -5.43 40.31
N VAL C 228 -21.85 -5.57 41.05
CA VAL C 228 -21.55 -4.72 42.18
C VAL C 228 -20.50 -3.71 41.74
N LYS C 229 -20.69 -2.47 42.13
CA LYS C 229 -19.89 -1.36 41.66
C LYS C 229 -19.00 -0.85 42.78
N TYR C 230 -17.72 -0.66 42.48
CA TYR C 230 -16.77 -0.03 43.40
C TYR C 230 -16.22 1.22 42.74
N THR C 231 -16.56 2.38 43.27
CA THR C 231 -16.24 3.65 42.63
C THR C 231 -14.98 4.24 43.23
N VAL C 232 -14.07 4.70 42.37
CA VAL C 232 -12.93 5.50 42.76
C VAL C 232 -13.19 6.91 42.27
N ASN C 233 -13.29 7.86 43.19
CA ASN C 233 -13.45 9.26 42.84
C ASN C 233 -12.07 9.89 42.72
N PHE C 234 -11.65 10.21 41.51
CA PHE C 234 -10.28 10.67 41.30
C PHE C 234 -10.06 12.06 41.89
N LEU C 235 -11.11 12.85 42.09
CA LEU C 235 -10.95 14.15 42.72
C LEU C 235 -10.69 14.03 44.22
N GLU C 236 -11.25 13.01 44.86
CA GLU C 236 -11.18 12.85 46.31
C GLU C 236 -10.09 11.89 46.78
N ALA C 237 -9.78 10.88 45.98
CA ALA C 237 -8.96 9.78 46.44
C ALA C 237 -7.48 10.17 46.51
N LYS C 238 -6.77 9.54 47.44
CA LYS C 238 -5.32 9.64 47.52
C LYS C 238 -4.71 8.34 46.99
N GLU C 239 -3.48 8.42 46.51
CA GLU C 239 -2.91 7.23 45.89
C GLU C 239 -2.76 6.08 46.89
N GLY C 240 -2.66 6.38 48.19
CA GLY C 240 -2.66 5.32 49.18
C GLY C 240 -3.91 4.46 49.15
N ASP C 241 -5.03 5.02 48.68
CA ASP C 241 -6.28 4.27 48.60
C ASP C 241 -6.19 3.08 47.66
N LEU C 242 -5.23 3.08 46.72
CA LEU C 242 -5.16 2.03 45.72
C LEU C 242 -4.13 0.96 46.05
N HIS C 243 -3.46 1.05 47.21
CA HIS C 243 -2.52 0.01 47.60
C HIS C 243 -3.24 -1.24 48.07
N ARG C 244 -4.42 -1.09 48.66
CA ARG C 244 -5.21 -2.21 49.17
C ARG C 244 -6.67 -1.88 48.88
N ILE C 245 -7.25 -2.61 47.96
CA ILE C 245 -8.61 -2.34 47.50
C ILE C 245 -9.46 -3.54 47.91
N GLU C 246 -10.37 -3.31 48.84
CA GLU C 246 -11.28 -4.35 49.31
C GLU C 246 -12.66 -4.05 48.73
N ILE C 247 -13.12 -4.92 47.85
CA ILE C 247 -14.43 -4.77 47.24
C ILE C 247 -15.35 -5.82 47.85
N PRO C 248 -16.19 -5.47 48.82
CA PRO C 248 -17.21 -6.41 49.27
C PRO C 248 -18.28 -6.59 48.21
N PHE C 249 -18.88 -7.77 48.19
CA PHE C 249 -20.01 -8.00 47.30
C PHE C 249 -21.04 -8.89 47.98
N LYS C 250 -22.30 -8.64 47.64
CA LYS C 250 -23.39 -9.53 48.00
C LYS C 250 -24.33 -9.52 46.79
N PHE C 251 -24.18 -10.52 45.92
CA PHE C 251 -24.98 -10.55 44.70
C PHE C 251 -26.33 -11.19 44.98
N HIS C 252 -27.38 -10.54 44.49
CA HIS C 252 -28.72 -11.13 44.49
C HIS C 252 -28.86 -11.93 43.19
N MET C 253 -28.86 -13.25 43.29
CA MET C 253 -28.81 -14.10 42.13
C MET C 253 -30.10 -13.98 41.32
N LEU C 254 -29.96 -13.64 40.03
CA LEU C 254 -31.09 -13.55 39.13
C LEU C 254 -31.37 -14.84 38.39
N HIS C 255 -30.38 -15.75 38.33
CA HIS C 255 -30.53 -17.03 37.66
C HIS C 255 -30.00 -18.14 38.56
N SER C 256 -30.43 -19.37 38.29
CA SER C 256 -30.00 -20.52 39.04
C SER C 256 -28.96 -21.30 38.23
N GLY C 257 -27.88 -21.70 38.88
CA GLY C 257 -26.87 -22.50 38.20
C GLY C 257 -25.54 -22.42 38.92
N LEU C 258 -24.55 -23.06 38.32
CA LEU C 258 -23.22 -23.08 38.88
C LEU C 258 -22.48 -21.79 38.56
N VAL C 259 -21.98 -21.14 39.60
CA VAL C 259 -21.15 -19.94 39.47
C VAL C 259 -19.70 -20.39 39.42
N HIS C 260 -19.01 -20.08 38.32
CA HIS C 260 -17.63 -20.50 38.14
C HIS C 260 -16.62 -19.41 38.46
N GLY C 261 -17.06 -18.18 38.66
CA GLY C 261 -16.14 -17.12 39.00
C GLY C 261 -16.80 -15.75 38.89
N LEU C 262 -15.96 -14.73 38.92
CA LEU C 262 -16.38 -13.34 38.85
C LEU C 262 -15.85 -12.70 37.58
N ALA C 263 -16.70 -11.91 36.96
CA ALA C 263 -16.37 -11.17 35.74
C ALA C 263 -16.19 -9.70 36.08
N PHE C 264 -15.19 -9.08 35.47
CA PHE C 264 -14.83 -7.70 35.77
C PHE C 264 -14.90 -6.85 34.51
N TRP C 265 -15.37 -5.61 34.68
CA TRP C 265 -15.22 -4.57 33.68
C TRP C 265 -15.19 -3.24 34.42
N PHE C 266 -15.09 -2.14 33.68
CA PHE C 266 -15.04 -0.83 34.33
C PHE C 266 -15.62 0.25 33.43
N ASP C 267 -16.06 1.32 34.09
CA ASP C 267 -16.47 2.56 33.43
C ASP C 267 -15.66 3.72 34.02
N VAL C 268 -15.49 4.77 33.23
CA VAL C 268 -14.98 6.03 33.74
C VAL C 268 -15.91 7.12 33.24
N ALA C 269 -16.10 8.14 34.06
CA ALA C 269 -16.90 9.30 33.70
C ALA C 269 -16.02 10.53 33.63
N PHE C 270 -16.31 11.38 32.65
CA PHE C 270 -15.68 12.68 32.51
C PHE C 270 -16.73 13.72 32.91
N ILE C 271 -16.63 14.21 34.14
CA ILE C 271 -17.68 15.05 34.72
C ILE C 271 -17.26 16.49 34.45
N GLY C 272 -17.78 17.03 33.35
CA GLY C 272 -17.44 18.38 32.93
C GLY C 272 -18.53 19.38 33.28
N SER C 273 -18.18 20.66 33.13
CA SER C 273 -19.12 21.72 33.45
C SER C 273 -20.35 21.69 32.56
N ILE C 274 -20.19 21.26 31.31
CA ILE C 274 -21.33 21.24 30.39
C ILE C 274 -22.08 19.92 30.46
N MET C 275 -21.36 18.80 30.53
CA MET C 275 -22.01 17.50 30.53
C MET C 275 -21.06 16.44 31.08
N THR C 276 -21.62 15.26 31.35
CA THR C 276 -20.86 14.08 31.73
C THR C 276 -20.83 13.11 30.56
N VAL C 277 -19.63 12.62 30.23
CA VAL C 277 -19.45 11.64 29.17
C VAL C 277 -18.88 10.36 29.80
N TRP C 278 -19.39 9.22 29.36
CA TRP C 278 -19.04 7.92 29.93
C TRP C 278 -18.27 7.08 28.91
N LEU C 279 -17.14 6.53 29.33
CA LEU C 279 -16.40 5.52 28.57
C LEU C 279 -16.57 4.20 29.30
N SER C 280 -17.23 3.24 28.64
CA SER C 280 -17.60 1.98 29.28
C SER C 280 -16.95 0.81 28.57
N THR C 281 -16.50 -0.17 29.35
CA THR C 281 -15.99 -1.44 28.83
C THR C 281 -16.89 -2.60 29.23
N ALA C 282 -18.17 -2.31 29.48
CA ALA C 282 -19.10 -3.34 29.89
C ALA C 282 -19.34 -4.32 28.73
N PRO C 283 -19.68 -5.58 29.04
CA PRO C 283 -20.01 -6.53 27.97
C PRO C 283 -21.31 -6.20 27.24
N THR C 284 -22.11 -5.27 27.76
CA THR C 284 -23.29 -4.79 27.05
C THR C 284 -22.97 -3.70 26.03
N GLU C 285 -21.72 -3.26 25.98
CA GLU C 285 -21.28 -2.18 25.14
C GLU C 285 -20.34 -2.70 24.06
N PRO C 286 -20.11 -1.92 23.00
CA PRO C 286 -19.14 -2.34 21.98
C PRO C 286 -17.79 -2.68 22.59
N LEU C 287 -17.15 -3.71 22.06
CA LEU C 287 -15.91 -4.19 22.63
C LEU C 287 -14.80 -3.16 22.48
N THR C 288 -13.96 -3.04 23.51
CA THR C 288 -12.80 -2.16 23.49
C THR C 288 -11.54 -3.01 23.62
N HIS C 289 -10.38 -2.36 23.48
CA HIS C 289 -9.12 -3.09 23.63
C HIS C 289 -8.86 -3.54 25.05
N TRP C 290 -9.66 -3.06 26.03
CA TRP C 290 -9.57 -3.59 27.39
C TRP C 290 -10.34 -4.90 27.56
N TYR C 291 -11.24 -5.23 26.63
CA TYR C 291 -12.07 -6.41 26.73
C TYR C 291 -12.76 -6.44 28.09
N GLN C 292 -12.90 -7.64 28.67
CA GLN C 292 -13.30 -7.83 30.06
C GLN C 292 -12.38 -8.89 30.67
N VAL C 293 -12.45 -9.04 31.99
CA VAL C 293 -11.60 -9.96 32.72
C VAL C 293 -12.45 -10.88 33.58
N ARG C 294 -12.12 -12.16 33.59
CA ARG C 294 -12.80 -13.14 34.42
C ARG C 294 -11.80 -13.91 35.28
N CYS C 295 -12.12 -14.02 36.56
CA CYS C 295 -11.35 -14.81 37.51
C CYS C 295 -12.20 -15.99 37.95
N LEU C 296 -11.67 -17.19 37.77
CA LEU C 296 -12.39 -18.39 38.15
C LEU C 296 -12.26 -18.64 39.65
N PHE C 297 -13.33 -19.20 40.22
CA PHE C 297 -13.23 -19.89 41.50
C PHE C 297 -12.52 -21.23 41.30
N GLN C 298 -11.88 -21.71 42.37
CA GLN C 298 -11.26 -23.03 42.30
C GLN C 298 -12.32 -24.11 42.11
N SER C 299 -13.48 -23.94 42.75
CA SER C 299 -14.61 -24.84 42.57
C SER C 299 -15.88 -24.03 42.37
N PRO C 300 -16.81 -24.51 41.53
CA PRO C 300 -18.06 -23.78 41.33
C PRO C 300 -18.98 -23.86 42.54
N LEU C 301 -19.89 -22.89 42.62
CA LEU C 301 -20.87 -22.80 43.70
C LEU C 301 -22.27 -22.82 43.10
N PHE C 302 -23.09 -23.78 43.50
CA PHE C 302 -24.47 -23.78 43.06
C PHE C 302 -25.25 -22.71 43.81
N ALA C 303 -25.99 -21.91 43.06
CA ALA C 303 -26.79 -20.83 43.66
C ALA C 303 -28.14 -20.81 42.96
N LYS C 304 -29.20 -20.89 43.76
CA LYS C 304 -30.55 -20.73 43.24
C LYS C 304 -30.82 -19.25 43.00
N ALA C 305 -31.71 -18.97 42.05
CA ALA C 305 -32.17 -17.61 41.87
C ALA C 305 -32.84 -17.13 43.16
N GLY C 306 -32.41 -15.97 43.66
CA GLY C 306 -32.88 -15.45 44.92
C GLY C 306 -31.93 -15.66 46.08
N ASP C 307 -31.02 -16.63 45.97
CA ASP C 307 -29.94 -16.72 46.94
C ASP C 307 -29.04 -15.50 46.83
N THR C 308 -28.13 -15.37 47.78
CA THR C 308 -27.16 -14.29 47.79
C THR C 308 -25.75 -14.89 47.82
N LEU C 309 -24.89 -14.37 46.96
CA LEU C 309 -23.50 -14.77 46.89
C LEU C 309 -22.69 -13.63 47.49
N SER C 310 -22.11 -13.85 48.67
CA SER C 310 -21.40 -12.82 49.39
C SER C 310 -19.93 -13.17 49.55
N GLY C 311 -19.11 -12.14 49.67
CA GLY C 311 -17.68 -12.35 49.75
C GLY C 311 -16.95 -11.03 49.54
N THR C 312 -15.66 -11.14 49.26
CA THR C 312 -14.81 -9.99 49.02
C THR C 312 -13.84 -10.31 47.90
N CYS C 313 -13.60 -9.33 47.05
CA CYS C 313 -12.46 -9.34 46.14
C CYS C 313 -11.45 -8.35 46.69
N LEU C 314 -10.28 -8.86 47.10
CA LEU C 314 -9.25 -8.04 47.71
C LEU C 314 -8.06 -7.91 46.76
N LEU C 315 -7.83 -6.70 46.27
CA LEU C 315 -6.73 -6.41 45.36
C LEU C 315 -5.57 -5.84 46.13
N ILE C 316 -4.42 -6.53 46.10
CA ILE C 316 -3.23 -6.11 46.82
C ILE C 316 -2.19 -5.73 45.77
N ALA C 317 -1.76 -4.48 45.78
CA ALA C 317 -0.79 -4.01 44.80
C ALA C 317 0.57 -4.65 45.06
N ASN C 318 1.31 -4.89 43.98
CA ASN C 318 2.65 -5.45 44.07
C ASN C 318 3.61 -4.59 43.27
N LYS C 319 4.91 -4.88 43.42
CA LYS C 319 5.94 -4.06 42.81
C LYS C 319 6.14 -4.38 41.32
N ARG C 320 5.31 -5.26 40.77
CA ARG C 320 5.27 -5.51 39.33
C ARG C 320 4.18 -4.70 38.64
N GLN C 321 3.87 -3.52 39.18
CA GLN C 321 2.89 -2.62 38.57
C GLN C 321 1.58 -3.33 38.29
N SER C 322 1.19 -4.21 39.21
CA SER C 322 -0.07 -4.91 39.08
C SER C 322 -0.54 -5.31 40.47
N TYR C 323 -1.47 -6.26 40.52
CA TYR C 323 -2.15 -6.64 41.74
C TYR C 323 -2.21 -8.15 41.84
N ASP C 324 -2.19 -8.64 43.07
CA ASP C 324 -2.60 -9.98 43.39
C ASP C 324 -4.06 -9.96 43.79
N ILE C 325 -4.86 -10.84 43.20
CA ILE C 325 -6.31 -10.85 43.36
C ILE C 325 -6.67 -12.01 44.28
N SER C 326 -7.25 -11.68 45.42
CA SER C 326 -7.76 -12.68 46.37
C SER C 326 -9.28 -12.59 46.39
N ILE C 327 -9.94 -13.67 45.98
CA ILE C 327 -11.39 -13.74 45.91
C ILE C 327 -11.87 -14.83 46.84
N VAL C 328 -12.85 -14.49 47.68
CA VAL C 328 -13.55 -15.46 48.51
C VAL C 328 -15.04 -15.23 48.32
N ALA C 329 -15.79 -16.33 48.21
CA ALA C 329 -17.21 -16.23 47.90
C ALA C 329 -17.96 -17.35 48.60
N GLN C 330 -19.23 -17.09 48.90
CA GLN C 330 -20.03 -18.03 49.64
C GLN C 330 -21.49 -17.85 49.26
N VAL C 331 -22.21 -18.96 49.12
CA VAL C 331 -23.66 -18.92 48.97
C VAL C 331 -24.24 -18.90 50.37
N ASP C 332 -24.85 -17.77 50.74
CA ASP C 332 -25.28 -17.59 52.12
C ASP C 332 -26.27 -18.67 52.54
N GLN C 333 -27.23 -19.00 51.67
CA GLN C 333 -28.31 -19.91 52.06
C GLN C 333 -27.85 -21.35 52.22
N THR C 334 -26.66 -21.71 51.73
CA THR C 334 -26.16 -23.07 51.81
C THR C 334 -24.81 -23.21 52.51
N GLY C 335 -24.08 -22.11 52.71
CA GLY C 335 -22.79 -22.18 53.35
C GLY C 335 -21.66 -22.66 52.47
N SER C 336 -21.96 -23.02 51.21
CA SER C 336 -20.92 -23.49 50.29
C SER C 336 -19.96 -22.35 49.95
N LYS C 337 -18.66 -22.62 50.04
CA LYS C 337 -17.64 -21.59 49.91
C LYS C 337 -16.62 -22.00 48.86
N SER C 338 -16.06 -21.00 48.18
CA SER C 338 -14.88 -21.23 47.35
C SER C 338 -14.05 -19.96 47.37
N SER C 339 -12.87 -20.05 46.77
CA SER C 339 -11.97 -18.91 46.70
C SER C 339 -11.01 -19.12 45.53
N ASN C 340 -10.17 -18.12 45.28
CA ASN C 340 -9.04 -18.29 44.38
C ASN C 340 -8.10 -17.12 44.58
N LEU C 341 -6.85 -17.31 44.15
CA LEU C 341 -5.82 -16.30 44.26
C LEU C 341 -5.13 -16.21 42.91
N LEU C 342 -5.22 -15.05 42.27
CA LEU C 342 -4.79 -14.89 40.88
C LEU C 342 -3.73 -13.80 40.77
N ASP C 343 -2.91 -13.91 39.73
CA ASP C 343 -1.82 -12.98 39.45
C ASP C 343 -2.23 -12.15 38.24
N LEU C 344 -2.68 -10.91 38.50
CA LEU C 344 -3.22 -10.08 37.42
C LEU C 344 -2.16 -9.74 36.39
N LYS C 345 -0.88 -9.73 36.77
CA LYS C 345 0.17 -9.34 35.85
C LYS C 345 0.31 -10.30 34.68
N ASN C 346 -0.12 -11.55 34.83
CA ASN C 346 0.10 -12.59 33.81
C ASN C 346 -1.21 -13.30 33.45
N PRO C 347 -2.10 -12.61 32.74
CA PRO C 347 -3.39 -13.19 32.39
C PRO C 347 -3.27 -14.10 31.17
N PHE C 348 -4.39 -14.77 30.87
CA PHE C 348 -4.53 -15.59 29.68
C PHE C 348 -5.44 -14.85 28.71
N PHE C 349 -4.87 -14.46 27.56
CA PHE C 349 -5.62 -13.76 26.53
C PHE C 349 -6.31 -14.80 25.65
N ARG C 350 -7.58 -15.02 25.92
CA ARG C 350 -8.35 -16.12 25.34
C ARG C 350 -9.20 -15.70 24.15
N TYR C 351 -9.29 -14.41 23.84
CA TYR C 351 -10.18 -13.94 22.80
C TYR C 351 -9.79 -14.52 21.44
N THR C 352 -10.80 -14.77 20.62
CA THR C 352 -10.61 -15.37 19.30
C THR C 352 -11.27 -14.52 18.22
N SER D 10 29.70 -13.52 36.58
CA SER D 10 29.75 -14.72 35.75
C SER D 10 29.57 -14.36 34.28
N VAL D 11 29.98 -15.28 33.40
CA VAL D 11 29.91 -15.02 31.96
C VAL D 11 28.48 -14.71 31.53
N PHE D 12 27.50 -15.43 32.07
CA PHE D 12 26.11 -15.14 31.72
C PHE D 12 25.73 -13.75 32.19
N SER D 13 26.06 -13.43 33.43
CA SER D 13 25.68 -12.14 33.99
C SER D 13 26.30 -11.00 33.20
N GLU D 14 27.53 -11.16 32.74
CA GLU D 14 28.23 -10.06 32.09
C GLU D 14 27.62 -9.73 30.73
N ARG D 15 26.97 -10.70 30.09
CA ARG D 15 26.47 -10.50 28.73
C ARG D 15 24.95 -10.33 28.68
N THR D 16 24.29 -10.20 29.84
CA THR D 16 22.83 -10.20 29.89
C THR D 16 22.33 -9.07 30.79
N GLU D 17 21.43 -8.23 30.26
CA GLU D 17 20.71 -7.30 31.11
C GLU D 17 19.89 -8.07 32.14
N GLU D 18 19.90 -7.58 33.38
CA GLU D 18 19.17 -8.28 34.43
C GLU D 18 17.69 -8.39 34.09
N SER D 19 17.09 -7.31 33.60
CA SER D 19 15.64 -7.33 33.37
C SER D 19 15.26 -8.25 32.21
N SER D 20 16.14 -8.44 31.23
CA SER D 20 15.89 -9.44 30.20
C SER D 20 15.90 -10.84 30.78
N ALA D 21 16.86 -11.13 31.67
CA ALA D 21 16.95 -12.47 32.26
C ALA D 21 15.74 -12.76 33.14
N VAL D 22 15.28 -11.78 33.91
CA VAL D 22 14.09 -12.01 34.74
C VAL D 22 12.93 -12.46 33.86
N GLN D 23 12.65 -11.69 32.81
CA GLN D 23 11.54 -12.03 31.91
C GLN D 23 11.80 -13.34 31.18
N TYR D 24 13.03 -13.55 30.72
CA TYR D 24 13.38 -14.77 30.01
C TYR D 24 13.05 -16.00 30.86
N PHE D 25 13.61 -16.06 32.09
CA PHE D 25 13.43 -17.25 32.91
C PHE D 25 12.04 -17.32 33.53
N GLN D 26 11.37 -16.18 33.69
CA GLN D 26 9.96 -16.22 34.05
C GLN D 26 9.17 -17.00 33.02
N PHE D 27 9.44 -16.77 31.73
CA PHE D 27 8.72 -17.48 30.68
C PHE D 27 8.90 -18.98 30.81
N TYR D 28 10.11 -19.43 31.09
CA TYR D 28 10.37 -20.86 31.13
C TYR D 28 9.95 -21.50 32.46
N GLY D 29 9.56 -20.70 33.45
CA GLY D 29 9.04 -21.29 34.68
C GLY D 29 7.63 -21.82 34.58
N TYR D 30 6.95 -21.58 33.46
CA TYR D 30 5.56 -21.97 33.30
C TYR D 30 5.45 -23.38 32.74
N LEU D 31 4.68 -24.23 33.43
CA LEU D 31 4.45 -25.58 32.93
C LEU D 31 3.75 -25.54 31.58
N SER D 32 2.87 -24.57 31.35
CA SER D 32 2.20 -24.50 30.07
C SER D 32 3.19 -24.26 28.93
N GLN D 33 4.34 -23.67 29.22
CA GLN D 33 5.35 -23.48 28.18
C GLN D 33 6.16 -24.74 27.94
N GLN D 34 6.39 -25.55 28.98
CA GLN D 34 6.93 -26.87 28.76
C GLN D 34 5.99 -27.71 27.91
N GLN D 35 4.70 -27.72 28.27
CA GLN D 35 3.71 -28.40 27.44
C GLN D 35 3.80 -27.94 26.00
N ASN D 36 3.93 -26.63 25.78
CA ASN D 36 3.95 -26.09 24.42
C ASN D 36 5.07 -26.73 23.61
N MET D 37 6.28 -26.79 24.16
CA MET D 37 7.40 -27.37 23.41
C MET D 37 7.28 -28.88 23.34
N MET D 38 6.82 -29.51 24.43
CA MET D 38 6.73 -30.97 24.45
C MET D 38 5.71 -31.46 23.43
N GLN D 39 4.61 -30.73 23.24
CA GLN D 39 3.59 -31.15 22.30
C GLN D 39 4.01 -30.94 20.85
N ASP D 40 5.14 -30.30 20.60
CA ASP D 40 5.72 -30.27 19.26
C ASP D 40 6.29 -31.65 18.98
N TYR D 41 5.51 -32.49 18.29
CA TYR D 41 5.91 -33.89 18.13
C TYR D 41 7.12 -34.04 17.21
N VAL D 42 7.25 -33.19 16.19
CA VAL D 42 8.47 -33.19 15.39
C VAL D 42 9.68 -32.97 16.28
N ARG D 43 9.57 -31.98 17.16
CA ARG D 43 10.67 -31.64 18.05
C ARG D 43 10.98 -32.77 19.02
N THR D 44 10.00 -33.14 19.85
CA THR D 44 10.28 -34.14 20.90
C THR D 44 10.58 -35.51 20.30
N GLY D 45 9.79 -35.94 19.31
CA GLY D 45 10.01 -37.23 18.69
C GLY D 45 11.36 -37.33 17.99
N THR D 46 11.79 -36.24 17.35
CA THR D 46 13.10 -36.26 16.69
C THR D 46 14.23 -36.31 17.71
N TYR D 47 14.09 -35.58 18.82
CA TYR D 47 15.09 -35.67 19.87
C TYR D 47 15.18 -37.09 20.42
N GLN D 48 14.03 -37.71 20.71
CA GLN D 48 14.06 -39.06 21.24
C GLN D 48 14.70 -40.04 20.26
N ARG D 49 14.43 -39.87 18.97
CA ARG D 49 15.00 -40.79 17.99
C ARG D 49 16.52 -40.64 17.91
N ALA D 50 17.02 -39.41 17.93
CA ALA D 50 18.47 -39.20 17.85
C ALA D 50 19.18 -39.84 19.03
N ILE D 51 18.58 -39.77 20.21
CA ILE D 51 19.22 -40.31 21.41
C ILE D 51 19.12 -41.83 21.44
N LEU D 52 17.91 -42.36 21.27
CA LEU D 52 17.73 -43.81 21.40
C LEU D 52 18.42 -44.57 20.28
N GLN D 53 18.39 -44.05 19.05
CA GLN D 53 19.04 -44.75 17.95
C GLN D 53 20.55 -44.64 18.03
N ASN D 54 21.07 -43.64 18.73
CA ASN D 54 22.49 -43.57 19.08
C ASN D 54 22.70 -43.95 20.54
N HIS D 55 22.09 -45.06 20.95
CA HIS D 55 22.16 -45.50 22.34
C HIS D 55 23.59 -45.81 22.76
N THR D 56 24.46 -46.18 21.80
CA THR D 56 25.85 -46.46 22.15
C THR D 56 26.56 -45.23 22.68
N ASP D 57 26.18 -44.05 22.20
CA ASP D 57 26.76 -42.81 22.68
C ASP D 57 26.31 -42.44 24.09
N PHE D 58 25.42 -43.23 24.69
CA PHE D 58 24.92 -42.96 26.04
C PHE D 58 25.11 -44.13 27.00
N LYS D 59 25.22 -45.36 26.51
CA LYS D 59 25.33 -46.54 27.36
C LYS D 59 26.45 -46.39 28.39
N ASP D 60 26.08 -46.32 29.67
CA ASP D 60 27.05 -46.21 30.78
C ASP D 60 27.89 -44.94 30.68
N LYS D 61 27.35 -43.88 30.08
CA LYS D 61 28.08 -42.64 29.89
C LYS D 61 27.66 -41.61 30.94
N ILE D 62 28.52 -40.61 31.13
CA ILE D 62 28.19 -39.43 31.91
C ILE D 62 27.67 -38.37 30.96
N VAL D 63 26.54 -37.75 31.32
CA VAL D 63 25.82 -36.84 30.45
C VAL D 63 25.58 -35.52 31.15
N LEU D 64 25.63 -34.44 30.38
CA LEU D 64 25.23 -33.11 30.85
C LEU D 64 24.09 -32.62 29.97
N ASP D 65 22.98 -32.23 30.60
CA ASP D 65 21.82 -31.68 29.89
C ASP D 65 21.71 -30.21 30.23
N VAL D 66 21.99 -29.34 29.26
CA VAL D 66 22.03 -27.90 29.49
C VAL D 66 20.65 -27.32 29.17
N GLY D 67 20.04 -26.67 30.15
CA GLY D 67 18.71 -26.14 29.98
C GLY D 67 17.69 -27.25 29.81
N CYS D 68 17.58 -28.12 30.81
CA CYS D 68 16.77 -29.33 30.69
C CYS D 68 15.28 -29.07 30.78
N GLY D 69 14.86 -27.90 31.23
CA GLY D 69 13.45 -27.66 31.42
C GLY D 69 12.88 -28.70 32.38
N SER D 70 11.83 -29.39 31.93
CA SER D 70 11.18 -30.41 32.74
C SER D 70 11.99 -31.71 32.77
N GLY D 71 13.08 -31.79 32.01
CA GLY D 71 13.99 -32.91 32.08
C GLY D 71 13.81 -33.95 31.00
N ILE D 72 12.99 -33.69 29.98
CA ILE D 72 12.60 -34.74 29.04
C ILE D 72 13.82 -35.34 28.37
N LEU D 73 14.80 -34.51 27.99
CA LEU D 73 15.99 -35.03 27.34
C LEU D 73 16.80 -35.92 28.27
N SER D 74 16.83 -35.60 29.57
CA SER D 74 17.54 -36.45 30.52
C SER D 74 16.89 -37.82 30.61
N PHE D 75 15.55 -37.86 30.57
CA PHE D 75 14.86 -39.15 30.56
C PHE D 75 15.21 -39.95 29.31
N PHE D 76 15.31 -39.29 28.16
CA PHE D 76 15.73 -39.99 26.95
C PHE D 76 17.14 -40.54 27.11
N ALA D 77 18.06 -39.75 27.69
CA ALA D 77 19.38 -40.26 27.97
C ALA D 77 19.33 -41.45 28.93
N ALA D 78 18.41 -41.40 29.90
CA ALA D 78 18.26 -42.52 30.82
C ALA D 78 17.71 -43.76 30.12
N GLN D 79 16.75 -43.57 29.21
CA GLN D 79 16.24 -44.70 28.45
C GLN D 79 17.32 -45.33 27.58
N ALA D 80 18.29 -44.53 27.13
CA ALA D 80 19.34 -45.02 26.25
C ALA D 80 20.53 -45.62 26.99
N GLY D 81 20.47 -45.71 28.32
CA GLY D 81 21.45 -46.44 29.09
C GLY D 81 22.48 -45.61 29.85
N ALA D 82 22.29 -44.30 29.95
CA ALA D 82 23.29 -43.46 30.63
C ALA D 82 23.45 -43.87 32.07
N ARG D 83 24.69 -43.76 32.57
CA ARG D 83 24.94 -44.09 33.97
C ARG D 83 24.58 -42.93 34.89
N LYS D 84 24.82 -41.69 34.45
CA LYS D 84 24.54 -40.54 35.28
C LYS D 84 24.35 -39.33 34.38
N ILE D 85 23.33 -38.53 34.68
CA ILE D 85 22.95 -37.38 33.86
C ILE D 85 22.82 -36.18 34.79
N TYR D 86 23.65 -35.17 34.56
CA TYR D 86 23.51 -33.90 35.28
C TYR D 86 22.63 -33.00 34.44
N ALA D 87 21.45 -32.68 34.97
CA ALA D 87 20.47 -31.85 34.27
C ALA D 87 20.49 -30.46 34.90
N VAL D 88 20.99 -29.48 34.16
CA VAL D 88 21.13 -28.11 34.64
C VAL D 88 20.01 -27.27 34.04
N GLU D 89 19.31 -26.54 34.90
CA GLU D 89 18.22 -25.65 34.45
C GLU D 89 18.17 -24.46 35.39
N ALA D 90 18.14 -23.25 34.81
CA ALA D 90 18.20 -22.01 35.56
C ALA D 90 16.82 -21.50 36.00
N SER D 91 15.77 -21.80 35.24
CA SER D 91 14.44 -21.40 35.65
C SER D 91 13.95 -22.27 36.80
N THR D 92 12.84 -21.85 37.41
CA THR D 92 12.21 -22.62 38.48
C THR D 92 11.67 -23.95 37.99
N MET D 93 11.67 -24.19 36.69
CA MET D 93 11.27 -25.50 36.17
C MET D 93 12.14 -26.61 36.72
N ALA D 94 13.36 -26.28 37.15
CA ALA D 94 14.23 -27.29 37.76
C ALA D 94 13.53 -28.01 38.91
N GLN D 95 12.69 -27.29 39.67
CA GLN D 95 11.95 -27.92 40.76
C GLN D 95 10.98 -28.98 40.24
N HIS D 96 10.33 -28.71 39.10
CA HIS D 96 9.40 -29.67 38.53
C HIS D 96 10.12 -30.85 37.91
N ALA D 97 11.29 -30.60 37.33
CA ALA D 97 12.10 -31.71 36.83
C ALA D 97 12.48 -32.65 37.96
N GLU D 98 12.87 -32.10 39.12
CA GLU D 98 13.23 -32.96 40.24
C GLU D 98 12.04 -33.82 40.68
N VAL D 99 10.83 -33.25 40.65
CA VAL D 99 9.64 -34.02 40.97
C VAL D 99 9.50 -35.21 40.02
N LEU D 100 9.70 -34.96 38.72
CA LEU D 100 9.51 -36.04 37.74
C LEU D 100 10.56 -37.12 37.90
N VAL D 101 11.79 -36.74 38.22
CA VAL D 101 12.85 -37.72 38.45
C VAL D 101 12.45 -38.66 39.59
N LYS D 102 11.91 -38.11 40.66
CA LYS D 102 11.48 -38.95 41.79
C LYS D 102 10.30 -39.84 41.39
N SER D 103 9.30 -39.28 40.71
CA SER D 103 8.11 -40.06 40.39
C SER D 103 8.41 -41.14 39.35
N ASN D 104 9.46 -40.98 38.57
CA ASN D 104 9.86 -41.99 37.59
C ASN D 104 10.96 -42.89 38.11
N ASN D 105 11.30 -42.79 39.41
CA ASN D 105 12.25 -43.67 40.06
C ASN D 105 13.59 -43.69 39.35
N LEU D 106 14.08 -42.50 39.00
CA LEU D 106 15.36 -42.33 38.31
C LEU D 106 16.32 -41.45 39.09
N THR D 107 16.16 -41.38 40.42
CA THR D 107 17.03 -40.55 41.25
C THR D 107 18.48 -41.04 41.20
N ASP D 108 18.68 -42.33 40.95
CA ASP D 108 20.03 -42.87 40.85
C ASP D 108 20.73 -42.50 39.55
N ARG D 109 20.04 -41.88 38.60
CA ARG D 109 20.67 -41.67 37.30
C ARG D 109 20.51 -40.23 36.81
N ILE D 110 19.49 -39.52 37.26
CA ILE D 110 19.29 -38.12 36.86
C ILE D 110 19.45 -37.24 38.08
N VAL D 111 20.40 -36.32 38.01
CA VAL D 111 20.71 -35.38 39.08
C VAL D 111 20.43 -33.98 38.56
N VAL D 112 19.40 -33.35 39.08
CA VAL D 112 19.07 -31.99 38.65
C VAL D 112 19.93 -31.01 39.42
N ILE D 113 20.61 -30.13 38.70
CA ILE D 113 21.44 -29.08 39.30
C ILE D 113 20.77 -27.75 38.97
N PRO D 114 20.09 -27.10 39.92
CA PRO D 114 19.44 -25.82 39.60
C PRO D 114 20.46 -24.71 39.44
N GLY D 115 20.33 -23.95 38.36
CA GLY D 115 21.20 -22.82 38.14
C GLY D 115 21.56 -22.54 36.69
N LYS D 116 22.40 -21.54 36.50
CA LYS D 116 22.93 -21.25 35.18
C LYS D 116 24.15 -22.11 34.91
N VAL D 117 24.22 -22.68 33.70
CA VAL D 117 25.32 -23.58 33.40
C VAL D 117 26.66 -22.86 33.52
N GLU D 118 26.68 -21.54 33.42
CA GLU D 118 27.89 -20.75 33.59
C GLU D 118 28.29 -20.56 35.05
N GLU D 119 27.47 -21.02 35.99
CA GLU D 119 27.67 -20.71 37.40
C GLU D 119 27.72 -21.97 38.28
N VAL D 120 27.05 -23.04 37.87
CA VAL D 120 26.98 -24.22 38.72
C VAL D 120 28.30 -24.98 38.67
N SER D 121 28.51 -25.83 39.68
CA SER D 121 29.63 -26.76 39.69
C SER D 121 29.12 -28.16 39.37
N LEU D 122 29.91 -28.92 38.62
CA LEU D 122 29.62 -30.33 38.40
C LEU D 122 30.70 -31.19 39.07
N PRO D 123 30.35 -32.39 39.55
CA PRO D 123 31.36 -33.22 40.24
C PRO D 123 32.42 -33.80 39.30
N GLU D 124 32.14 -33.92 38.00
CA GLU D 124 33.04 -34.64 37.12
C GLU D 124 32.80 -34.20 35.69
N GLN D 125 33.78 -34.49 34.84
CA GLN D 125 33.63 -34.26 33.41
C GLN D 125 32.63 -35.24 32.83
N VAL D 126 32.07 -34.87 31.68
CA VAL D 126 31.00 -35.66 31.07
C VAL D 126 31.46 -36.17 29.72
N ASP D 127 30.81 -37.24 29.26
CA ASP D 127 31.12 -37.85 27.97
C ASP D 127 30.39 -37.18 26.83
N ILE D 128 29.26 -36.53 27.11
CA ILE D 128 28.40 -36.02 26.04
C ILE D 128 27.50 -34.96 26.66
N ILE D 129 27.28 -33.89 25.90
CA ILE D 129 26.37 -32.81 26.29
C ILE D 129 25.15 -32.89 25.41
N ILE D 130 23.97 -32.74 26.02
CA ILE D 130 22.72 -32.65 25.28
C ILE D 130 22.02 -31.36 25.68
N SER D 131 21.20 -30.83 24.77
CA SER D 131 20.55 -29.55 25.02
C SER D 131 19.62 -29.25 23.85
N GLU D 132 18.68 -28.33 24.10
CA GLU D 132 17.88 -27.71 23.06
C GLU D 132 18.16 -26.21 23.11
N PRO D 133 19.26 -25.77 22.51
CA PRO D 133 19.61 -24.34 22.56
C PRO D 133 19.05 -23.48 21.45
N MET D 134 18.33 -24.06 20.49
CA MET D 134 17.84 -23.32 19.34
C MET D 134 16.64 -22.46 19.73
N GLY D 135 16.76 -21.14 19.56
CA GLY D 135 15.60 -20.27 19.51
C GLY D 135 15.14 -20.13 18.07
N TYR D 136 14.09 -19.33 17.86
CA TYR D 136 13.70 -19.04 16.49
C TYR D 136 14.86 -18.35 15.80
N MET D 137 14.95 -18.55 14.49
CA MET D 137 16.11 -18.15 13.69
C MET D 137 17.39 -18.74 14.24
N LEU D 138 17.28 -19.83 15.01
CA LEU D 138 18.40 -20.53 15.64
C LEU D 138 19.06 -19.73 16.76
N PHE D 139 19.42 -18.47 16.49
CA PHE D 139 20.30 -17.71 17.36
C PHE D 139 19.57 -16.95 18.46
N ASN D 140 18.25 -16.77 18.36
CA ASN D 140 17.54 -16.08 19.43
C ASN D 140 17.75 -16.81 20.75
N GLU D 141 17.84 -16.03 21.84
CA GLU D 141 18.00 -16.50 23.22
C GLU D 141 19.45 -16.52 23.67
N ARG D 142 20.40 -16.53 22.73
CA ARG D 142 21.83 -16.67 23.02
C ARG D 142 22.11 -17.91 23.87
N MET D 143 21.30 -18.93 23.69
CA MET D 143 21.50 -20.17 24.44
C MET D 143 22.61 -21.02 23.82
N LEU D 144 22.89 -20.85 22.53
CA LEU D 144 24.01 -21.56 21.92
C LEU D 144 25.31 -21.26 22.63
N GLU D 145 25.47 -20.03 23.14
CA GLU D 145 26.68 -19.67 23.87
C GLU D 145 26.77 -20.40 25.20
N SER D 146 25.64 -20.52 25.90
CA SER D 146 25.60 -21.33 27.10
C SER D 146 25.96 -22.78 26.78
N TYR D 147 25.38 -23.30 25.71
CA TYR D 147 25.69 -24.65 25.24
C TYR D 147 27.19 -24.82 25.00
N LEU D 148 27.81 -23.88 24.28
CA LEU D 148 29.25 -23.98 24.02
C LEU D 148 30.06 -23.78 25.30
N HIS D 149 29.61 -22.88 26.17
CA HIS D 149 30.27 -22.68 27.45
C HIS D 149 30.35 -23.98 28.24
N ALA D 150 29.31 -24.81 28.14
CA ALA D 150 29.28 -26.06 28.89
C ALA D 150 30.38 -27.04 28.46
N LYS D 151 31.07 -26.79 27.34
CA LYS D 151 32.12 -27.69 26.90
C LYS D 151 33.29 -27.72 27.87
N LYS D 152 33.36 -26.75 28.79
CA LYS D 152 34.38 -26.82 29.84
C LYS D 152 34.22 -28.08 30.67
N TYR D 153 33.01 -28.64 30.73
CA TYR D 153 32.77 -29.90 31.42
C TYR D 153 32.88 -31.12 30.50
N LEU D 154 33.14 -30.91 29.22
CA LEU D 154 33.19 -31.99 28.25
C LEU D 154 34.59 -32.60 28.21
N LYS D 155 34.66 -33.93 28.27
CA LYS D 155 35.93 -34.59 28.13
C LYS D 155 36.50 -34.35 26.73
N PRO D 156 37.81 -34.51 26.56
CA PRO D 156 38.36 -34.52 25.20
C PRO D 156 37.68 -35.58 24.35
N SER D 157 37.34 -35.21 23.12
CA SER D 157 36.63 -36.08 22.19
C SER D 157 35.26 -36.50 22.72
N GLY D 158 34.72 -35.77 23.69
CA GLY D 158 33.31 -35.94 24.02
C GLY D 158 32.44 -35.40 22.90
N ASN D 159 31.21 -35.92 22.84
CA ASN D 159 30.28 -35.56 21.78
C ASN D 159 29.28 -34.54 22.26
N MET D 160 28.51 -34.00 21.32
CA MET D 160 27.47 -33.03 21.62
C MET D 160 26.27 -33.30 20.74
N PHE D 161 25.10 -33.29 21.37
CA PHE D 161 23.80 -33.50 20.70
C PHE D 161 22.92 -32.28 20.96
N PRO D 162 22.66 -31.42 19.97
CA PRO D 162 23.05 -31.55 18.57
C PRO D 162 24.51 -31.25 18.37
N THR D 163 25.07 -31.72 17.25
CA THR D 163 26.49 -31.60 16.95
C THR D 163 26.80 -30.40 16.07
N ILE D 164 25.98 -30.16 15.04
CA ILE D 164 26.15 -29.02 14.15
C ILE D 164 24.79 -28.36 13.99
N GLY D 165 24.82 -27.08 13.62
CA GLY D 165 23.61 -26.34 13.31
C GLY D 165 23.79 -25.57 12.02
N ASP D 166 22.85 -25.73 11.08
CA ASP D 166 22.88 -25.06 9.79
C ASP D 166 21.82 -23.97 9.74
N VAL D 167 22.22 -22.76 9.41
CA VAL D 167 21.29 -21.68 9.10
C VAL D 167 21.17 -21.59 7.59
N HIS D 168 19.94 -21.51 7.11
CA HIS D 168 19.65 -21.27 5.69
C HIS D 168 18.98 -19.92 5.54
N LEU D 169 19.44 -19.14 4.56
CA LEU D 169 18.76 -17.92 4.15
C LEU D 169 18.55 -17.95 2.64
N ALA D 170 17.35 -17.58 2.21
CA ALA D 170 17.01 -17.47 0.79
C ALA D 170 16.16 -16.23 0.56
N PRO D 171 16.31 -15.57 -0.60
CA PRO D 171 15.44 -14.43 -0.90
C PRO D 171 14.04 -14.92 -1.29
N PHE D 172 13.04 -14.13 -0.92
CA PHE D 172 11.65 -14.50 -1.14
C PHE D 172 10.89 -13.33 -1.74
N THR D 173 9.77 -13.66 -2.38
CA THR D 173 8.80 -12.68 -2.85
C THR D 173 7.46 -12.97 -2.19
N ASP D 174 6.90 -11.97 -1.53
CA ASP D 174 5.60 -12.10 -0.88
C ASP D 174 4.93 -10.73 -0.78
N GLU D 175 4.30 -10.31 -1.87
CA GLU D 175 3.66 -8.99 -1.92
C GLU D 175 2.66 -8.82 -0.80
N GLN D 176 1.92 -9.88 -0.47
CA GLN D 176 0.89 -9.78 0.55
C GLN D 176 1.50 -9.42 1.91
N LEU D 177 2.52 -10.18 2.33
CA LEU D 177 3.18 -9.89 3.61
C LEU D 177 3.75 -8.48 3.63
N TYR D 178 4.43 -8.08 2.55
CA TYR D 178 5.01 -6.75 2.50
C TYR D 178 3.94 -5.67 2.68
N MET D 179 2.85 -5.77 1.92
CA MET D 179 1.82 -4.74 2.00
C MET D 179 1.02 -4.82 3.28
N GLU D 180 0.98 -5.99 3.93
CA GLU D 180 0.36 -6.08 5.25
C GLU D 180 1.12 -5.23 6.26
N GLN D 181 2.45 -5.35 6.26
CA GLN D 181 3.27 -4.56 7.19
C GLN D 181 3.31 -3.10 6.79
N PHE D 182 3.39 -2.83 5.48
CA PHE D 182 3.38 -1.45 5.00
C PHE D 182 2.08 -0.75 5.39
N THR D 183 0.94 -1.43 5.23
CA THR D 183 -0.34 -0.83 5.57
C THR D 183 -0.40 -0.46 7.04
N LYS D 184 0.04 -1.36 7.93
CA LYS D 184 0.10 -1.06 9.36
C LYS D 184 0.89 0.22 9.61
N ALA D 185 2.06 0.35 8.96
CA ALA D 185 2.88 1.53 9.15
C ALA D 185 2.21 2.78 8.58
N ASN D 186 1.40 2.63 7.53
CA ASN D 186 0.78 3.79 6.91
C ASN D 186 -0.29 4.44 7.78
N PHE D 187 -0.68 3.79 8.89
CA PHE D 187 -1.51 4.50 9.87
C PHE D 187 -0.91 5.86 10.20
N TRP D 188 0.41 5.91 10.36
CA TRP D 188 1.13 7.12 10.69
C TRP D 188 1.39 8.01 9.47
N TYR D 189 0.73 7.73 8.35
CA TYR D 189 0.71 8.61 7.20
C TYR D 189 -0.50 9.53 7.23
N GLN D 190 -1.49 9.26 8.07
CA GLN D 190 -2.70 10.06 8.14
C GLN D 190 -2.37 11.52 8.46
N PRO D 191 -2.82 12.49 7.65
CA PRO D 191 -2.65 13.89 8.02
C PRO D 191 -3.71 14.44 8.96
N SER D 192 -4.80 13.72 9.23
CA SER D 192 -5.89 14.28 10.06
C SER D 192 -6.60 13.16 10.83
N PHE D 193 -5.87 12.45 11.69
CA PHE D 193 -6.46 11.45 12.57
C PHE D 193 -7.11 12.15 13.75
N HIS D 194 -8.44 12.14 13.81
CA HIS D 194 -9.16 12.97 14.76
C HIS D 194 -8.62 14.40 14.74
N GLY D 195 -8.30 14.89 13.54
CA GLY D 195 -7.82 16.25 13.34
C GLY D 195 -6.35 16.46 13.60
N VAL D 196 -5.57 15.40 13.80
CA VAL D 196 -4.16 15.50 14.18
C VAL D 196 -3.27 14.95 13.07
N ASP D 197 -2.28 15.73 12.66
CA ASP D 197 -1.35 15.29 11.63
C ASP D 197 -0.32 14.34 12.24
N LEU D 198 -0.34 13.08 11.78
CA LEU D 198 0.59 12.08 12.26
C LEU D 198 1.76 11.85 11.31
N SER D 199 1.71 12.44 10.10
CA SER D 199 2.61 12.06 9.01
C SER D 199 4.08 12.28 9.33
N ALA D 200 4.40 13.16 10.27
CA ALA D 200 5.80 13.35 10.65
C ALA D 200 6.43 12.07 11.19
N LEU D 201 5.62 11.14 11.70
CA LEU D 201 6.12 9.90 12.29
C LEU D 201 6.04 8.69 11.35
N ARG D 202 5.65 8.87 10.09
CA ARG D 202 5.50 7.68 9.25
C ARG D 202 6.85 7.04 8.97
N GLY D 203 7.89 7.85 8.74
CA GLY D 203 9.25 7.34 8.66
C GLY D 203 9.60 6.44 9.84
N ALA D 204 9.39 6.95 11.05
CA ALA D 204 9.72 6.17 12.25
C ALA D 204 8.87 4.92 12.34
N ALA D 205 7.60 5.01 11.93
CA ALA D 205 6.72 3.83 11.97
C ALA D 205 7.22 2.75 11.03
N VAL D 206 7.56 3.12 9.79
CA VAL D 206 8.08 2.15 8.84
C VAL D 206 9.33 1.48 9.41
N ASP D 207 10.24 2.27 9.97
CA ASP D 207 11.41 1.70 10.62
C ASP D 207 11.02 0.68 11.69
N GLU D 208 10.11 1.06 12.58
CA GLU D 208 9.75 0.17 13.69
C GLU D 208 9.14 -1.12 13.17
N TYR D 209 8.18 -1.02 12.26
CA TYR D 209 7.46 -2.21 11.80
C TYR D 209 8.37 -3.16 11.03
N PHE D 210 9.32 -2.62 10.28
CA PHE D 210 10.20 -3.47 9.49
C PHE D 210 11.44 -3.91 10.26
N ARG D 211 11.64 -3.40 11.48
CA ARG D 211 12.61 -4.03 12.38
C ARG D 211 12.12 -5.38 12.88
N GLN D 212 10.83 -5.68 12.73
CA GLN D 212 10.24 -6.88 13.32
C GLN D 212 10.39 -8.05 12.37
N PRO D 213 11.21 -9.05 12.68
CA PRO D 213 11.15 -10.29 11.88
C PRO D 213 9.77 -10.90 11.97
N VAL D 214 9.38 -11.60 10.92
CA VAL D 214 8.06 -12.21 10.83
C VAL D 214 8.24 -13.70 11.04
N VAL D 215 7.67 -14.22 12.13
CA VAL D 215 7.71 -15.65 12.44
C VAL D 215 6.39 -16.26 12.00
N ASP D 216 6.47 -17.08 10.97
CA ASP D 216 5.34 -17.91 10.53
C ASP D 216 5.90 -18.84 9.47
N THR D 217 5.02 -19.58 8.82
CA THR D 217 5.42 -20.46 7.73
C THR D 217 4.90 -19.91 6.42
N PHE D 218 5.43 -20.48 5.33
CA PHE D 218 5.13 -20.00 4.00
C PHE D 218 5.31 -21.15 3.02
N ASP D 219 4.72 -20.98 1.82
CA ASP D 219 4.92 -21.93 0.74
C ASP D 219 6.32 -21.76 0.15
N ILE D 220 6.97 -22.89 -0.15
CA ILE D 220 8.33 -22.83 -0.67
C ILE D 220 8.39 -22.12 -2.01
N ARG D 221 7.25 -21.99 -2.71
CA ARG D 221 7.25 -21.34 -4.01
C ARG D 221 7.61 -19.86 -3.96
N ILE D 222 7.68 -19.26 -2.76
CA ILE D 222 8.07 -17.86 -2.67
C ILE D 222 9.57 -17.67 -2.68
N LEU D 223 10.36 -18.74 -2.58
CA LEU D 223 11.80 -18.62 -2.57
C LEU D 223 12.32 -18.42 -3.98
N MET D 224 13.17 -17.41 -4.18
CA MET D 224 13.60 -16.99 -5.50
C MET D 224 15.01 -17.44 -5.83
N ALA D 225 15.64 -18.27 -4.99
CA ALA D 225 16.98 -18.77 -5.26
C ALA D 225 17.32 -19.86 -4.24
N LYS D 226 18.32 -20.66 -4.58
CA LYS D 226 18.75 -21.72 -3.66
C LYS D 226 19.35 -21.10 -2.40
N SER D 227 19.05 -21.72 -1.26
CA SER D 227 19.48 -21.18 0.01
C SER D 227 20.99 -21.22 0.15
N VAL D 228 21.52 -20.25 0.87
CA VAL D 228 22.91 -20.27 1.30
C VAL D 228 22.96 -20.80 2.73
N LYS D 229 23.92 -21.66 3.00
CA LYS D 229 24.02 -22.34 4.30
C LYS D 229 25.16 -21.76 5.10
N TYR D 230 24.91 -21.53 6.38
CA TYR D 230 25.94 -21.10 7.33
C TYR D 230 25.94 -22.08 8.50
N THR D 231 27.08 -22.71 8.74
CA THR D 231 27.19 -23.85 9.64
C THR D 231 27.93 -23.47 10.91
N VAL D 232 27.39 -23.87 12.05
CA VAL D 232 28.05 -23.71 13.33
C VAL D 232 28.34 -25.12 13.85
N ASN D 233 29.63 -25.48 13.89
CA ASN D 233 30.07 -26.78 14.39
C ASN D 233 30.24 -26.68 15.90
N PHE D 234 29.30 -27.27 16.64
CA PHE D 234 29.30 -27.10 18.11
C PHE D 234 30.50 -27.78 18.76
N LEU D 235 31.05 -28.82 18.13
CA LEU D 235 32.25 -29.46 18.66
C LEU D 235 33.47 -28.53 18.61
N GLU D 236 33.47 -27.52 17.76
CA GLU D 236 34.64 -26.67 17.55
C GLU D 236 34.43 -25.23 17.99
N ALA D 237 33.23 -24.68 17.78
CA ALA D 237 33.01 -23.26 18.00
C ALA D 237 33.30 -22.89 19.45
N LYS D 238 33.72 -21.64 19.64
CA LYS D 238 33.87 -21.04 20.95
C LYS D 238 32.78 -20.00 21.16
N GLU D 239 32.47 -19.75 22.44
CA GLU D 239 31.46 -18.76 22.80
C GLU D 239 31.61 -17.48 21.99
N GLY D 240 32.83 -16.95 21.93
CA GLY D 240 33.06 -15.68 21.25
C GLY D 240 32.75 -15.71 19.77
N ASP D 241 32.70 -16.90 19.16
CA ASP D 241 32.36 -16.99 17.74
C ASP D 241 30.92 -16.55 17.46
N LEU D 242 30.09 -16.41 18.48
CA LEU D 242 28.69 -16.04 18.28
C LEU D 242 28.40 -14.59 18.67
N HIS D 243 29.40 -13.83 19.09
CA HIS D 243 29.16 -12.43 19.44
C HIS D 243 28.89 -11.58 18.20
N ARG D 244 29.52 -11.92 17.09
CA ARG D 244 29.37 -11.18 15.83
C ARG D 244 29.44 -12.20 14.71
N ILE D 245 28.29 -12.57 14.15
CA ILE D 245 28.19 -13.58 13.11
C ILE D 245 28.01 -12.87 11.77
N GLU D 246 28.93 -13.11 10.84
CA GLU D 246 28.89 -12.51 9.51
C GLU D 246 28.58 -13.59 8.48
N ILE D 247 27.47 -13.43 7.77
CA ILE D 247 27.04 -14.41 6.77
C ILE D 247 26.99 -13.76 5.39
N PRO D 248 28.04 -13.87 4.59
CA PRO D 248 27.95 -13.40 3.21
C PRO D 248 27.01 -14.27 2.39
N PHE D 249 26.42 -13.68 1.36
CA PHE D 249 25.56 -14.43 0.45
C PHE D 249 25.71 -13.88 -0.96
N LYS D 250 25.51 -14.77 -1.93
CA LYS D 250 25.54 -14.43 -3.35
C LYS D 250 24.53 -15.36 -4.02
N PHE D 251 23.29 -14.91 -4.09
CA PHE D 251 22.23 -15.72 -4.65
C PHE D 251 22.21 -15.63 -6.16
N HIS D 252 21.96 -16.75 -6.81
CA HIS D 252 21.73 -16.78 -8.25
C HIS D 252 20.23 -16.88 -8.46
N MET D 253 19.63 -15.81 -8.94
CA MET D 253 18.18 -15.70 -8.97
C MET D 253 17.60 -16.68 -9.98
N LEU D 254 16.67 -17.51 -9.52
CA LEU D 254 16.04 -18.52 -10.37
C LEU D 254 14.75 -18.02 -11.01
N HIS D 255 14.14 -16.97 -10.46
CA HIS D 255 12.93 -16.40 -11.03
C HIS D 255 13.03 -14.88 -10.99
N SER D 256 12.34 -14.22 -11.92
CA SER D 256 12.28 -12.77 -11.96
C SER D 256 11.16 -12.27 -11.07
N GLY D 257 11.38 -11.12 -10.46
CA GLY D 257 10.35 -10.48 -9.68
C GLY D 257 10.94 -9.63 -8.57
N LEU D 258 10.07 -9.24 -7.65
CA LEU D 258 10.47 -8.45 -6.50
C LEU D 258 10.97 -9.34 -5.38
N VAL D 259 12.12 -8.99 -4.82
CA VAL D 259 12.65 -9.63 -3.63
C VAL D 259 12.27 -8.77 -2.45
N HIS D 260 11.34 -9.25 -1.62
CA HIS D 260 10.86 -8.49 -0.47
C HIS D 260 11.71 -8.70 0.78
N GLY D 261 12.59 -9.69 0.78
CA GLY D 261 13.45 -9.91 1.93
C GLY D 261 14.15 -11.25 1.84
N LEU D 262 14.64 -11.70 2.99
CA LEU D 262 15.31 -12.98 3.14
C LEU D 262 14.54 -13.85 4.13
N ALA D 263 14.37 -15.11 3.79
CA ALA D 263 13.75 -16.08 4.67
C ALA D 263 14.84 -16.90 5.34
N PHE D 264 14.63 -17.25 6.61
CA PHE D 264 15.58 -17.99 7.44
C PHE D 264 14.94 -19.23 8.02
N TRP D 265 15.72 -20.32 8.09
CA TRP D 265 15.35 -21.51 8.85
C TRP D 265 16.65 -22.19 9.27
N PHE D 266 16.52 -23.31 9.98
CA PHE D 266 17.72 -23.99 10.44
C PHE D 266 17.49 -25.49 10.58
N ASP D 267 18.57 -26.24 10.39
CA ASP D 267 18.62 -27.66 10.69
C ASP D 267 19.73 -27.88 11.71
N VAL D 268 19.49 -28.82 12.62
CA VAL D 268 20.56 -29.33 13.49
C VAL D 268 20.71 -30.82 13.22
N ALA D 269 21.95 -31.30 13.35
CA ALA D 269 22.26 -32.71 13.15
C ALA D 269 22.81 -33.30 14.44
N PHE D 270 22.32 -34.49 14.78
CA PHE D 270 22.86 -35.27 15.89
C PHE D 270 23.74 -36.35 15.26
N ILE D 271 25.04 -36.06 15.19
CA ILE D 271 26.01 -36.95 14.52
C ILE D 271 26.45 -37.97 15.57
N GLY D 272 25.72 -39.07 15.62
CA GLY D 272 26.01 -40.12 16.59
C GLY D 272 26.79 -41.26 15.97
N SER D 273 27.21 -42.17 16.84
CA SER D 273 28.05 -43.28 16.42
C SER D 273 27.30 -44.30 15.56
N ILE D 274 25.98 -44.34 15.65
CA ILE D 274 25.18 -45.31 14.92
C ILE D 274 24.55 -44.69 13.68
N MET D 275 24.12 -43.45 13.78
CA MET D 275 23.56 -42.77 12.63
C MET D 275 23.46 -41.28 12.93
N THR D 276 23.39 -40.50 11.88
CA THR D 276 23.12 -39.07 12.00
C THR D 276 21.62 -38.86 11.87
N VAL D 277 21.04 -38.16 12.84
CA VAL D 277 19.62 -37.78 12.82
C VAL D 277 19.55 -36.27 12.65
N TRP D 278 18.67 -35.83 11.77
CA TRP D 278 18.49 -34.41 11.47
C TRP D 278 17.16 -33.93 12.03
N LEU D 279 17.19 -32.75 12.65
CA LEU D 279 16.00 -32.01 13.04
C LEU D 279 15.98 -30.72 12.21
N SER D 280 15.02 -30.62 11.30
CA SER D 280 14.95 -29.51 10.35
C SER D 280 13.71 -28.66 10.60
N THR D 281 13.87 -27.35 10.48
CA THR D 281 12.75 -26.42 10.48
C THR D 281 12.52 -25.79 9.11
N ALA D 282 12.97 -26.45 8.05
CA ALA D 282 12.83 -25.91 6.71
C ALA D 282 11.36 -25.88 6.28
N PRO D 283 11.00 -24.95 5.39
CA PRO D 283 9.61 -24.90 4.90
C PRO D 283 9.23 -26.10 4.03
N THR D 284 10.20 -26.92 3.63
CA THR D 284 9.91 -28.17 2.94
C THR D 284 9.61 -29.32 3.89
N GLU D 285 9.83 -29.14 5.18
CA GLU D 285 9.63 -30.17 6.19
C GLU D 285 8.41 -29.87 7.02
N PRO D 286 7.91 -30.86 7.77
CA PRO D 286 6.73 -30.60 8.61
C PRO D 286 6.99 -29.45 9.57
N LEU D 287 5.92 -28.77 9.93
CA LEU D 287 6.05 -27.53 10.69
C LEU D 287 6.39 -27.83 12.16
N THR D 288 7.23 -26.99 12.73
CA THR D 288 7.59 -27.05 14.14
C THR D 288 7.20 -25.72 14.80
N HIS D 289 7.38 -25.67 16.13
CA HIS D 289 7.07 -24.45 16.87
C HIS D 289 8.10 -23.35 16.65
N TRP D 290 9.19 -23.64 15.94
CA TRP D 290 10.13 -22.61 15.51
C TRP D 290 9.69 -21.94 14.21
N TYR D 291 8.76 -22.56 13.47
CA TYR D 291 8.28 -22.02 12.21
C TYR D 291 9.50 -21.69 11.33
N GLN D 292 9.38 -20.63 10.53
CA GLN D 292 10.48 -20.00 9.81
C GLN D 292 10.46 -18.51 10.12
N VAL D 293 11.54 -17.82 9.76
CA VAL D 293 11.68 -16.40 10.03
C VAL D 293 11.99 -15.64 8.75
N ARG D 294 11.29 -14.54 8.54
CA ARG D 294 11.51 -13.70 7.36
C ARG D 294 11.85 -12.28 7.78
N CYS D 295 12.87 -11.73 7.15
CA CYS D 295 13.28 -10.34 7.37
C CYS D 295 12.93 -9.55 6.12
N LEU D 296 12.11 -8.52 6.28
CA LEU D 296 11.62 -7.71 5.19
C LEU D 296 12.54 -6.54 4.90
N PHE D 297 12.64 -6.20 3.62
CA PHE D 297 13.19 -4.93 3.19
C PHE D 297 12.09 -3.87 3.23
N GLN D 298 12.48 -2.63 3.57
CA GLN D 298 11.50 -1.56 3.54
C GLN D 298 11.01 -1.29 2.12
N SER D 299 11.90 -1.43 1.14
CA SER D 299 11.53 -1.36 -0.27
C SER D 299 12.13 -2.58 -0.96
N PRO D 300 11.35 -3.35 -1.69
CA PRO D 300 11.89 -4.56 -2.32
C PRO D 300 12.79 -4.23 -3.49
N LEU D 301 13.58 -5.24 -3.86
CA LEU D 301 14.55 -5.15 -4.96
C LEU D 301 14.01 -5.94 -6.13
N PHE D 302 14.05 -5.34 -7.32
CA PHE D 302 13.67 -6.05 -8.54
C PHE D 302 14.88 -6.80 -9.05
N ALA D 303 14.69 -8.07 -9.39
CA ALA D 303 15.74 -8.90 -9.95
C ALA D 303 15.18 -9.75 -11.08
N LYS D 304 16.04 -10.00 -12.07
CA LYS D 304 15.72 -10.90 -13.17
C LYS D 304 16.35 -12.27 -12.91
N ALA D 305 15.70 -13.30 -13.41
CA ALA D 305 16.31 -14.63 -13.41
C ALA D 305 17.70 -14.54 -14.01
N GLY D 306 18.67 -15.17 -13.35
CA GLY D 306 20.06 -15.11 -13.76
C GLY D 306 20.86 -14.01 -13.10
N ASP D 307 20.20 -13.01 -12.52
CA ASP D 307 20.93 -12.02 -11.76
C ASP D 307 21.51 -12.63 -10.47
N THR D 308 22.46 -11.94 -9.89
CA THR D 308 23.01 -12.33 -8.60
C THR D 308 22.67 -11.26 -7.57
N LEU D 309 22.10 -11.69 -6.44
CA LEU D 309 21.83 -10.84 -5.30
C LEU D 309 22.94 -11.09 -4.28
N SER D 310 23.74 -10.06 -4.00
CA SER D 310 24.91 -10.21 -3.14
C SER D 310 24.76 -9.29 -1.93
N GLY D 311 25.39 -9.68 -0.83
CA GLY D 311 25.38 -8.85 0.35
C GLY D 311 25.89 -9.61 1.57
N THR D 312 25.51 -9.13 2.74
CA THR D 312 25.98 -9.71 3.99
C THR D 312 24.88 -9.59 5.03
N CYS D 313 24.64 -10.68 5.75
CA CYS D 313 23.78 -10.68 6.93
C CYS D 313 24.68 -10.70 8.18
N LEU D 314 24.61 -9.64 8.98
CA LEU D 314 25.47 -9.48 10.14
C LEU D 314 24.65 -9.56 11.41
N LEU D 315 24.90 -10.57 12.23
CA LEU D 315 24.20 -10.76 13.50
C LEU D 315 25.11 -10.35 14.65
N ILE D 316 24.73 -9.29 15.36
CA ILE D 316 25.50 -8.79 16.49
C ILE D 316 24.70 -9.03 17.76
N ALA D 317 25.31 -9.77 18.70
CA ALA D 317 24.60 -10.16 19.92
C ALA D 317 24.43 -8.97 20.85
N ASN D 318 23.28 -8.90 21.51
CA ASN D 318 22.96 -7.81 22.42
C ASN D 318 22.74 -8.35 23.84
N LYS D 319 22.68 -7.43 24.80
CA LYS D 319 22.53 -7.81 26.20
C LYS D 319 21.13 -8.34 26.53
N ARG D 320 20.21 -8.36 25.57
CA ARG D 320 18.86 -8.85 25.83
C ARG D 320 18.66 -10.25 25.26
N GLN D 321 19.72 -11.05 25.25
CA GLN D 321 19.66 -12.46 24.87
C GLN D 321 19.12 -12.62 23.46
N SER D 322 19.49 -11.70 22.59
CA SER D 322 19.10 -11.80 21.20
C SER D 322 20.18 -11.16 20.35
N TYR D 323 19.83 -10.80 19.12
CA TYR D 323 20.77 -10.24 18.16
C TYR D 323 20.14 -9.04 17.46
N ASP D 324 20.95 -8.03 17.20
CA ASP D 324 20.62 -6.98 16.25
C ASP D 324 21.05 -7.49 14.88
N ILE D 325 20.12 -7.52 13.93
CA ILE D 325 20.36 -8.10 12.62
C ILE D 325 20.59 -6.96 11.63
N SER D 326 21.67 -7.06 10.87
CA SER D 326 21.93 -6.14 9.78
C SER D 326 21.93 -6.94 8.48
N ILE D 327 21.09 -6.53 7.54
CA ILE D 327 21.05 -7.14 6.21
C ILE D 327 21.30 -6.05 5.19
N VAL D 328 22.37 -6.21 4.41
CA VAL D 328 22.63 -5.37 3.23
C VAL D 328 22.59 -6.28 2.02
N ALA D 329 21.82 -5.87 1.00
CA ALA D 329 21.60 -6.69 -0.17
C ALA D 329 21.64 -5.82 -1.41
N GLN D 330 22.18 -6.37 -2.49
CA GLN D 330 22.37 -5.59 -3.71
C GLN D 330 22.17 -6.48 -4.92
N VAL D 331 21.45 -5.96 -5.91
CA VAL D 331 21.33 -6.60 -7.21
C VAL D 331 22.54 -6.16 -8.03
N ASP D 332 23.49 -7.08 -8.23
CA ASP D 332 24.78 -6.69 -8.83
C ASP D 332 24.60 -6.07 -10.21
N GLN D 333 23.65 -6.59 -11.00
CA GLN D 333 23.52 -6.16 -12.38
C GLN D 333 23.05 -4.71 -12.49
N THR D 334 22.30 -4.22 -11.51
CA THR D 334 21.73 -2.88 -11.56
C THR D 334 22.20 -1.96 -10.45
N GLY D 335 22.90 -2.47 -9.44
CA GLY D 335 23.30 -1.66 -8.32
C GLY D 335 22.18 -1.25 -7.40
N SER D 336 21.02 -1.88 -7.50
CA SER D 336 19.92 -1.61 -6.59
C SER D 336 20.20 -2.23 -5.23
N LYS D 337 20.23 -1.43 -4.17
CA LYS D 337 20.63 -1.89 -2.84
C LYS D 337 19.51 -1.72 -1.83
N SER D 338 19.53 -2.57 -0.82
CA SER D 338 18.64 -2.43 0.33
C SER D 338 19.42 -2.74 1.61
N SER D 339 19.14 -1.95 2.65
CA SER D 339 19.74 -2.15 3.96
C SER D 339 18.64 -2.14 5.00
N ASN D 340 18.65 -3.13 5.90
CA ASN D 340 17.69 -3.14 6.99
C ASN D 340 18.37 -3.56 8.28
N LEU D 341 17.86 -3.03 9.37
CA LEU D 341 18.24 -3.43 10.72
C LEU D 341 17.01 -4.00 11.39
N LEU D 342 17.15 -5.18 11.99
CA LEU D 342 16.02 -5.86 12.60
C LEU D 342 16.36 -6.24 14.03
N ASP D 343 15.32 -6.27 14.86
CA ASP D 343 15.41 -6.55 16.29
C ASP D 343 14.85 -7.95 16.52
N LEU D 344 15.73 -8.95 16.51
CA LEU D 344 15.30 -10.33 16.64
C LEU D 344 14.51 -10.56 17.92
N LYS D 345 14.77 -9.75 18.95
CA LYS D 345 14.08 -9.93 20.23
C LYS D 345 12.59 -9.63 20.11
N ASN D 346 12.18 -8.74 19.21
CA ASN D 346 10.79 -8.27 19.11
C ASN D 346 10.20 -8.66 17.76
N PRO D 347 9.83 -9.92 17.58
CA PRO D 347 9.29 -10.35 16.28
C PRO D 347 7.79 -10.14 16.16
N PHE D 348 7.25 -10.41 14.99
CA PHE D 348 5.81 -10.41 14.76
C PHE D 348 5.40 -11.86 14.48
N PHE D 349 4.71 -12.47 15.44
CA PHE D 349 4.24 -13.84 15.28
C PHE D 349 2.94 -13.79 14.49
N ARG D 350 3.02 -14.19 13.22
CA ARG D 350 1.91 -14.02 12.28
C ARG D 350 1.03 -15.25 12.16
N TYR D 351 1.54 -16.42 12.51
CA TYR D 351 0.78 -17.67 12.40
C TYR D 351 -0.55 -17.58 13.14
N GLN E 3 -7.69 2.18 -26.99
CA GLN E 3 -7.39 1.70 -28.33
C GLN E 3 -6.70 2.82 -29.13
N ASN E 4 -7.42 3.90 -29.42
CA ASN E 4 -6.75 5.12 -29.84
C ASN E 4 -5.98 5.69 -28.66
N MET E 5 -4.90 6.41 -28.97
CA MET E 5 -4.01 6.96 -27.95
C MET E 5 -3.76 8.44 -28.23
N PRO E 6 -4.81 9.26 -28.26
CA PRO E 6 -4.64 10.69 -28.57
C PRO E 6 -3.86 11.37 -27.45
N GLY E 7 -2.69 11.91 -27.80
CA GLY E 7 -1.85 12.59 -26.85
C GLY E 7 -0.85 11.72 -26.13
N ALA E 8 -0.91 10.41 -26.31
CA ALA E 8 0.03 9.50 -25.63
C ALA E 8 1.23 9.32 -26.56
N ILE E 9 2.28 10.08 -26.30
CA ILE E 9 3.46 10.11 -27.14
C ILE E 9 4.14 8.75 -27.10
N ARG E 10 4.34 8.22 -25.90
CA ARG E 10 4.88 6.86 -25.75
C ARG E 10 3.78 5.84 -25.29
N PRO E 11 3.74 4.63 -25.94
CA PRO E 11 2.76 3.59 -25.54
C PRO E 11 2.93 3.13 -24.08
N ALA E 12 1.84 2.75 -23.43
CA ALA E 12 1.94 2.17 -22.10
C ALA E 12 2.81 0.93 -22.13
N ALA E 13 3.71 0.83 -21.16
CA ALA E 13 4.63 -0.31 -21.17
C ALA E 13 3.87 -1.60 -20.97
N PRO E 14 4.51 -2.70 -21.37
CA PRO E 14 3.89 -4.04 -21.36
C PRO E 14 4.25 -4.83 -20.10
N NH2 E 15 3.39 -5.75 -19.72
HN1 NH2 E 15 3.54 -6.32 -18.89
HN2 NH2 E 15 2.53 -5.95 -20.22
C ACE F 1 -2.35 1.68 -19.32
O ACE F 1 -1.36 1.95 -18.65
CH3 ACE F 1 -2.96 0.31 -19.34
N PHE F 2 -2.97 2.55 -20.09
CA PHE F 2 -2.51 3.94 -20.20
C PHE F 2 -2.95 4.77 -19.00
N GLN F 3 -1.98 5.42 -18.35
CA GLN F 3 -2.27 6.28 -17.21
C GLN F 3 -2.71 7.67 -17.64
N ASN F 4 -2.28 8.14 -18.81
CA ASN F 4 -2.61 9.47 -19.29
C ASN F 4 -2.94 9.42 -20.78
N MET F 5 -4.18 9.78 -21.13
CA MET F 5 -4.61 9.95 -22.52
C MET F 5 -5.06 11.39 -22.70
N PRO F 6 -4.11 12.33 -22.73
CA PRO F 6 -4.49 13.76 -22.67
C PRO F 6 -5.48 14.19 -23.72
N GLY F 7 -5.52 13.54 -24.88
CA GLY F 7 -6.41 13.96 -25.94
C GLY F 7 -7.76 13.29 -25.97
N ALA F 8 -7.99 12.29 -25.13
CA ALA F 8 -9.26 11.57 -25.12
C ALA F 8 -10.28 12.40 -24.37
N ILE F 9 -11.26 12.95 -25.09
CA ILE F 9 -12.24 13.85 -24.51
C ILE F 9 -13.43 13.08 -23.93
N ARG F 10 -13.93 12.10 -24.68
CA ARG F 10 -15.00 11.23 -24.22
C ARG F 10 -14.46 9.81 -24.01
N PRO F 11 -14.88 9.12 -22.91
CA PRO F 11 -14.42 7.73 -22.71
C PRO F 11 -14.91 6.78 -23.80
N ALA F 12 -14.16 5.70 -24.03
CA ALA F 12 -14.58 4.65 -24.95
C ALA F 12 -15.82 3.96 -24.43
N ALA F 13 -16.80 3.79 -25.29
CA ALA F 13 -18.06 3.17 -24.90
C ALA F 13 -17.82 1.74 -24.47
N PRO F 14 -18.66 1.23 -23.57
CA PRO F 14 -18.51 -0.15 -23.09
C PRO F 14 -19.20 -1.15 -24.03
N NH2 F 15 -18.59 -2.31 -24.20
HN1 NH2 F 15 -18.97 -3.03 -24.80
HN2 NH2 F 15 -17.71 -2.54 -23.75
N GLN G 3 -0.68 -18.01 25.74
CA GLN G 3 -0.98 -18.51 27.08
C GLN G 3 -0.17 -17.76 28.14
N ASN G 4 1.05 -17.36 27.78
CA ASN G 4 1.90 -16.56 28.65
C ASN G 4 2.48 -15.44 27.79
N MET G 5 1.98 -14.22 28.00
CA MET G 5 2.32 -13.05 27.20
C MET G 5 2.89 -11.99 28.12
N PRO G 6 4.04 -12.27 28.75
CA PRO G 6 4.39 -11.53 29.98
C PRO G 6 4.51 -10.03 29.80
N GLY G 7 4.90 -9.55 28.62
CA GLY G 7 5.14 -8.14 28.42
C GLY G 7 4.00 -7.39 27.77
N ALA G 8 2.90 -8.05 27.44
CA ALA G 8 1.76 -7.37 26.84
C ALA G 8 0.99 -6.63 27.93
N ILE G 9 1.22 -5.33 28.03
CA ILE G 9 0.59 -4.52 29.07
C ILE G 9 -0.87 -4.26 28.72
N ARG G 10 -1.12 -3.66 27.56
CA ARG G 10 -2.49 -3.53 27.05
C ARG G 10 -2.80 -4.67 26.03
N PRO G 11 -4.03 -5.25 26.08
CA PRO G 11 -4.40 -6.24 25.05
C PRO G 11 -4.48 -5.65 23.64
N ALA G 12 -4.31 -6.49 22.61
CA ALA G 12 -4.40 -6.02 21.24
C ALA G 12 -5.85 -5.74 20.87
N ALA G 13 -6.10 -4.56 20.34
CA ALA G 13 -7.46 -4.12 20.07
C ALA G 13 -8.18 -5.04 19.08
N PRO G 14 -9.48 -5.20 19.29
CA PRO G 14 -10.32 -6.20 18.60
C PRO G 14 -10.74 -5.75 17.20
N NH2 G 15 -11.31 -6.67 16.43
HN1 NH2 G 15 -11.63 -6.46 15.49
HN2 NH2 G 15 -11.46 -7.63 16.73
C ACE H 1 -2.51 -8.58 17.30
O ACE H 1 -2.27 -7.38 17.21
CH3 ACE H 1 -3.63 -9.23 16.54
N PHE H 2 -1.81 -9.40 18.08
CA PHE H 2 -0.69 -8.90 18.88
C PHE H 2 0.53 -8.60 18.00
N GLN H 3 0.83 -7.32 17.84
CA GLN H 3 1.99 -6.90 17.08
C GLN H 3 3.28 -7.06 17.87
N ASN H 4 3.21 -6.97 19.19
CA ASN H 4 4.38 -7.07 20.05
C ASN H 4 4.05 -8.03 21.18
N MET H 5 4.72 -9.18 21.20
CA MET H 5 4.53 -10.18 22.23
C MET H 5 5.84 -10.28 23.00
N PRO H 6 6.29 -9.22 23.66
CA PRO H 6 7.52 -9.33 24.43
C PRO H 6 7.34 -10.34 25.56
N GLY H 7 8.39 -11.11 25.81
CA GLY H 7 8.34 -12.17 26.81
C GLY H 7 8.03 -13.54 26.24
N ALA H 8 7.39 -13.60 25.06
CA ALA H 8 7.20 -14.87 24.38
C ALA H 8 8.53 -15.25 23.73
N ILE H 9 9.25 -16.15 24.38
CA ILE H 9 10.58 -16.54 23.94
C ILE H 9 10.48 -17.58 22.84
N ARG H 10 9.72 -18.64 23.09
CA ARG H 10 9.44 -19.64 22.05
C ARG H 10 8.03 -19.40 21.45
N PRO H 11 7.90 -19.44 20.08
CA PRO H 11 6.55 -19.28 19.50
C PRO H 11 5.60 -20.38 19.95
N ALA H 12 4.30 -20.09 19.99
CA ALA H 12 3.32 -21.11 20.34
C ALA H 12 3.32 -22.22 19.30
N ALA H 13 3.20 -23.45 19.77
CA ALA H 13 3.23 -24.59 18.88
C ALA H 13 2.05 -24.53 17.92
N PRO H 14 2.17 -25.21 16.78
CA PRO H 14 1.21 -25.09 15.67
C PRO H 14 0.14 -26.19 15.69
N NH2 H 15 -1.03 -25.90 15.13
HN1 NH2 H 15 -1.78 -26.57 15.10
HN2 NH2 H 15 -1.22 -25.00 14.70
C1 EDO I . 20.96 -7.32 -32.60
O1 EDO I . 19.95 -6.66 -31.83
C2 EDO I . 21.27 -6.49 -33.84
O2 EDO I . 22.64 -6.73 -34.22
H11 EDO I . 21.86 -7.43 -31.99
H12 EDO I . 20.61 -8.31 -32.89
HO1 EDO I . 19.75 -7.18 -31.05
H21 EDO I . 20.61 -6.78 -34.65
H22 EDO I . 21.13 -5.43 -33.62
HO2 EDO I . 22.84 -6.20 -35.00
C1 EDO J . 26.84 -1.70 -11.98
O1 EDO J . 27.18 -3.05 -11.67
C2 EDO J . 26.40 -0.90 -10.76
O2 EDO J . 25.26 -0.13 -11.13
H11 EDO J . 27.70 -1.20 -12.43
H12 EDO J . 26.04 -1.69 -12.72
HO1 EDO J . 27.45 -3.50 -12.48
H21 EDO J . 26.15 -1.58 -9.94
H22 EDO J . 27.21 -0.24 -10.43
HO2 EDO J . 24.97 0.39 -10.36
C1 EDO K . -34.47 10.70 -11.86
O1 EDO K . -35.89 10.85 -11.97
C2 EDO K . -33.94 9.97 -13.10
O2 EDO K . -33.68 8.60 -12.79
H11 EDO K . -34.22 10.13 -10.97
H12 EDO K . -34.00 11.68 -11.78
HO1 EDO K . -36.22 11.30 -11.18
H21 EDO K . -33.03 10.46 -13.45
H22 EDO K . -34.69 10.03 -13.91
HO2 EDO K . -33.35 8.15 -13.58
C1 EDO L . -6.64 -10.02 23.66
O1 EDO L . -7.13 -10.78 24.77
C2 EDO L . -7.07 -10.70 22.37
O2 EDO L . -6.89 -12.12 22.51
H11 EDO L . -5.55 -9.96 23.71
H12 EDO L . -7.04 -9.01 23.69
HO1 EDO L . -6.86 -10.34 25.60
H21 EDO L . -6.46 -10.33 21.54
H22 EDO L . -8.11 -10.48 22.15
HO2 EDO L . -7.16 -12.56 21.69
C1 EDO M . 18.05 -32.62 5.97
O1 EDO M . 16.99 -31.67 5.86
C2 EDO M . 19.39 -31.91 5.83
O2 EDO M . 20.37 -32.84 5.40
H11 EDO M . 18.01 -33.13 6.93
H12 EDO M . 17.95 -33.37 5.19
HO1 EDO M . 16.14 -32.13 5.95
H21 EDO M . 19.68 -31.47 6.79
H22 EDO M . 19.31 -31.10 5.10
HO2 EDO M . 21.23 -32.40 5.32
C24 8ZB N . 11.41 9.95 -25.76
C28 8ZB N . 11.66 10.83 -24.57
C31 8ZB N . 11.95 12.25 -25.03
C36 8ZB N . 12.32 13.19 -23.89
C38 8ZB N . 12.33 15.51 -24.07
C39 8ZB N . 10.89 15.07 -23.78
C40 8ZB N . 11.17 13.74 -23.08
C49 8ZB N . 11.87 16.39 -26.40
C50 8ZB N . 13.13 18.09 -26.49
C51 8ZB N . 13.30 17.55 -25.22
C53 8ZB N . 14.77 19.10 -24.66
C55 8ZB N . 13.88 19.25 -26.79
N47 8ZB N . 12.49 16.45 -25.18
N48 8ZB N . 12.22 17.33 -27.22
N52 8ZB N . 14.11 18.01 -24.25
N54 8ZB N . 14.69 19.73 -25.85
N57 8ZB N . 13.81 19.87 -27.97
O37 8ZB N . 13.04 14.34 -24.38
O41 8ZB N . 10.22 16.02 -22.97
O42 8ZB N . 11.53 13.92 -21.72
H2 8ZB N . 10.42 10.16 -26.16
H1 8ZB N . 12.12 10.17 -26.56
H28 8ZB N . 10.81 10.83 -23.88
H33 8ZB N . 12.50 10.45 -23.99
H35 8ZB N . 12.75 12.23 -25.77
H31 8ZB N . 11.11 12.70 -25.56
H61 8ZB N . 13.03 12.67 -23.25
H62 8ZB N . 12.82 15.94 -23.19
H44 8ZB N . 10.30 14.90 -24.68
H43 8ZB N . 10.28 13.11 -23.05
H58 8ZB N . 11.15 15.61 -26.67
H56 8ZB N . 15.45 19.54 -23.94
H60 8ZB N . 13.20 19.53 -28.71
H59 8ZB N . 14.36 20.70 -28.16
H46 8ZB N . 10.78 16.86 -23.00
H45 8ZB N . 12.50 14.16 -21.66
C24 8ZB O . -19.89 16.00 -26.32
C28 8ZB O . -20.02 16.31 -27.79
C31 8ZB O . -19.64 17.75 -28.07
C36 8ZB O . -19.69 18.11 -29.55
C38 8ZB O . -18.78 20.02 -30.51
C39 8ZB O . -17.66 18.99 -30.41
C40 8ZB O . -18.46 17.70 -30.37
C49 8ZB O . -17.76 21.62 -28.83
C50 8ZB O . -18.27 23.51 -29.64
C51 8ZB O . -18.78 22.56 -30.52
C53 8ZB O . -19.68 24.09 -31.80
C55 8ZB O . -18.53 24.85 -29.95
N47 8ZB O . -18.44 21.34 -29.98
N48 8ZB O . -17.63 22.90 -28.57
N52 8ZB O . -19.48 22.80 -31.63
N54 8ZB O . -19.26 25.12 -31.05
N57 8ZB O . -18.06 25.87 -29.24
O37 8ZB O . -19.86 19.52 -29.76
O41 8ZB O . -16.84 19.05 -31.57
O42 8ZB O . -18.82 17.32 -31.69
H2 8ZB O . -18.82 15.97 -26.06
H1 8ZB O . -20.31 16.80 -25.71
H28 8ZB O . -19.41 15.64 -28.40
H33 8ZB O . -21.04 16.12 -28.13
H35 8ZB O . -20.29 18.41 -27.50
H31 8ZB O . -18.63 17.98 -27.70
H61 8ZB O . -20.59 17.66 -29.95
H62 8ZB O . -19.14 20.15 -31.53
H44 8ZB O . -17.04 19.08 -29.52
H43 8ZB O . -17.90 16.85 -29.98
H58 8ZB O . -17.35 20.85 -28.17
H56 8ZB O . -20.27 24.38 -32.68
H60 8ZB O . -17.47 25.71 -28.43
H59 8ZB O . -18.26 26.84 -29.49
H46 8ZB O . -16.91 19.98 -31.92
H45 8ZB O . -19.61 17.86 -31.99
C24 8ZB P . -2.42 3.11 29.95
C28 8ZB P . -1.65 4.42 29.82
C31 8ZB P . -0.15 4.17 29.87
C36 8ZB P . 0.69 5.34 29.41
C38 8ZB P . 2.59 6.09 30.57
C39 8ZB P . 2.99 4.86 29.75
C40 8ZB P . 1.95 4.95 28.64
C49 8ZB P . 2.84 5.02 32.85
C50 8ZB P . 3.80 6.54 33.96
C51 8ZB P . 3.64 7.04 32.67
C53 8ZB P . 4.57 8.96 33.20
C55 8ZB P . 4.40 7.41 34.90
N47 8ZB P . 3.01 6.04 31.96
N48 8ZB P . 3.30 5.26 34.06
N52 8ZB P . 4.02 8.25 32.23
N54 8ZB P . 4.77 8.63 34.48
N57 8ZB P . 4.62 7.08 36.18
O37 8ZB P . 1.17 6.16 30.50
O41 8ZB P . 4.33 4.96 29.32
O42 8ZB P . 2.28 5.92 27.66
H2 8ZB P . -2.88 3.08 30.94
H1 8ZB P . -1.74 2.26 29.90
H28 8ZB P . -1.90 4.94 28.90
H33 8ZB P . -1.94 5.11 30.62
H35 8ZB P . 0.12 3.89 30.88
H31 8ZB P . 0.14 3.30 29.28
H61 8ZB P . 0.06 6.01 28.83
H62 8ZB P . 2.96 7.02 30.14
H44 8ZB P . 2.87 3.93 30.29
H43 8ZB P . 1.86 4.02 28.08
H58 8ZB P . 2.38 4.06 32.58
H56 8ZB P . 4.91 9.96 32.91
H60 8ZB P . 4.35 6.16 36.53
H59 8ZB P . 5.05 7.72 36.83
H46 8ZB P . 4.74 5.72 29.82
H45 8ZB P . 2.00 6.82 27.98
C24 8ZB Q . 15.06 -23.28 24.26
C28 8ZB Q . 15.00 -23.82 25.66
C31 8ZB Q . 16.06 -23.19 26.53
C36 8ZB Q . 16.07 -23.73 27.94
C38 8ZB Q . 17.17 -22.78 29.78
C39 8ZB Q . 15.81 -22.09 29.66
C40 8ZB Q . 15.03 -23.15 28.90
C49 8ZB Q . 18.55 -20.71 29.26
C50 8ZB Q . 20.23 -20.98 30.51
C51 8ZB Q . 19.40 -22.07 30.75
C53 8ZB Q . 20.79 -22.93 32.22
C55 8ZB Q . 21.45 -20.95 31.22
N47 8ZB Q . 18.31 -21.88 29.94
N48 8ZB Q . 19.69 -20.13 29.57
N52 8ZB Q . 19.62 -23.08 31.59
N54 8ZB Q . 21.69 -21.96 32.10
N57 8ZB Q . 22.37 -19.99 31.08
O37 8ZB Q . 17.35 -23.51 28.59
O41 8ZB Q . 15.26 -21.80 30.93
O42 8ZB Q . 14.50 -24.17 29.75
H2 8ZB Q . 14.69 -22.25 24.27
H1 8ZB Q . 16.09 -23.22 23.91
H28 8ZB Q . 14.02 -23.67 26.11
H33 8ZB Q . 15.13 -24.91 25.65
H35 8ZB Q . 15.91 -22.11 26.55
H31 8ZB Q . 17.06 -23.31 26.12
H61 8ZB Q . 15.98 -24.81 27.89
H62 8ZB Q . 17.22 -23.50 30.60
H44 8ZB Q . 15.84 -21.17 29.07
H43 8ZB Q . 14.15 -22.74 28.39
H58 8ZB Q . 17.86 -20.28 28.53
H56 8ZB Q . 21.04 -23.71 32.94
H60 8ZB Q . 22.22 -19.24 30.43
H59 8ZB Q . 23.23 -20.01 31.62
H46 8ZB Q . 16.03 -21.78 31.57
H45 8ZB Q . 15.23 -24.79 30.01
#